data_1H3L
# 
_entry.id   1H3L 
# 
_audit_conform.dict_name       mmcif_pdbx.dic 
_audit_conform.dict_version    5.391 
_audit_conform.dict_location   http://mmcif.pdb.org/dictionaries/ascii/mmcif_pdbx.dic 
# 
loop_
_database_2.database_id 
_database_2.database_code 
_database_2.pdbx_database_accession 
_database_2.pdbx_DOI 
PDB   1H3L         pdb_00001h3l 10.2210/pdb1h3l/pdb 
PDBE  EBI-11380    ?            ?                   
WWPDB D_1290011380 ?            ?                   
# 
loop_
_pdbx_audit_revision_history.ordinal 
_pdbx_audit_revision_history.data_content_type 
_pdbx_audit_revision_history.major_revision 
_pdbx_audit_revision_history.minor_revision 
_pdbx_audit_revision_history.revision_date 
1 'Structure model' 1 0 2002-10-03 
2 'Structure model' 1 1 2015-09-23 
3 'Structure model' 1 2 2024-05-08 
# 
_pdbx_audit_revision_details.ordinal             1 
_pdbx_audit_revision_details.revision_ordinal    1 
_pdbx_audit_revision_details.data_content_type   'Structure model' 
_pdbx_audit_revision_details.provider            repository 
_pdbx_audit_revision_details.type                'Initial release' 
_pdbx_audit_revision_details.description         ? 
_pdbx_audit_revision_details.details             ? 
# 
loop_
_pdbx_audit_revision_group.ordinal 
_pdbx_audit_revision_group.revision_ordinal 
_pdbx_audit_revision_group.data_content_type 
_pdbx_audit_revision_group.group 
1 2 'Structure model' 'Source and taxonomy'       
2 2 'Structure model' 'Version format compliance' 
3 3 'Structure model' 'Data collection'           
4 3 'Structure model' 'Database references'       
5 3 'Structure model' Other                       
# 
loop_
_pdbx_audit_revision_category.ordinal 
_pdbx_audit_revision_category.revision_ordinal 
_pdbx_audit_revision_category.data_content_type 
_pdbx_audit_revision_category.category 
1 3 'Structure model' chem_comp_atom       
2 3 'Structure model' chem_comp_bond       
3 3 'Structure model' database_2           
4 3 'Structure model' pdbx_database_status 
# 
loop_
_pdbx_audit_revision_item.ordinal 
_pdbx_audit_revision_item.revision_ordinal 
_pdbx_audit_revision_item.data_content_type 
_pdbx_audit_revision_item.item 
1 3 'Structure model' '_database_2.pdbx_DOI'                 
2 3 'Structure model' '_database_2.pdbx_database_accession'  
3 3 'Structure model' '_pdbx_database_status.status_code_sf' 
# 
_pdbx_database_status.status_code                     REL 
_pdbx_database_status.entry_id                        1H3L 
_pdbx_database_status.deposit_site                    PDBE 
_pdbx_database_status.process_site                    PDBE 
_pdbx_database_status.SG_entry                        . 
_pdbx_database_status.recvd_initial_deposition_date   2002-09-10 
_pdbx_database_status.pdb_format_compatible           Y 
_pdbx_database_status.status_code_sf                  REL 
_pdbx_database_status.status_code_mr                  ? 
_pdbx_database_status.status_code_cs                  ? 
_pdbx_database_status.methods_development_category    ? 
_pdbx_database_status.status_code_nmr_data            ? 
# 
loop_
_audit_author.name 
_audit_author.pdbx_ordinal 
'Li, W.'            1 
'Stevenson, C.E.M.' 2 
'Burton, N.'        3 
'Jakimowicz, P.'    4 
'Paget, M.S.B.'     5 
'Buttner, M.J.'     6 
'Lawson, D.M.'      7 
'Kleanthous, C.'    8 
# 
_citation.id                        primary 
_citation.title                     
;Identification and Structure of the Anti-Sigma Factor-Binding Domain of the Disulfide-Stress Regulated Sigma Factor Sigma(R) from Streptomyces Coelicolor
;
_citation.journal_abbrev            J.Mol.Biol. 
_citation.journal_volume            323 
_citation.page_first                225 
_citation.page_last                 ? 
_citation.year                      2002 
_citation.journal_id_ASTM           JMOBAK 
_citation.country                   UK 
_citation.journal_id_ISSN           0022-2836 
_citation.journal_id_CSD            0070 
_citation.book_publisher            ? 
_citation.pdbx_database_id_PubMed   12381317 
_citation.pdbx_database_id_DOI      '10.1016/S0022-2836(02)00948-8' 
# 
loop_
_citation_author.citation_id 
_citation_author.name 
_citation_author.ordinal 
_citation_author.identifier_ORCID 
primary 'Li, W.'            1 ? 
primary 'Stevenson, C.E.M.' 2 ? 
primary 'Burton, N.'        3 ? 
primary 'Jakimowicz, P.'    4 ? 
primary 'Paget, M.S.B.'     5 ? 
primary 'Buttner, M.J.'     6 ? 
primary 'Lawson, D.M.'      7 ? 
primary 'Kleanthous, C.'    8 ? 
# 
loop_
_entity.id 
_entity.type 
_entity.src_method 
_entity.pdbx_description 
_entity.formula_weight 
_entity.pdbx_number_of_molecules 
_entity.pdbx_ec 
_entity.pdbx_mutation 
_entity.pdbx_fragment 
_entity.details 
1 polymer man 'RNA POLYMERASE SIGMA FACTOR' 10157.266 2 ? ? 'N-TERMINAL DOMAIN, RESIDUES 23-109' ? 
2 water   nat water                         18.015    7 ? ? ?                                    ? 
# 
_entity_name_com.entity_id   1 
_entity_name_com.name        'SIGR, SCO5216, SC7E4.13' 
# 
_entity_poly.entity_id                      1 
_entity_poly.type                           'polypeptide(L)' 
_entity_poly.nstd_linkage                   no 
_entity_poly.nstd_monomer                   no 
_entity_poly.pdbx_seq_one_letter_code       
;GTGAESTAERSARFERDALEFLDQMYSAALRMTRNPADAEDLVQETYAKAYASFHQFREGTNLKAWLYRILTNTFINSYR
KKQREPQ
;
_entity_poly.pdbx_seq_one_letter_code_can   
;GTGAESTAERSARFERDALEFLDQMYSAALRMTRNPADAEDLVQETYAKAYASFHQFREGTNLKAWLYRILTNTFINSYR
KKQREPQ
;
_entity_poly.pdbx_strand_id                 A,B 
_entity_poly.pdbx_target_identifier         ? 
# 
_pdbx_entity_nonpoly.entity_id   2 
_pdbx_entity_nonpoly.name        water 
_pdbx_entity_nonpoly.comp_id     HOH 
# 
loop_
_entity_poly_seq.entity_id 
_entity_poly_seq.num 
_entity_poly_seq.mon_id 
_entity_poly_seq.hetero 
1 1  GLY n 
1 2  THR n 
1 3  GLY n 
1 4  ALA n 
1 5  GLU n 
1 6  SER n 
1 7  THR n 
1 8  ALA n 
1 9  GLU n 
1 10 ARG n 
1 11 SER n 
1 12 ALA n 
1 13 ARG n 
1 14 PHE n 
1 15 GLU n 
1 16 ARG n 
1 17 ASP n 
1 18 ALA n 
1 19 LEU n 
1 20 GLU n 
1 21 PHE n 
1 22 LEU n 
1 23 ASP n 
1 24 GLN n 
1 25 MET n 
1 26 TYR n 
1 27 SER n 
1 28 ALA n 
1 29 ALA n 
1 30 LEU n 
1 31 ARG n 
1 32 MET n 
1 33 THR n 
1 34 ARG n 
1 35 ASN n 
1 36 PRO n 
1 37 ALA n 
1 38 ASP n 
1 39 ALA n 
1 40 GLU n 
1 41 ASP n 
1 42 LEU n 
1 43 VAL n 
1 44 GLN n 
1 45 GLU n 
1 46 THR n 
1 47 TYR n 
1 48 ALA n 
1 49 LYS n 
1 50 ALA n 
1 51 TYR n 
1 52 ALA n 
1 53 SER n 
1 54 PHE n 
1 55 HIS n 
1 56 GLN n 
1 57 PHE n 
1 58 ARG n 
1 59 GLU n 
1 60 GLY n 
1 61 THR n 
1 62 ASN n 
1 63 LEU n 
1 64 LYS n 
1 65 ALA n 
1 66 TRP n 
1 67 LEU n 
1 68 TYR n 
1 69 ARG n 
1 70 ILE n 
1 71 LEU n 
1 72 THR n 
1 73 ASN n 
1 74 THR n 
1 75 PHE n 
1 76 ILE n 
1 77 ASN n 
1 78 SER n 
1 79 TYR n 
1 80 ARG n 
1 81 LYS n 
1 82 LYS n 
1 83 GLN n 
1 84 ARG n 
1 85 GLU n 
1 86 PRO n 
1 87 GLN n 
# 
_entity_src_gen.entity_id                          1 
_entity_src_gen.pdbx_src_id                        1 
_entity_src_gen.pdbx_alt_source_flag               sample 
_entity_src_gen.pdbx_seq_type                      ? 
_entity_src_gen.pdbx_beg_seq_num                   ? 
_entity_src_gen.pdbx_end_seq_num                   ? 
_entity_src_gen.gene_src_common_name               ? 
_entity_src_gen.gene_src_genus                     ? 
_entity_src_gen.pdbx_gene_src_gene                 ? 
_entity_src_gen.gene_src_species                   ? 
_entity_src_gen.gene_src_strain                    M145 
_entity_src_gen.gene_src_tissue                    ? 
_entity_src_gen.gene_src_tissue_fraction           ? 
_entity_src_gen.gene_src_details                   ? 
_entity_src_gen.pdbx_gene_src_fragment             ? 
_entity_src_gen.pdbx_gene_src_scientific_name      'STREPTOMYCES COELICOLOR A3(2)' 
_entity_src_gen.pdbx_gene_src_ncbi_taxonomy_id     100226 
_entity_src_gen.pdbx_gene_src_variant              ? 
_entity_src_gen.pdbx_gene_src_cell_line            ? 
_entity_src_gen.pdbx_gene_src_atcc                 ? 
_entity_src_gen.pdbx_gene_src_organ                ? 
_entity_src_gen.pdbx_gene_src_organelle            ? 
_entity_src_gen.pdbx_gene_src_cell                 ? 
_entity_src_gen.pdbx_gene_src_cellular_location    ? 
_entity_src_gen.host_org_common_name               ? 
_entity_src_gen.pdbx_host_org_scientific_name      'ESCHERICHIA COLI' 
_entity_src_gen.pdbx_host_org_ncbi_taxonomy_id     469008 
_entity_src_gen.host_org_genus                     ? 
_entity_src_gen.pdbx_host_org_gene                 ? 
_entity_src_gen.pdbx_host_org_organ                ? 
_entity_src_gen.host_org_species                   ? 
_entity_src_gen.pdbx_host_org_tissue               ? 
_entity_src_gen.pdbx_host_org_tissue_fraction      ? 
_entity_src_gen.pdbx_host_org_strain               'BL21(DE3)' 
_entity_src_gen.pdbx_host_org_variant              ? 
_entity_src_gen.pdbx_host_org_cell_line            ? 
_entity_src_gen.pdbx_host_org_atcc                 ? 
_entity_src_gen.pdbx_host_org_culture_collection   ? 
_entity_src_gen.pdbx_host_org_cell                 ? 
_entity_src_gen.pdbx_host_org_organelle            ? 
_entity_src_gen.pdbx_host_org_cellular_location    ? 
_entity_src_gen.pdbx_host_org_vector_type          ? 
_entity_src_gen.pdbx_host_org_vector               ? 
_entity_src_gen.host_org_details                   ? 
_entity_src_gen.expression_system_id               ? 
_entity_src_gen.plasmid_name                       PET15B-SIGR 
_entity_src_gen.plasmid_details                    ? 
_entity_src_gen.pdbx_description                   ? 
# 
loop_
_chem_comp.id 
_chem_comp.type 
_chem_comp.mon_nstd_flag 
_chem_comp.name 
_chem_comp.pdbx_synonyms 
_chem_comp.formula 
_chem_comp.formula_weight 
ALA 'L-peptide linking' y ALANINE         ? 'C3 H7 N O2'     89.093  
ARG 'L-peptide linking' y ARGININE        ? 'C6 H15 N4 O2 1' 175.209 
ASN 'L-peptide linking' y ASPARAGINE      ? 'C4 H8 N2 O3'    132.118 
ASP 'L-peptide linking' y 'ASPARTIC ACID' ? 'C4 H7 N O4'     133.103 
GLN 'L-peptide linking' y GLUTAMINE       ? 'C5 H10 N2 O3'   146.144 
GLU 'L-peptide linking' y 'GLUTAMIC ACID' ? 'C5 H9 N O4'     147.129 
GLY 'peptide linking'   y GLYCINE         ? 'C2 H5 N O2'     75.067  
HIS 'L-peptide linking' y HISTIDINE       ? 'C6 H10 N3 O2 1' 156.162 
HOH non-polymer         . WATER           ? 'H2 O'           18.015  
ILE 'L-peptide linking' y ISOLEUCINE      ? 'C6 H13 N O2'    131.173 
LEU 'L-peptide linking' y LEUCINE         ? 'C6 H13 N O2'    131.173 
LYS 'L-peptide linking' y LYSINE          ? 'C6 H15 N2 O2 1' 147.195 
MET 'L-peptide linking' y METHIONINE      ? 'C5 H11 N O2 S'  149.211 
PHE 'L-peptide linking' y PHENYLALANINE   ? 'C9 H11 N O2'    165.189 
PRO 'L-peptide linking' y PROLINE         ? 'C5 H9 N O2'     115.130 
SER 'L-peptide linking' y SERINE          ? 'C3 H7 N O3'     105.093 
THR 'L-peptide linking' y THREONINE       ? 'C4 H9 N O3'     119.119 
TRP 'L-peptide linking' y TRYPTOPHAN      ? 'C11 H12 N2 O2'  204.225 
TYR 'L-peptide linking' y TYROSINE        ? 'C9 H11 N O3'    181.189 
VAL 'L-peptide linking' y VALINE          ? 'C5 H11 N O2'    117.146 
# 
loop_
_pdbx_poly_seq_scheme.asym_id 
_pdbx_poly_seq_scheme.entity_id 
_pdbx_poly_seq_scheme.seq_id 
_pdbx_poly_seq_scheme.mon_id 
_pdbx_poly_seq_scheme.ndb_seq_num 
_pdbx_poly_seq_scheme.pdb_seq_num 
_pdbx_poly_seq_scheme.auth_seq_num 
_pdbx_poly_seq_scheme.pdb_mon_id 
_pdbx_poly_seq_scheme.auth_mon_id 
_pdbx_poly_seq_scheme.pdb_strand_id 
_pdbx_poly_seq_scheme.pdb_ins_code 
_pdbx_poly_seq_scheme.hetero 
A 1 1  GLY 1  23  ?   ?   ?   A . n 
A 1 2  THR 2  24  ?   ?   ?   A . n 
A 1 3  GLY 3  25  ?   ?   ?   A . n 
A 1 4  ALA 4  26  ?   ?   ?   A . n 
A 1 5  GLU 5  27  ?   ?   ?   A . n 
A 1 6  SER 6  28  28  SER SER A . n 
A 1 7  THR 7  29  29  THR THR A . n 
A 1 8  ALA 8  30  30  ALA ALA A . n 
A 1 9  GLU 9  31  31  GLU GLU A . n 
A 1 10 ARG 10 32  32  ARG ARG A . n 
A 1 11 SER 11 33  33  SER SER A . n 
A 1 12 ALA 12 34  34  ALA ALA A . n 
A 1 13 ARG 13 35  35  ARG ARG A . n 
A 1 14 PHE 14 36  36  PHE PHE A . n 
A 1 15 GLU 15 37  37  GLU GLU A . n 
A 1 16 ARG 16 38  38  ARG ARG A . n 
A 1 17 ASP 17 39  39  ASP ASP A . n 
A 1 18 ALA 18 40  40  ALA ALA A . n 
A 1 19 LEU 19 41  41  LEU LEU A . n 
A 1 20 GLU 20 42  42  GLU GLU A . n 
A 1 21 PHE 21 43  43  PHE PHE A . n 
A 1 22 LEU 22 44  44  LEU LEU A . n 
A 1 23 ASP 23 45  45  ASP ASP A . n 
A 1 24 GLN 24 46  46  GLN GLN A . n 
A 1 25 MET 25 47  47  MET MET A . n 
A 1 26 TYR 26 48  48  TYR TYR A . n 
A 1 27 SER 27 49  49  SER SER A . n 
A 1 28 ALA 28 50  50  ALA ALA A . n 
A 1 29 ALA 29 51  51  ALA ALA A . n 
A 1 30 LEU 30 52  52  LEU LEU A . n 
A 1 31 ARG 31 53  53  ARG ARG A . n 
A 1 32 MET 32 54  54  MET MET A . n 
A 1 33 THR 33 55  55  THR THR A . n 
A 1 34 ARG 34 56  56  ARG ARG A . n 
A 1 35 ASN 35 57  57  ASN ASN A . n 
A 1 36 PRO 36 58  58  PRO PRO A . n 
A 1 37 ALA 37 59  59  ALA ALA A . n 
A 1 38 ASP 38 60  60  ASP ASP A . n 
A 1 39 ALA 39 61  61  ALA ALA A . n 
A 1 40 GLU 40 62  62  GLU GLU A . n 
A 1 41 ASP 41 63  63  ASP ASP A . n 
A 1 42 LEU 42 64  64  LEU LEU A . n 
A 1 43 VAL 43 65  65  VAL VAL A . n 
A 1 44 GLN 44 66  66  GLN GLN A . n 
A 1 45 GLU 45 67  67  GLU GLU A . n 
A 1 46 THR 46 68  68  THR THR A . n 
A 1 47 TYR 47 69  69  TYR TYR A . n 
A 1 48 ALA 48 70  70  ALA ALA A . n 
A 1 49 LYS 49 71  71  LYS LYS A . n 
A 1 50 ALA 50 72  72  ALA ALA A . n 
A 1 51 TYR 51 73  73  TYR TYR A . n 
A 1 52 ALA 52 74  74  ALA ALA A . n 
A 1 53 SER 53 75  75  SER SER A . n 
A 1 54 PHE 54 76  76  PHE PHE A . n 
A 1 55 HIS 55 77  77  HIS HIS A . n 
A 1 56 GLN 56 78  78  GLN GLN A . n 
A 1 57 PHE 57 79  79  PHE PHE A . n 
A 1 58 ARG 58 80  80  ARG ARG A . n 
A 1 59 GLU 59 81  81  GLU GLU A . n 
A 1 60 GLY 60 82  82  GLY GLY A . n 
A 1 61 THR 61 83  83  THR THR A . n 
A 1 62 ASN 62 84  84  ASN ASN A . n 
A 1 63 LEU 63 85  85  LEU LEU A . n 
A 1 64 LYS 64 86  86  LYS LYS A . n 
A 1 65 ALA 65 87  87  ALA ALA A . n 
A 1 66 TRP 66 88  88  TRP TRP A . n 
A 1 67 LEU 67 89  89  LEU LEU A . n 
A 1 68 TYR 68 90  90  TYR TYR A . n 
A 1 69 ARG 69 91  91  ARG ARG A . n 
A 1 70 ILE 70 92  92  ILE ILE A . n 
A 1 71 LEU 71 93  93  LEU LEU A . n 
A 1 72 THR 72 94  94  THR THR A . n 
A 1 73 ASN 73 95  95  ASN ASN A . n 
A 1 74 THR 74 96  96  THR THR A . n 
A 1 75 PHE 75 97  97  PHE PHE A . n 
A 1 76 ILE 76 98  98  ILE ILE A . n 
A 1 77 ASN 77 99  99  ASN ASN A . n 
A 1 78 SER 78 100 100 SER SER A . n 
A 1 79 TYR 79 101 101 TYR TYR A . n 
A 1 80 ARG 80 102 102 ARG ARG A . n 
A 1 81 LYS 81 103 ?   ?   ?   A . n 
A 1 82 LYS 82 104 ?   ?   ?   A . n 
A 1 83 GLN 83 105 ?   ?   ?   A . n 
A 1 84 ARG 84 106 ?   ?   ?   A . n 
A 1 85 GLU 85 107 ?   ?   ?   A . n 
A 1 86 PRO 86 108 ?   ?   ?   A . n 
A 1 87 GLN 87 109 ?   ?   ?   A . n 
B 1 1  GLY 1  23  ?   ?   ?   B . n 
B 1 2  THR 2  24  ?   ?   ?   B . n 
B 1 3  GLY 3  25  25  GLY GLY B . n 
B 1 4  ALA 4  26  26  ALA ALA B . n 
B 1 5  GLU 5  27  27  GLU GLU B . n 
B 1 6  SER 6  28  28  SER SER B . n 
B 1 7  THR 7  29  29  THR THR B . n 
B 1 8  ALA 8  30  30  ALA ALA B . n 
B 1 9  GLU 9  31  31  GLU GLU B . n 
B 1 10 ARG 10 32  32  ARG ARG B . n 
B 1 11 SER 11 33  33  SER SER B . n 
B 1 12 ALA 12 34  34  ALA ALA B . n 
B 1 13 ARG 13 35  35  ARG ARG B . n 
B 1 14 PHE 14 36  36  PHE PHE B . n 
B 1 15 GLU 15 37  37  GLU GLU B . n 
B 1 16 ARG 16 38  38  ARG ARG B . n 
B 1 17 ASP 17 39  39  ASP ASP B . n 
B 1 18 ALA 18 40  40  ALA ALA B . n 
B 1 19 LEU 19 41  41  LEU LEU B . n 
B 1 20 GLU 20 42  42  GLU GLU B . n 
B 1 21 PHE 21 43  43  PHE PHE B . n 
B 1 22 LEU 22 44  44  LEU LEU B . n 
B 1 23 ASP 23 45  45  ASP ASP B . n 
B 1 24 GLN 24 46  46  GLN GLN B . n 
B 1 25 MET 25 47  47  MET MET B . n 
B 1 26 TYR 26 48  48  TYR TYR B . n 
B 1 27 SER 27 49  49  SER SER B . n 
B 1 28 ALA 28 50  50  ALA ALA B . n 
B 1 29 ALA 29 51  51  ALA ALA B . n 
B 1 30 LEU 30 52  52  LEU LEU B . n 
B 1 31 ARG 31 53  53  ARG ARG B . n 
B 1 32 MET 32 54  54  MET MET B . n 
B 1 33 THR 33 55  55  THR THR B . n 
B 1 34 ARG 34 56  56  ARG ARG B . n 
B 1 35 ASN 35 57  57  ASN ASN B . n 
B 1 36 PRO 36 58  58  PRO PRO B . n 
B 1 37 ALA 37 59  59  ALA ALA B . n 
B 1 38 ASP 38 60  60  ASP ASP B . n 
B 1 39 ALA 39 61  61  ALA ALA B . n 
B 1 40 GLU 40 62  62  GLU GLU B . n 
B 1 41 ASP 41 63  63  ASP ASP B . n 
B 1 42 LEU 42 64  64  LEU LEU B . n 
B 1 43 VAL 43 65  65  VAL VAL B . n 
B 1 44 GLN 44 66  66  GLN GLN B . n 
B 1 45 GLU 45 67  67  GLU GLU B . n 
B 1 46 THR 46 68  68  THR THR B . n 
B 1 47 TYR 47 69  69  TYR TYR B . n 
B 1 48 ALA 48 70  70  ALA ALA B . n 
B 1 49 LYS 49 71  71  LYS LYS B . n 
B 1 50 ALA 50 72  72  ALA ALA B . n 
B 1 51 TYR 51 73  73  TYR TYR B . n 
B 1 52 ALA 52 74  74  ALA ALA B . n 
B 1 53 SER 53 75  75  SER SER B . n 
B 1 54 PHE 54 76  76  PHE PHE B . n 
B 1 55 HIS 55 77  77  HIS HIS B . n 
B 1 56 GLN 56 78  78  GLN GLN B . n 
B 1 57 PHE 57 79  79  PHE PHE B . n 
B 1 58 ARG 58 80  80  ARG ARG B . n 
B 1 59 GLU 59 81  81  GLU GLU B . n 
B 1 60 GLY 60 82  82  GLY GLY B . n 
B 1 61 THR 61 83  83  THR THR B . n 
B 1 62 ASN 62 84  84  ASN ASN B . n 
B 1 63 LEU 63 85  85  LEU LEU B . n 
B 1 64 LYS 64 86  86  LYS LYS B . n 
B 1 65 ALA 65 87  87  ALA ALA B . n 
B 1 66 TRP 66 88  88  TRP TRP B . n 
B 1 67 LEU 67 89  89  LEU LEU B . n 
B 1 68 TYR 68 90  90  TYR TYR B . n 
B 1 69 ARG 69 91  91  ARG ARG B . n 
B 1 70 ILE 70 92  92  ILE ILE B . n 
B 1 71 LEU 71 93  93  LEU LEU B . n 
B 1 72 THR 72 94  94  THR THR B . n 
B 1 73 ASN 73 95  95  ASN ASN B . n 
B 1 74 THR 74 96  96  THR THR B . n 
B 1 75 PHE 75 97  97  PHE PHE B . n 
B 1 76 ILE 76 98  98  ILE ILE B . n 
B 1 77 ASN 77 99  99  ASN ASN B . n 
B 1 78 SER 78 100 100 SER SER B . n 
B 1 79 TYR 79 101 101 TYR TYR B . n 
B 1 80 ARG 80 102 102 ARG ARG B . n 
B 1 81 LYS 81 103 ?   ?   ?   B . n 
B 1 82 LYS 82 104 ?   ?   ?   B . n 
B 1 83 GLN 83 105 ?   ?   ?   B . n 
B 1 84 ARG 84 106 ?   ?   ?   B . n 
B 1 85 GLU 85 107 ?   ?   ?   B . n 
B 1 86 PRO 86 108 ?   ?   ?   B . n 
B 1 87 GLN 87 109 ?   ?   ?   B . n 
# 
loop_
_pdbx_nonpoly_scheme.asym_id 
_pdbx_nonpoly_scheme.entity_id 
_pdbx_nonpoly_scheme.mon_id 
_pdbx_nonpoly_scheme.ndb_seq_num 
_pdbx_nonpoly_scheme.pdb_seq_num 
_pdbx_nonpoly_scheme.auth_seq_num 
_pdbx_nonpoly_scheme.pdb_mon_id 
_pdbx_nonpoly_scheme.auth_mon_id 
_pdbx_nonpoly_scheme.pdb_strand_id 
_pdbx_nonpoly_scheme.pdb_ins_code 
C 2 HOH 1 2001 2001 HOH HOH A . 
C 2 HOH 2 2002 2002 HOH HOH A . 
C 2 HOH 3 2003 2003 HOH HOH A . 
C 2 HOH 4 2004 2004 HOH HOH A . 
D 2 HOH 1 2001 2001 HOH HOH B . 
D 2 HOH 2 2002 2002 HOH HOH B . 
D 2 HOH 3 2003 2003 HOH HOH B . 
# 
loop_
_pdbx_unobs_or_zero_occ_atoms.id 
_pdbx_unobs_or_zero_occ_atoms.PDB_model_num 
_pdbx_unobs_or_zero_occ_atoms.polymer_flag 
_pdbx_unobs_or_zero_occ_atoms.occupancy_flag 
_pdbx_unobs_or_zero_occ_atoms.auth_asym_id 
_pdbx_unobs_or_zero_occ_atoms.auth_comp_id 
_pdbx_unobs_or_zero_occ_atoms.auth_seq_id 
_pdbx_unobs_or_zero_occ_atoms.PDB_ins_code 
_pdbx_unobs_or_zero_occ_atoms.auth_atom_id 
_pdbx_unobs_or_zero_occ_atoms.label_alt_id 
_pdbx_unobs_or_zero_occ_atoms.label_asym_id 
_pdbx_unobs_or_zero_occ_atoms.label_comp_id 
_pdbx_unobs_or_zero_occ_atoms.label_seq_id 
_pdbx_unobs_or_zero_occ_atoms.label_atom_id 
1  1 Y 1 A ARG 32 ? CD  ? A ARG 10 CD  
2  1 Y 1 A ARG 32 ? NE  ? A ARG 10 NE  
3  1 Y 1 A ARG 32 ? CZ  ? A ARG 10 CZ  
4  1 Y 1 A ARG 32 ? NH1 ? A ARG 10 NH1 
5  1 Y 1 A ARG 32 ? NH2 ? A ARG 10 NH2 
6  1 Y 1 A LYS 71 ? CD  ? A LYS 49 CD  
7  1 Y 1 A LYS 71 ? CE  ? A LYS 49 CE  
8  1 Y 1 A LYS 71 ? NZ  ? A LYS 49 NZ  
9  1 Y 1 A GLU 81 ? CG  ? A GLU 59 CG  
10 1 Y 1 A GLU 81 ? CD  ? A GLU 59 CD  
11 1 Y 1 A GLU 81 ? OE1 ? A GLU 59 OE1 
12 1 Y 1 A GLU 81 ? OE2 ? A GLU 59 OE2 
13 1 Y 1 B GLU 27 ? CG  ? B GLU 5  CG  
14 1 Y 1 B GLU 27 ? CD  ? B GLU 5  CD  
15 1 Y 1 B GLU 27 ? OE1 ? B GLU 5  OE1 
16 1 Y 1 B GLU 27 ? OE2 ? B GLU 5  OE2 
17 1 Y 1 B GLU 81 ? CG  ? B GLU 59 CG  
18 1 Y 1 B GLU 81 ? CD  ? B GLU 59 CD  
19 1 Y 1 B GLU 81 ? OE1 ? B GLU 59 OE1 
20 1 Y 1 B GLU 81 ? OE2 ? B GLU 59 OE2 
# 
loop_
_software.name 
_software.classification 
_software.version 
_software.citation_id 
_software.pdbx_ordinal 
REFMAC    refinement       . ? 1 
DENZO     'data reduction' . ? 2 
SCALEPACK 'data scaling'   . ? 3 
SOLVE     phasing          . ? 4 
# 
_cell.entry_id           1H3L 
_cell.length_a           71.546 
_cell.length_b           71.546 
_cell.length_c           102.794 
_cell.angle_alpha        90.00 
_cell.angle_beta         90.00 
_cell.angle_gamma        120.00 
_cell.Z_PDB              12 
_cell.pdbx_unique_axis   ? 
# 
_symmetry.entry_id                         1H3L 
_symmetry.space_group_name_H-M             'P 32 2 1' 
_symmetry.pdbx_full_space_group_name_H-M   ? 
_symmetry.cell_setting                     ? 
_symmetry.Int_Tables_number                154 
# 
_exptl.entry_id          1H3L 
_exptl.method            'X-RAY DIFFRACTION' 
_exptl.crystals_number   1 
# 
_exptl_crystal.id                    1 
_exptl_crystal.density_meas          ? 
_exptl_crystal.density_Matthews      3.69 
_exptl_crystal.density_percent_sol   66 
_exptl_crystal.description           ? 
# 
_exptl_crystal_grow.crystal_id      1 
_exptl_crystal_grow.method          ? 
_exptl_crystal_grow.temp            ? 
_exptl_crystal_grow.temp_details    ? 
_exptl_crystal_grow.pH              8.50 
_exptl_crystal_grow.pdbx_pH_range   ? 
_exptl_crystal_grow.pdbx_details    '10-15%(W/V) PEG 8000 IN 100MM TRIS-HCL PH8.5, pH 8.50' 
# 
_diffrn.id                     1 
_diffrn.ambient_temp           100.0 
_diffrn.ambient_temp_details   ? 
_diffrn.crystal_id             1 
# 
_diffrn_detector.diffrn_id              1 
_diffrn_detector.detector               CCD 
_diffrn_detector.type                   MARRESEARCH 
_diffrn_detector.pdbx_collection_date   1999-09-15 
_diffrn_detector.details                ? 
# 
_diffrn_radiation.diffrn_id                        1 
_diffrn_radiation.wavelength_id                    1 
_diffrn_radiation.pdbx_monochromatic_or_laue_m_l   M 
_diffrn_radiation.monochromator                    ? 
_diffrn_radiation.pdbx_diffrn_protocol             MAD 
_diffrn_radiation.pdbx_scattering_type             x-ray 
# 
_diffrn_radiation_wavelength.id           1 
_diffrn_radiation_wavelength.wavelength   0.782 
_diffrn_radiation_wavelength.wt           1.0 
# 
_diffrn_source.diffrn_id                   1 
_diffrn_source.source                      SYNCHROTRON 
_diffrn_source.type                        'ESRF BEAMLINE ID13' 
_diffrn_source.pdbx_synchrotron_site       ESRF 
_diffrn_source.pdbx_synchrotron_beamline   ID13 
_diffrn_source.pdbx_wavelength             0.782 
_diffrn_source.pdbx_wavelength_list        ? 
# 
_reflns.pdbx_diffrn_id               1 
_reflns.pdbx_ordinal                 1 
_reflns.entry_id                     1H3L 
_reflns.observed_criterion_sigma_I   -3.000 
_reflns.observed_criterion_sigma_F   ? 
_reflns.d_resolution_low             40.000 
_reflns.d_resolution_high            2.400 
_reflns.number_obs                   12713 
_reflns.number_all                   ? 
_reflns.percent_possible_obs         99.6 
_reflns.pdbx_Rmerge_I_obs            0.07900 
_reflns.pdbx_Rsym_value              ? 
_reflns.pdbx_netI_over_sigmaI        25.2000 
_reflns.B_iso_Wilson_estimate        43.8 
_reflns.pdbx_redundancy              3.800 
# 
_reflns_shell.pdbx_diffrn_id         1 
_reflns_shell.pdbx_ordinal           1 
_reflns_shell.d_res_high             2.40 
_reflns_shell.d_res_low              2.49 
_reflns_shell.percent_possible_all   99.9 
_reflns_shell.Rmerge_I_obs           0.30200 
_reflns_shell.pdbx_Rsym_value        ? 
_reflns_shell.meanI_over_sigI_obs    5.300 
_reflns_shell.pdbx_redundancy        ? 
# 
_refine.pdbx_refine_id                           'X-RAY DIFFRACTION' 
_refine.entry_id                                 1H3L 
_refine.pdbx_diffrn_id                           1 
_refine.pdbx_TLS_residual_ADP_flag               ? 
_refine.ls_number_reflns_obs                     12713 
_refine.ls_number_reflns_all                     ? 
_refine.pdbx_ls_sigma_I                          ? 
_refine.pdbx_ls_sigma_F                          ? 
_refine.pdbx_data_cutoff_high_absF               ? 
_refine.pdbx_data_cutoff_low_absF                ? 
_refine.pdbx_data_cutoff_high_rms_absF           ? 
_refine.ls_d_res_low                             40.0 
_refine.ls_d_res_high                            2.375 
_refine.ls_percent_reflns_obs                    99.6 
_refine.ls_R_factor_obs                          0.25939 
_refine.ls_R_factor_all                          ? 
_refine.ls_R_factor_R_work                       0.25840 
_refine.ls_R_factor_R_free                       0.27823 
_refine.ls_R_factor_R_free_error                 ? 
_refine.ls_R_factor_R_free_error_details         ? 
_refine.ls_percent_reflns_R_free                 5.0 
_refine.ls_number_reflns_R_free                  618 
_refine.ls_number_parameters                     ? 
_refine.ls_number_restraints                     ? 
_refine.occupancy_min                            ? 
_refine.occupancy_max                            ? 
_refine.correlation_coeff_Fo_to_Fc               ? 
_refine.correlation_coeff_Fo_to_Fc_free          ? 
_refine.B_iso_mean                               34.368 
_refine.aniso_B[1][1]                            -0.14 
_refine.aniso_B[2][2]                            -0.14 
_refine.aniso_B[3][3]                            0.21 
_refine.aniso_B[1][2]                            -0.07 
_refine.aniso_B[1][3]                            0.00 
_refine.aniso_B[2][3]                            0.00 
_refine.solvent_model_details                    ? 
_refine.solvent_model_param_ksol                 ? 
_refine.solvent_model_param_bsol                 ? 
_refine.pdbx_solvent_vdw_probe_radii             ? 
_refine.pdbx_solvent_ion_probe_radii             ? 
_refine.pdbx_solvent_shrinkage_radii             ? 
_refine.pdbx_ls_cross_valid_method               THROUGHOUT 
_refine.details                                  ? 
_refine.pdbx_starting_model                      ? 
_refine.pdbx_method_to_determine_struct          MAD 
_refine.pdbx_isotropic_thermal_model             ? 
_refine.pdbx_stereochemistry_target_values       ? 
_refine.pdbx_stereochem_target_val_spec_case     ? 
_refine.pdbx_R_Free_selection_details            RANDOM 
_refine.pdbx_overall_ESU_R                       0.263 
_refine.pdbx_overall_ESU_R_Free                  0.216 
_refine.overall_SU_ML                            0.158 
_refine.pdbx_overall_phase_error                 ? 
_refine.overall_SU_B                             6.545 
_refine.overall_SU_R_Cruickshank_DPI             ? 
_refine.pdbx_overall_SU_R_free_Cruickshank_DPI   ? 
_refine.pdbx_overall_SU_R_Blow_DPI               ? 
_refine.pdbx_overall_SU_R_free_Blow_DPI          ? 
# 
_refine_hist.pdbx_refine_id                   'X-RAY DIFFRACTION' 
_refine_hist.cycle_id                         LAST 
_refine_hist.pdbx_number_atoms_protein        1244 
_refine_hist.pdbx_number_atoms_nucleic_acid   0 
_refine_hist.pdbx_number_atoms_ligand         0 
_refine_hist.number_atoms_solvent             7 
_refine_hist.number_atoms_total               1251 
_refine_hist.d_res_high                       2.375 
_refine_hist.d_res_low                        40.0 
# 
_struct_ncs_oper.id             1 
_struct_ncs_oper.code           given 
_struct_ncs_oper.details        ? 
_struct_ncs_oper.matrix[1][1]   0.26516581 
_struct_ncs_oper.matrix[1][2]   -0.90337971 
_struct_ncs_oper.matrix[1][3]   -0.33702569 
_struct_ncs_oper.matrix[2][1]   0.79462914 
_struct_ncs_oper.matrix[2][2]   0.00675983 
_struct_ncs_oper.matrix[2][3]   0.60706087 
_struct_ncs_oper.matrix[3][1]   -0.54613189 
_struct_ncs_oper.matrix[3][2]   -0.42878852 
_struct_ncs_oper.matrix[3][3]   0.71964436 
_struct_ncs_oper.vector[1]      9.56081 
_struct_ncs_oper.vector[2]      -5.64067 
_struct_ncs_oper.vector[3]      -14.49082 
# 
_struct.entry_id                  1H3L 
_struct.title                     'N-terminal fragment of SigR from Streptomyces coelicolor' 
_struct.pdbx_model_details        ? 
_struct.pdbx_CASP_flag            ? 
_struct.pdbx_model_type_details   ? 
# 
_struct_keywords.entry_id        1H3L 
_struct_keywords.pdbx_keywords   TRANSCRIPTION 
_struct_keywords.text            'TRANSCRIPTION, DNA-BINDING, TRANSCRIPTION REGULATION' 
# 
loop_
_struct_asym.id 
_struct_asym.pdbx_blank_PDB_chainid_flag 
_struct_asym.pdbx_modified 
_struct_asym.entity_id 
_struct_asym.details 
A N N 1 ? 
B N N 1 ? 
C N N 2 ? 
D N N 2 ? 
# 
_struct_ref.id                         1 
_struct_ref.db_name                    UNP 
_struct_ref.db_code                    O87834_STRCO 
_struct_ref.entity_id                  1 
_struct_ref.pdbx_seq_one_letter_code   ? 
_struct_ref.pdbx_align_begin           ? 
_struct_ref.pdbx_db_accession          O87834 
_struct_ref.pdbx_db_isoform            ? 
# 
loop_
_struct_ref_seq.align_id 
_struct_ref_seq.ref_id 
_struct_ref_seq.pdbx_PDB_id_code 
_struct_ref_seq.pdbx_strand_id 
_struct_ref_seq.seq_align_beg 
_struct_ref_seq.pdbx_seq_align_beg_ins_code 
_struct_ref_seq.seq_align_end 
_struct_ref_seq.pdbx_seq_align_end_ins_code 
_struct_ref_seq.pdbx_db_accession 
_struct_ref_seq.db_align_beg 
_struct_ref_seq.pdbx_db_align_beg_ins_code 
_struct_ref_seq.db_align_end 
_struct_ref_seq.pdbx_db_align_end_ins_code 
_struct_ref_seq.pdbx_auth_seq_align_beg 
_struct_ref_seq.pdbx_auth_seq_align_end 
1 1 1H3L A 1 ? 87 ? O87834 23 ? 109 ? 23 109 
2 1 1H3L B 1 ? 87 ? O87834 23 ? 109 ? 23 109 
# 
loop_
_pdbx_struct_assembly.id 
_pdbx_struct_assembly.details 
_pdbx_struct_assembly.method_details 
_pdbx_struct_assembly.oligomeric_details 
_pdbx_struct_assembly.oligomeric_count 
1 author_and_software_defined_assembly PISA monomeric 1 
2 author_and_software_defined_assembly PISA monomeric 1 
# 
loop_
_pdbx_struct_assembly_gen.assembly_id 
_pdbx_struct_assembly_gen.oper_expression 
_pdbx_struct_assembly_gen.asym_id_list 
1 1 A,C 
2 1 B,D 
# 
_pdbx_struct_oper_list.id                   1 
_pdbx_struct_oper_list.type                 'identity operation' 
_pdbx_struct_oper_list.name                 1_555 
_pdbx_struct_oper_list.symmetry_operation   x,y,z 
_pdbx_struct_oper_list.matrix[1][1]         1.0000000000 
_pdbx_struct_oper_list.matrix[1][2]         0.0000000000 
_pdbx_struct_oper_list.matrix[1][3]         0.0000000000 
_pdbx_struct_oper_list.vector[1]            0.0000000000 
_pdbx_struct_oper_list.matrix[2][1]         0.0000000000 
_pdbx_struct_oper_list.matrix[2][2]         1.0000000000 
_pdbx_struct_oper_list.matrix[2][3]         0.0000000000 
_pdbx_struct_oper_list.vector[2]            0.0000000000 
_pdbx_struct_oper_list.matrix[3][1]         0.0000000000 
_pdbx_struct_oper_list.matrix[3][2]         0.0000000000 
_pdbx_struct_oper_list.matrix[3][3]         1.0000000000 
_pdbx_struct_oper_list.vector[3]            0.0000000000 
# 
_struct_biol.id   1 
# 
loop_
_struct_conf.conf_type_id 
_struct_conf.id 
_struct_conf.pdbx_PDB_helix_id 
_struct_conf.beg_label_comp_id 
_struct_conf.beg_label_asym_id 
_struct_conf.beg_label_seq_id 
_struct_conf.pdbx_beg_PDB_ins_code 
_struct_conf.end_label_comp_id 
_struct_conf.end_label_asym_id 
_struct_conf.end_label_seq_id 
_struct_conf.pdbx_end_PDB_ins_code 
_struct_conf.beg_auth_comp_id 
_struct_conf.beg_auth_asym_id 
_struct_conf.beg_auth_seq_id 
_struct_conf.end_auth_comp_id 
_struct_conf.end_auth_asym_id 
_struct_conf.end_auth_seq_id 
_struct_conf.pdbx_PDB_helix_class 
_struct_conf.details 
_struct_conf.pdbx_PDB_helix_length 
HELX_P HELX_P1  1  SER A 6  ? PHE A 21 ? SER A 28 PHE A 43  1 ? 16 
HELX_P HELX_P2  2  PHE A 21 ? ARG A 34 ? PHE A 43 ARG A 56  1 ? 14 
HELX_P HELX_P3  3  ASN A 35 ? PHE A 54 ? ASN A 57 PHE A 76  1 ? 20 
HELX_P HELX_P4  4  HIS A 55 ? PHE A 57 ? HIS A 77 PHE A 79  5 ? 3  
HELX_P HELX_P5  5  ASN A 62 ? SER A 78 ? ASN A 84 SER A 100 1 ? 17 
HELX_P HELX_P6  6  SER B 6  ? PHE B 21 ? SER B 28 PHE B 43  1 ? 16 
HELX_P HELX_P7  7  PHE B 21 ? ARG B 34 ? PHE B 43 ARG B 56  1 ? 14 
HELX_P HELX_P8  8  ASN B 35 ? SER B 53 ? ASN B 57 SER B 75  1 ? 19 
HELX_P HELX_P9  9  PHE B 54 ? PHE B 57 ? PHE B 76 PHE B 79  5 ? 4  
HELX_P HELX_P10 10 ASN B 62 ? TYR B 79 ? ASN B 84 TYR B 101 1 ? 18 
# 
_struct_conf_type.id          HELX_P 
_struct_conf_type.criteria    ? 
_struct_conf_type.reference   ? 
# 
_pdbx_validate_close_contact.id               1 
_pdbx_validate_close_contact.PDB_model_num    1 
_pdbx_validate_close_contact.auth_atom_id_1   OG 
_pdbx_validate_close_contact.auth_asym_id_1   B 
_pdbx_validate_close_contact.auth_comp_id_1   SER 
_pdbx_validate_close_contact.auth_seq_id_1    28 
_pdbx_validate_close_contact.PDB_ins_code_1   ? 
_pdbx_validate_close_contact.label_alt_id_1   ? 
_pdbx_validate_close_contact.auth_atom_id_2   OE1 
_pdbx_validate_close_contact.auth_asym_id_2   B 
_pdbx_validate_close_contact.auth_comp_id_2   GLU 
_pdbx_validate_close_contact.auth_seq_id_2    31 
_pdbx_validate_close_contact.PDB_ins_code_2   ? 
_pdbx_validate_close_contact.label_alt_id_2   ? 
_pdbx_validate_close_contact.dist             1.68 
# 
loop_
_pdbx_validate_rmsd_bond.id 
_pdbx_validate_rmsd_bond.PDB_model_num 
_pdbx_validate_rmsd_bond.auth_atom_id_1 
_pdbx_validate_rmsd_bond.auth_asym_id_1 
_pdbx_validate_rmsd_bond.auth_comp_id_1 
_pdbx_validate_rmsd_bond.auth_seq_id_1 
_pdbx_validate_rmsd_bond.PDB_ins_code_1 
_pdbx_validate_rmsd_bond.label_alt_id_1 
_pdbx_validate_rmsd_bond.auth_atom_id_2 
_pdbx_validate_rmsd_bond.auth_asym_id_2 
_pdbx_validate_rmsd_bond.auth_comp_id_2 
_pdbx_validate_rmsd_bond.auth_seq_id_2 
_pdbx_validate_rmsd_bond.PDB_ins_code_2 
_pdbx_validate_rmsd_bond.label_alt_id_2 
_pdbx_validate_rmsd_bond.bond_value 
_pdbx_validate_rmsd_bond.bond_target_value 
_pdbx_validate_rmsd_bond.bond_deviation 
_pdbx_validate_rmsd_bond.bond_standard_deviation 
_pdbx_validate_rmsd_bond.linker_flag 
1 1 N   A GLN 46 ? ? CA  A GLN 46 ? ? 1.338 1.459 -0.121 0.020 N 
2 1 CG  A MET 47 ? ? SD  A MET 47 ? ? 1.591 1.807 -0.216 0.026 N 
3 1 CA  A ALA 70 ? ? CB  A ALA 70 ? ? 1.655 1.520 0.135  0.021 N 
4 1 CE1 A TYR 73 ? ? CZ  A TYR 73 ? ? 1.284 1.381 -0.097 0.013 N 
5 1 CE2 B TYR 48 ? ? CD2 B TYR 48 ? ? 1.484 1.389 0.095  0.015 N 
6 1 CZ  B TYR 90 ? ? CE2 B TYR 90 ? ? 1.296 1.381 -0.085 0.013 N 
# 
loop_
_pdbx_validate_rmsd_angle.id 
_pdbx_validate_rmsd_angle.PDB_model_num 
_pdbx_validate_rmsd_angle.auth_atom_id_1 
_pdbx_validate_rmsd_angle.auth_asym_id_1 
_pdbx_validate_rmsd_angle.auth_comp_id_1 
_pdbx_validate_rmsd_angle.auth_seq_id_1 
_pdbx_validate_rmsd_angle.PDB_ins_code_1 
_pdbx_validate_rmsd_angle.label_alt_id_1 
_pdbx_validate_rmsd_angle.auth_atom_id_2 
_pdbx_validate_rmsd_angle.auth_asym_id_2 
_pdbx_validate_rmsd_angle.auth_comp_id_2 
_pdbx_validate_rmsd_angle.auth_seq_id_2 
_pdbx_validate_rmsd_angle.PDB_ins_code_2 
_pdbx_validate_rmsd_angle.label_alt_id_2 
_pdbx_validate_rmsd_angle.auth_atom_id_3 
_pdbx_validate_rmsd_angle.auth_asym_id_3 
_pdbx_validate_rmsd_angle.auth_comp_id_3 
_pdbx_validate_rmsd_angle.auth_seq_id_3 
_pdbx_validate_rmsd_angle.PDB_ins_code_3 
_pdbx_validate_rmsd_angle.label_alt_id_3 
_pdbx_validate_rmsd_angle.angle_value 
_pdbx_validate_rmsd_angle.angle_target_value 
_pdbx_validate_rmsd_angle.angle_deviation 
_pdbx_validate_rmsd_angle.angle_standard_deviation 
_pdbx_validate_rmsd_angle.linker_flag 
1 1 CA A MET 47 ? ? CB A MET 47 ? ? CG  A MET 47 ? ? 96.09  113.30 -17.21 1.70 N 
2 1 NE A ARG 91 ? ? CZ A ARG 91 ? ? NH2 A ARG 91 ? ? 116.86 120.30 -3.44  0.50 N 
3 1 N  B GLY 25 ? ? CA B GLY 25 ? ? C   B GLY 25 ? ? 131.85 113.10 18.75  2.50 N 
4 1 N  B ALA 26 ? ? CA B ALA 26 ? ? C   B ALA 26 ? ? 94.05  111.00 -16.95 2.70 N 
5 1 CB B ASP 39 ? ? CG B ASP 39 ? ? OD2 B ASP 39 ? ? 127.41 118.30 9.11   0.90 N 
6 1 CB B VAL 65 ? ? CA B VAL 65 ? ? C   B VAL 65 ? ? 99.22  111.40 -12.18 1.90 N 
7 1 CG B ARG 91 ? ? CD B ARG 91 ? ? NE  B ARG 91 ? ? 97.30  111.80 -14.50 2.10 N 
8 1 NE B ARG 91 ? ? CZ B ARG 91 ? ? NH2 B ARG 91 ? ? 114.58 120.30 -5.72  0.50 N 
# 
loop_
_pdbx_validate_torsion.id 
_pdbx_validate_torsion.PDB_model_num 
_pdbx_validate_torsion.auth_comp_id 
_pdbx_validate_torsion.auth_asym_id 
_pdbx_validate_torsion.auth_seq_id 
_pdbx_validate_torsion.PDB_ins_code 
_pdbx_validate_torsion.label_alt_id 
_pdbx_validate_torsion.phi 
_pdbx_validate_torsion.psi 
1  1 ARG A 56  ? ? 38.87   58.85   
2  1 ASN A 57  ? ? 176.74  102.87  
3  1 PHE A 76  ? ? -36.26  -37.32  
4  1 ARG A 80  ? ? -77.86  -90.95  
5  1 GLU A 81  ? ? -142.44 -55.04  
6  1 THR A 83  ? ? -2.83   123.21  
7  1 SER A 100 ? ? -125.54 -74.40  
8  1 TYR A 101 ? ? -63.81  -166.67 
9  1 ALA B 26  ? ? 97.34   45.75   
10 1 GLU B 27  ? ? -97.88  -90.78  
11 1 SER B 28  ? ? 73.38   102.46  
12 1 ARG B 56  ? ? 39.23   69.11   
13 1 ASN B 57  ? ? 169.54  98.71   
14 1 ARG B 80  ? ? -105.62 -117.76 
15 1 GLU B 81  ? ? -102.06 -74.25  
16 1 THR B 83  ? ? -20.49  115.41  
17 1 TYR B 101 ? ? -103.23 -144.54 
# 
_pdbx_entry_details.entry_id                 1H3L 
_pdbx_entry_details.compound_details         ? 
_pdbx_entry_details.source_details           ? 
_pdbx_entry_details.nonpolymer_details       ? 
_pdbx_entry_details.sequence_details         'FRAGMENT PRODUCED BY PROTEOLYSIS OF THE FULL-LENGTH PROTEIN' 
_pdbx_entry_details.has_ligand_of_interest   ? 
# 
loop_
_pdbx_unobs_or_zero_occ_residues.id 
_pdbx_unobs_or_zero_occ_residues.PDB_model_num 
_pdbx_unobs_or_zero_occ_residues.polymer_flag 
_pdbx_unobs_or_zero_occ_residues.occupancy_flag 
_pdbx_unobs_or_zero_occ_residues.auth_asym_id 
_pdbx_unobs_or_zero_occ_residues.auth_comp_id 
_pdbx_unobs_or_zero_occ_residues.auth_seq_id 
_pdbx_unobs_or_zero_occ_residues.PDB_ins_code 
_pdbx_unobs_or_zero_occ_residues.label_asym_id 
_pdbx_unobs_or_zero_occ_residues.label_comp_id 
_pdbx_unobs_or_zero_occ_residues.label_seq_id 
1  1 Y 1 A GLY 23  ? A GLY 1  
2  1 Y 1 A THR 24  ? A THR 2  
3  1 Y 1 A GLY 25  ? A GLY 3  
4  1 Y 1 A ALA 26  ? A ALA 4  
5  1 Y 1 A GLU 27  ? A GLU 5  
6  1 Y 1 A LYS 103 ? A LYS 81 
7  1 Y 1 A LYS 104 ? A LYS 82 
8  1 Y 1 A GLN 105 ? A GLN 83 
9  1 Y 1 A ARG 106 ? A ARG 84 
10 1 Y 1 A GLU 107 ? A GLU 85 
11 1 Y 1 A PRO 108 ? A PRO 86 
12 1 Y 1 A GLN 109 ? A GLN 87 
13 1 Y 1 B GLY 23  ? B GLY 1  
14 1 Y 1 B THR 24  ? B THR 2  
15 1 Y 1 B LYS 103 ? B LYS 81 
16 1 Y 1 B LYS 104 ? B LYS 82 
17 1 Y 1 B GLN 105 ? B GLN 83 
18 1 Y 1 B ARG 106 ? B ARG 84 
19 1 Y 1 B GLU 107 ? B GLU 85 
20 1 Y 1 B PRO 108 ? B PRO 86 
21 1 Y 1 B GLN 109 ? B GLN 87 
# 
loop_
_chem_comp_atom.comp_id 
_chem_comp_atom.atom_id 
_chem_comp_atom.type_symbol 
_chem_comp_atom.pdbx_aromatic_flag 
_chem_comp_atom.pdbx_stereo_config 
_chem_comp_atom.pdbx_ordinal 
ALA N    N N N 1   
ALA CA   C N S 2   
ALA C    C N N 3   
ALA O    O N N 4   
ALA CB   C N N 5   
ALA OXT  O N N 6   
ALA H    H N N 7   
ALA H2   H N N 8   
ALA HA   H N N 9   
ALA HB1  H N N 10  
ALA HB2  H N N 11  
ALA HB3  H N N 12  
ALA HXT  H N N 13  
ARG N    N N N 14  
ARG CA   C N S 15  
ARG C    C N N 16  
ARG O    O N N 17  
ARG CB   C N N 18  
ARG CG   C N N 19  
ARG CD   C N N 20  
ARG NE   N N N 21  
ARG CZ   C N N 22  
ARG NH1  N N N 23  
ARG NH2  N N N 24  
ARG OXT  O N N 25  
ARG H    H N N 26  
ARG H2   H N N 27  
ARG HA   H N N 28  
ARG HB2  H N N 29  
ARG HB3  H N N 30  
ARG HG2  H N N 31  
ARG HG3  H N N 32  
ARG HD2  H N N 33  
ARG HD3  H N N 34  
ARG HE   H N N 35  
ARG HH11 H N N 36  
ARG HH12 H N N 37  
ARG HH21 H N N 38  
ARG HH22 H N N 39  
ARG HXT  H N N 40  
ASN N    N N N 41  
ASN CA   C N S 42  
ASN C    C N N 43  
ASN O    O N N 44  
ASN CB   C N N 45  
ASN CG   C N N 46  
ASN OD1  O N N 47  
ASN ND2  N N N 48  
ASN OXT  O N N 49  
ASN H    H N N 50  
ASN H2   H N N 51  
ASN HA   H N N 52  
ASN HB2  H N N 53  
ASN HB3  H N N 54  
ASN HD21 H N N 55  
ASN HD22 H N N 56  
ASN HXT  H N N 57  
ASP N    N N N 58  
ASP CA   C N S 59  
ASP C    C N N 60  
ASP O    O N N 61  
ASP CB   C N N 62  
ASP CG   C N N 63  
ASP OD1  O N N 64  
ASP OD2  O N N 65  
ASP OXT  O N N 66  
ASP H    H N N 67  
ASP H2   H N N 68  
ASP HA   H N N 69  
ASP HB2  H N N 70  
ASP HB3  H N N 71  
ASP HD2  H N N 72  
ASP HXT  H N N 73  
GLN N    N N N 74  
GLN CA   C N S 75  
GLN C    C N N 76  
GLN O    O N N 77  
GLN CB   C N N 78  
GLN CG   C N N 79  
GLN CD   C N N 80  
GLN OE1  O N N 81  
GLN NE2  N N N 82  
GLN OXT  O N N 83  
GLN H    H N N 84  
GLN H2   H N N 85  
GLN HA   H N N 86  
GLN HB2  H N N 87  
GLN HB3  H N N 88  
GLN HG2  H N N 89  
GLN HG3  H N N 90  
GLN HE21 H N N 91  
GLN HE22 H N N 92  
GLN HXT  H N N 93  
GLU N    N N N 94  
GLU CA   C N S 95  
GLU C    C N N 96  
GLU O    O N N 97  
GLU CB   C N N 98  
GLU CG   C N N 99  
GLU CD   C N N 100 
GLU OE1  O N N 101 
GLU OE2  O N N 102 
GLU OXT  O N N 103 
GLU H    H N N 104 
GLU H2   H N N 105 
GLU HA   H N N 106 
GLU HB2  H N N 107 
GLU HB3  H N N 108 
GLU HG2  H N N 109 
GLU HG3  H N N 110 
GLU HE2  H N N 111 
GLU HXT  H N N 112 
GLY N    N N N 113 
GLY CA   C N N 114 
GLY C    C N N 115 
GLY O    O N N 116 
GLY OXT  O N N 117 
GLY H    H N N 118 
GLY H2   H N N 119 
GLY HA2  H N N 120 
GLY HA3  H N N 121 
GLY HXT  H N N 122 
HIS N    N N N 123 
HIS CA   C N S 124 
HIS C    C N N 125 
HIS O    O N N 126 
HIS CB   C N N 127 
HIS CG   C Y N 128 
HIS ND1  N Y N 129 
HIS CD2  C Y N 130 
HIS CE1  C Y N 131 
HIS NE2  N Y N 132 
HIS OXT  O N N 133 
HIS H    H N N 134 
HIS H2   H N N 135 
HIS HA   H N N 136 
HIS HB2  H N N 137 
HIS HB3  H N N 138 
HIS HD1  H N N 139 
HIS HD2  H N N 140 
HIS HE1  H N N 141 
HIS HE2  H N N 142 
HIS HXT  H N N 143 
HOH O    O N N 144 
HOH H1   H N N 145 
HOH H2   H N N 146 
ILE N    N N N 147 
ILE CA   C N S 148 
ILE C    C N N 149 
ILE O    O N N 150 
ILE CB   C N S 151 
ILE CG1  C N N 152 
ILE CG2  C N N 153 
ILE CD1  C N N 154 
ILE OXT  O N N 155 
ILE H    H N N 156 
ILE H2   H N N 157 
ILE HA   H N N 158 
ILE HB   H N N 159 
ILE HG12 H N N 160 
ILE HG13 H N N 161 
ILE HG21 H N N 162 
ILE HG22 H N N 163 
ILE HG23 H N N 164 
ILE HD11 H N N 165 
ILE HD12 H N N 166 
ILE HD13 H N N 167 
ILE HXT  H N N 168 
LEU N    N N N 169 
LEU CA   C N S 170 
LEU C    C N N 171 
LEU O    O N N 172 
LEU CB   C N N 173 
LEU CG   C N N 174 
LEU CD1  C N N 175 
LEU CD2  C N N 176 
LEU OXT  O N N 177 
LEU H    H N N 178 
LEU H2   H N N 179 
LEU HA   H N N 180 
LEU HB2  H N N 181 
LEU HB3  H N N 182 
LEU HG   H N N 183 
LEU HD11 H N N 184 
LEU HD12 H N N 185 
LEU HD13 H N N 186 
LEU HD21 H N N 187 
LEU HD22 H N N 188 
LEU HD23 H N N 189 
LEU HXT  H N N 190 
LYS N    N N N 191 
LYS CA   C N S 192 
LYS C    C N N 193 
LYS O    O N N 194 
LYS CB   C N N 195 
LYS CG   C N N 196 
LYS CD   C N N 197 
LYS CE   C N N 198 
LYS NZ   N N N 199 
LYS OXT  O N N 200 
LYS H    H N N 201 
LYS H2   H N N 202 
LYS HA   H N N 203 
LYS HB2  H N N 204 
LYS HB3  H N N 205 
LYS HG2  H N N 206 
LYS HG3  H N N 207 
LYS HD2  H N N 208 
LYS HD3  H N N 209 
LYS HE2  H N N 210 
LYS HE3  H N N 211 
LYS HZ1  H N N 212 
LYS HZ2  H N N 213 
LYS HZ3  H N N 214 
LYS HXT  H N N 215 
MET N    N N N 216 
MET CA   C N S 217 
MET C    C N N 218 
MET O    O N N 219 
MET CB   C N N 220 
MET CG   C N N 221 
MET SD   S N N 222 
MET CE   C N N 223 
MET OXT  O N N 224 
MET H    H N N 225 
MET H2   H N N 226 
MET HA   H N N 227 
MET HB2  H N N 228 
MET HB3  H N N 229 
MET HG2  H N N 230 
MET HG3  H N N 231 
MET HE1  H N N 232 
MET HE2  H N N 233 
MET HE3  H N N 234 
MET HXT  H N N 235 
PHE N    N N N 236 
PHE CA   C N S 237 
PHE C    C N N 238 
PHE O    O N N 239 
PHE CB   C N N 240 
PHE CG   C Y N 241 
PHE CD1  C Y N 242 
PHE CD2  C Y N 243 
PHE CE1  C Y N 244 
PHE CE2  C Y N 245 
PHE CZ   C Y N 246 
PHE OXT  O N N 247 
PHE H    H N N 248 
PHE H2   H N N 249 
PHE HA   H N N 250 
PHE HB2  H N N 251 
PHE HB3  H N N 252 
PHE HD1  H N N 253 
PHE HD2  H N N 254 
PHE HE1  H N N 255 
PHE HE2  H N N 256 
PHE HZ   H N N 257 
PHE HXT  H N N 258 
PRO N    N N N 259 
PRO CA   C N S 260 
PRO C    C N N 261 
PRO O    O N N 262 
PRO CB   C N N 263 
PRO CG   C N N 264 
PRO CD   C N N 265 
PRO OXT  O N N 266 
PRO H    H N N 267 
PRO HA   H N N 268 
PRO HB2  H N N 269 
PRO HB3  H N N 270 
PRO HG2  H N N 271 
PRO HG3  H N N 272 
PRO HD2  H N N 273 
PRO HD3  H N N 274 
PRO HXT  H N N 275 
SER N    N N N 276 
SER CA   C N S 277 
SER C    C N N 278 
SER O    O N N 279 
SER CB   C N N 280 
SER OG   O N N 281 
SER OXT  O N N 282 
SER H    H N N 283 
SER H2   H N N 284 
SER HA   H N N 285 
SER HB2  H N N 286 
SER HB3  H N N 287 
SER HG   H N N 288 
SER HXT  H N N 289 
THR N    N N N 290 
THR CA   C N S 291 
THR C    C N N 292 
THR O    O N N 293 
THR CB   C N R 294 
THR OG1  O N N 295 
THR CG2  C N N 296 
THR OXT  O N N 297 
THR H    H N N 298 
THR H2   H N N 299 
THR HA   H N N 300 
THR HB   H N N 301 
THR HG1  H N N 302 
THR HG21 H N N 303 
THR HG22 H N N 304 
THR HG23 H N N 305 
THR HXT  H N N 306 
TRP N    N N N 307 
TRP CA   C N S 308 
TRP C    C N N 309 
TRP O    O N N 310 
TRP CB   C N N 311 
TRP CG   C Y N 312 
TRP CD1  C Y N 313 
TRP CD2  C Y N 314 
TRP NE1  N Y N 315 
TRP CE2  C Y N 316 
TRP CE3  C Y N 317 
TRP CZ2  C Y N 318 
TRP CZ3  C Y N 319 
TRP CH2  C Y N 320 
TRP OXT  O N N 321 
TRP H    H N N 322 
TRP H2   H N N 323 
TRP HA   H N N 324 
TRP HB2  H N N 325 
TRP HB3  H N N 326 
TRP HD1  H N N 327 
TRP HE1  H N N 328 
TRP HE3  H N N 329 
TRP HZ2  H N N 330 
TRP HZ3  H N N 331 
TRP HH2  H N N 332 
TRP HXT  H N N 333 
TYR N    N N N 334 
TYR CA   C N S 335 
TYR C    C N N 336 
TYR O    O N N 337 
TYR CB   C N N 338 
TYR CG   C Y N 339 
TYR CD1  C Y N 340 
TYR CD2  C Y N 341 
TYR CE1  C Y N 342 
TYR CE2  C Y N 343 
TYR CZ   C Y N 344 
TYR OH   O N N 345 
TYR OXT  O N N 346 
TYR H    H N N 347 
TYR H2   H N N 348 
TYR HA   H N N 349 
TYR HB2  H N N 350 
TYR HB3  H N N 351 
TYR HD1  H N N 352 
TYR HD2  H N N 353 
TYR HE1  H N N 354 
TYR HE2  H N N 355 
TYR HH   H N N 356 
TYR HXT  H N N 357 
VAL N    N N N 358 
VAL CA   C N S 359 
VAL C    C N N 360 
VAL O    O N N 361 
VAL CB   C N N 362 
VAL CG1  C N N 363 
VAL CG2  C N N 364 
VAL OXT  O N N 365 
VAL H    H N N 366 
VAL H2   H N N 367 
VAL HA   H N N 368 
VAL HB   H N N 369 
VAL HG11 H N N 370 
VAL HG12 H N N 371 
VAL HG13 H N N 372 
VAL HG21 H N N 373 
VAL HG22 H N N 374 
VAL HG23 H N N 375 
VAL HXT  H N N 376 
# 
loop_
_chem_comp_bond.comp_id 
_chem_comp_bond.atom_id_1 
_chem_comp_bond.atom_id_2 
_chem_comp_bond.value_order 
_chem_comp_bond.pdbx_aromatic_flag 
_chem_comp_bond.pdbx_stereo_config 
_chem_comp_bond.pdbx_ordinal 
ALA N   CA   sing N N 1   
ALA N   H    sing N N 2   
ALA N   H2   sing N N 3   
ALA CA  C    sing N N 4   
ALA CA  CB   sing N N 5   
ALA CA  HA   sing N N 6   
ALA C   O    doub N N 7   
ALA C   OXT  sing N N 8   
ALA CB  HB1  sing N N 9   
ALA CB  HB2  sing N N 10  
ALA CB  HB3  sing N N 11  
ALA OXT HXT  sing N N 12  
ARG N   CA   sing N N 13  
ARG N   H    sing N N 14  
ARG N   H2   sing N N 15  
ARG CA  C    sing N N 16  
ARG CA  CB   sing N N 17  
ARG CA  HA   sing N N 18  
ARG C   O    doub N N 19  
ARG C   OXT  sing N N 20  
ARG CB  CG   sing N N 21  
ARG CB  HB2  sing N N 22  
ARG CB  HB3  sing N N 23  
ARG CG  CD   sing N N 24  
ARG CG  HG2  sing N N 25  
ARG CG  HG3  sing N N 26  
ARG CD  NE   sing N N 27  
ARG CD  HD2  sing N N 28  
ARG CD  HD3  sing N N 29  
ARG NE  CZ   sing N N 30  
ARG NE  HE   sing N N 31  
ARG CZ  NH1  sing N N 32  
ARG CZ  NH2  doub N N 33  
ARG NH1 HH11 sing N N 34  
ARG NH1 HH12 sing N N 35  
ARG NH2 HH21 sing N N 36  
ARG NH2 HH22 sing N N 37  
ARG OXT HXT  sing N N 38  
ASN N   CA   sing N N 39  
ASN N   H    sing N N 40  
ASN N   H2   sing N N 41  
ASN CA  C    sing N N 42  
ASN CA  CB   sing N N 43  
ASN CA  HA   sing N N 44  
ASN C   O    doub N N 45  
ASN C   OXT  sing N N 46  
ASN CB  CG   sing N N 47  
ASN CB  HB2  sing N N 48  
ASN CB  HB3  sing N N 49  
ASN CG  OD1  doub N N 50  
ASN CG  ND2  sing N N 51  
ASN ND2 HD21 sing N N 52  
ASN ND2 HD22 sing N N 53  
ASN OXT HXT  sing N N 54  
ASP N   CA   sing N N 55  
ASP N   H    sing N N 56  
ASP N   H2   sing N N 57  
ASP CA  C    sing N N 58  
ASP CA  CB   sing N N 59  
ASP CA  HA   sing N N 60  
ASP C   O    doub N N 61  
ASP C   OXT  sing N N 62  
ASP CB  CG   sing N N 63  
ASP CB  HB2  sing N N 64  
ASP CB  HB3  sing N N 65  
ASP CG  OD1  doub N N 66  
ASP CG  OD2  sing N N 67  
ASP OD2 HD2  sing N N 68  
ASP OXT HXT  sing N N 69  
GLN N   CA   sing N N 70  
GLN N   H    sing N N 71  
GLN N   H2   sing N N 72  
GLN CA  C    sing N N 73  
GLN CA  CB   sing N N 74  
GLN CA  HA   sing N N 75  
GLN C   O    doub N N 76  
GLN C   OXT  sing N N 77  
GLN CB  CG   sing N N 78  
GLN CB  HB2  sing N N 79  
GLN CB  HB3  sing N N 80  
GLN CG  CD   sing N N 81  
GLN CG  HG2  sing N N 82  
GLN CG  HG3  sing N N 83  
GLN CD  OE1  doub N N 84  
GLN CD  NE2  sing N N 85  
GLN NE2 HE21 sing N N 86  
GLN NE2 HE22 sing N N 87  
GLN OXT HXT  sing N N 88  
GLU N   CA   sing N N 89  
GLU N   H    sing N N 90  
GLU N   H2   sing N N 91  
GLU CA  C    sing N N 92  
GLU CA  CB   sing N N 93  
GLU CA  HA   sing N N 94  
GLU C   O    doub N N 95  
GLU C   OXT  sing N N 96  
GLU CB  CG   sing N N 97  
GLU CB  HB2  sing N N 98  
GLU CB  HB3  sing N N 99  
GLU CG  CD   sing N N 100 
GLU CG  HG2  sing N N 101 
GLU CG  HG3  sing N N 102 
GLU CD  OE1  doub N N 103 
GLU CD  OE2  sing N N 104 
GLU OE2 HE2  sing N N 105 
GLU OXT HXT  sing N N 106 
GLY N   CA   sing N N 107 
GLY N   H    sing N N 108 
GLY N   H2   sing N N 109 
GLY CA  C    sing N N 110 
GLY CA  HA2  sing N N 111 
GLY CA  HA3  sing N N 112 
GLY C   O    doub N N 113 
GLY C   OXT  sing N N 114 
GLY OXT HXT  sing N N 115 
HIS N   CA   sing N N 116 
HIS N   H    sing N N 117 
HIS N   H2   sing N N 118 
HIS CA  C    sing N N 119 
HIS CA  CB   sing N N 120 
HIS CA  HA   sing N N 121 
HIS C   O    doub N N 122 
HIS C   OXT  sing N N 123 
HIS CB  CG   sing N N 124 
HIS CB  HB2  sing N N 125 
HIS CB  HB3  sing N N 126 
HIS CG  ND1  sing Y N 127 
HIS CG  CD2  doub Y N 128 
HIS ND1 CE1  doub Y N 129 
HIS ND1 HD1  sing N N 130 
HIS CD2 NE2  sing Y N 131 
HIS CD2 HD2  sing N N 132 
HIS CE1 NE2  sing Y N 133 
HIS CE1 HE1  sing N N 134 
HIS NE2 HE2  sing N N 135 
HIS OXT HXT  sing N N 136 
HOH O   H1   sing N N 137 
HOH O   H2   sing N N 138 
ILE N   CA   sing N N 139 
ILE N   H    sing N N 140 
ILE N   H2   sing N N 141 
ILE CA  C    sing N N 142 
ILE CA  CB   sing N N 143 
ILE CA  HA   sing N N 144 
ILE C   O    doub N N 145 
ILE C   OXT  sing N N 146 
ILE CB  CG1  sing N N 147 
ILE CB  CG2  sing N N 148 
ILE CB  HB   sing N N 149 
ILE CG1 CD1  sing N N 150 
ILE CG1 HG12 sing N N 151 
ILE CG1 HG13 sing N N 152 
ILE CG2 HG21 sing N N 153 
ILE CG2 HG22 sing N N 154 
ILE CG2 HG23 sing N N 155 
ILE CD1 HD11 sing N N 156 
ILE CD1 HD12 sing N N 157 
ILE CD1 HD13 sing N N 158 
ILE OXT HXT  sing N N 159 
LEU N   CA   sing N N 160 
LEU N   H    sing N N 161 
LEU N   H2   sing N N 162 
LEU CA  C    sing N N 163 
LEU CA  CB   sing N N 164 
LEU CA  HA   sing N N 165 
LEU C   O    doub N N 166 
LEU C   OXT  sing N N 167 
LEU CB  CG   sing N N 168 
LEU CB  HB2  sing N N 169 
LEU CB  HB3  sing N N 170 
LEU CG  CD1  sing N N 171 
LEU CG  CD2  sing N N 172 
LEU CG  HG   sing N N 173 
LEU CD1 HD11 sing N N 174 
LEU CD1 HD12 sing N N 175 
LEU CD1 HD13 sing N N 176 
LEU CD2 HD21 sing N N 177 
LEU CD2 HD22 sing N N 178 
LEU CD2 HD23 sing N N 179 
LEU OXT HXT  sing N N 180 
LYS N   CA   sing N N 181 
LYS N   H    sing N N 182 
LYS N   H2   sing N N 183 
LYS CA  C    sing N N 184 
LYS CA  CB   sing N N 185 
LYS CA  HA   sing N N 186 
LYS C   O    doub N N 187 
LYS C   OXT  sing N N 188 
LYS CB  CG   sing N N 189 
LYS CB  HB2  sing N N 190 
LYS CB  HB3  sing N N 191 
LYS CG  CD   sing N N 192 
LYS CG  HG2  sing N N 193 
LYS CG  HG3  sing N N 194 
LYS CD  CE   sing N N 195 
LYS CD  HD2  sing N N 196 
LYS CD  HD3  sing N N 197 
LYS CE  NZ   sing N N 198 
LYS CE  HE2  sing N N 199 
LYS CE  HE3  sing N N 200 
LYS NZ  HZ1  sing N N 201 
LYS NZ  HZ2  sing N N 202 
LYS NZ  HZ3  sing N N 203 
LYS OXT HXT  sing N N 204 
MET N   CA   sing N N 205 
MET N   H    sing N N 206 
MET N   H2   sing N N 207 
MET CA  C    sing N N 208 
MET CA  CB   sing N N 209 
MET CA  HA   sing N N 210 
MET C   O    doub N N 211 
MET C   OXT  sing N N 212 
MET CB  CG   sing N N 213 
MET CB  HB2  sing N N 214 
MET CB  HB3  sing N N 215 
MET CG  SD   sing N N 216 
MET CG  HG2  sing N N 217 
MET CG  HG3  sing N N 218 
MET SD  CE   sing N N 219 
MET CE  HE1  sing N N 220 
MET CE  HE2  sing N N 221 
MET CE  HE3  sing N N 222 
MET OXT HXT  sing N N 223 
PHE N   CA   sing N N 224 
PHE N   H    sing N N 225 
PHE N   H2   sing N N 226 
PHE CA  C    sing N N 227 
PHE CA  CB   sing N N 228 
PHE CA  HA   sing N N 229 
PHE C   O    doub N N 230 
PHE C   OXT  sing N N 231 
PHE CB  CG   sing N N 232 
PHE CB  HB2  sing N N 233 
PHE CB  HB3  sing N N 234 
PHE CG  CD1  doub Y N 235 
PHE CG  CD2  sing Y N 236 
PHE CD1 CE1  sing Y N 237 
PHE CD1 HD1  sing N N 238 
PHE CD2 CE2  doub Y N 239 
PHE CD2 HD2  sing N N 240 
PHE CE1 CZ   doub Y N 241 
PHE CE1 HE1  sing N N 242 
PHE CE2 CZ   sing Y N 243 
PHE CE2 HE2  sing N N 244 
PHE CZ  HZ   sing N N 245 
PHE OXT HXT  sing N N 246 
PRO N   CA   sing N N 247 
PRO N   CD   sing N N 248 
PRO N   H    sing N N 249 
PRO CA  C    sing N N 250 
PRO CA  CB   sing N N 251 
PRO CA  HA   sing N N 252 
PRO C   O    doub N N 253 
PRO C   OXT  sing N N 254 
PRO CB  CG   sing N N 255 
PRO CB  HB2  sing N N 256 
PRO CB  HB3  sing N N 257 
PRO CG  CD   sing N N 258 
PRO CG  HG2  sing N N 259 
PRO CG  HG3  sing N N 260 
PRO CD  HD2  sing N N 261 
PRO CD  HD3  sing N N 262 
PRO OXT HXT  sing N N 263 
SER N   CA   sing N N 264 
SER N   H    sing N N 265 
SER N   H2   sing N N 266 
SER CA  C    sing N N 267 
SER CA  CB   sing N N 268 
SER CA  HA   sing N N 269 
SER C   O    doub N N 270 
SER C   OXT  sing N N 271 
SER CB  OG   sing N N 272 
SER CB  HB2  sing N N 273 
SER CB  HB3  sing N N 274 
SER OG  HG   sing N N 275 
SER OXT HXT  sing N N 276 
THR N   CA   sing N N 277 
THR N   H    sing N N 278 
THR N   H2   sing N N 279 
THR CA  C    sing N N 280 
THR CA  CB   sing N N 281 
THR CA  HA   sing N N 282 
THR C   O    doub N N 283 
THR C   OXT  sing N N 284 
THR CB  OG1  sing N N 285 
THR CB  CG2  sing N N 286 
THR CB  HB   sing N N 287 
THR OG1 HG1  sing N N 288 
THR CG2 HG21 sing N N 289 
THR CG2 HG22 sing N N 290 
THR CG2 HG23 sing N N 291 
THR OXT HXT  sing N N 292 
TRP N   CA   sing N N 293 
TRP N   H    sing N N 294 
TRP N   H2   sing N N 295 
TRP CA  C    sing N N 296 
TRP CA  CB   sing N N 297 
TRP CA  HA   sing N N 298 
TRP C   O    doub N N 299 
TRP C   OXT  sing N N 300 
TRP CB  CG   sing N N 301 
TRP CB  HB2  sing N N 302 
TRP CB  HB3  sing N N 303 
TRP CG  CD1  doub Y N 304 
TRP CG  CD2  sing Y N 305 
TRP CD1 NE1  sing Y N 306 
TRP CD1 HD1  sing N N 307 
TRP CD2 CE2  doub Y N 308 
TRP CD2 CE3  sing Y N 309 
TRP NE1 CE2  sing Y N 310 
TRP NE1 HE1  sing N N 311 
TRP CE2 CZ2  sing Y N 312 
TRP CE3 CZ3  doub Y N 313 
TRP CE3 HE3  sing N N 314 
TRP CZ2 CH2  doub Y N 315 
TRP CZ2 HZ2  sing N N 316 
TRP CZ3 CH2  sing Y N 317 
TRP CZ3 HZ3  sing N N 318 
TRP CH2 HH2  sing N N 319 
TRP OXT HXT  sing N N 320 
TYR N   CA   sing N N 321 
TYR N   H    sing N N 322 
TYR N   H2   sing N N 323 
TYR CA  C    sing N N 324 
TYR CA  CB   sing N N 325 
TYR CA  HA   sing N N 326 
TYR C   O    doub N N 327 
TYR C   OXT  sing N N 328 
TYR CB  CG   sing N N 329 
TYR CB  HB2  sing N N 330 
TYR CB  HB3  sing N N 331 
TYR CG  CD1  doub Y N 332 
TYR CG  CD2  sing Y N 333 
TYR CD1 CE1  sing Y N 334 
TYR CD1 HD1  sing N N 335 
TYR CD2 CE2  doub Y N 336 
TYR CD2 HD2  sing N N 337 
TYR CE1 CZ   doub Y N 338 
TYR CE1 HE1  sing N N 339 
TYR CE2 CZ   sing Y N 340 
TYR CE2 HE2  sing N N 341 
TYR CZ  OH   sing N N 342 
TYR OH  HH   sing N N 343 
TYR OXT HXT  sing N N 344 
VAL N   CA   sing N N 345 
VAL N   H    sing N N 346 
VAL N   H2   sing N N 347 
VAL CA  C    sing N N 348 
VAL CA  CB   sing N N 349 
VAL CA  HA   sing N N 350 
VAL C   O    doub N N 351 
VAL C   OXT  sing N N 352 
VAL CB  CG1  sing N N 353 
VAL CB  CG2  sing N N 354 
VAL CB  HB   sing N N 355 
VAL CG1 HG11 sing N N 356 
VAL CG1 HG12 sing N N 357 
VAL CG1 HG13 sing N N 358 
VAL CG2 HG21 sing N N 359 
VAL CG2 HG22 sing N N 360 
VAL CG2 HG23 sing N N 361 
VAL OXT HXT  sing N N 362 
# 
_atom_sites.entry_id                    1H3L 
_atom_sites.fract_transf_matrix[1][1]   0.00008004 
_atom_sites.fract_transf_matrix[1][2]   -0.01603136 
_atom_sites.fract_transf_matrix[1][3]   0.00186291 
_atom_sites.fract_transf_matrix[2][1]   0.00738691 
_atom_sites.fract_transf_matrix[2][2]   -0.00935196 
_atom_sites.fract_transf_matrix[2][3]   -0.01088309 
_atom_sites.fract_transf_matrix[3][1]   0.00827545 
_atom_sites.fract_transf_matrix[3][2]   0.00063102 
_atom_sites.fract_transf_matrix[3][3]   0.00507472 
_atom_sites.fract_transf_vector[1]      0.473966 
_atom_sites.fract_transf_vector[2]      0.654452 
_atom_sites.fract_transf_vector[3]      0.313253 
# 
loop_
_atom_type.symbol 
C 
N 
O 
S 
# 
loop_
_atom_site.group_PDB 
_atom_site.id 
_atom_site.type_symbol 
_atom_site.label_atom_id 
_atom_site.label_alt_id 
_atom_site.label_comp_id 
_atom_site.label_asym_id 
_atom_site.label_entity_id 
_atom_site.label_seq_id 
_atom_site.pdbx_PDB_ins_code 
_atom_site.Cartn_x 
_atom_site.Cartn_y 
_atom_site.Cartn_z 
_atom_site.occupancy 
_atom_site.B_iso_or_equiv 
_atom_site.pdbx_formal_charge 
_atom_site.auth_seq_id 
_atom_site.auth_comp_id 
_atom_site.auth_asym_id 
_atom_site.auth_atom_id 
_atom_site.pdbx_PDB_model_num 
ATOM   1    N N   . SER A 1 6  ? 12.496  17.381  1.318   1.00 63.77 ? 28   SER A N   1 
ATOM   2    C CA  . SER A 1 6  ? 11.559  17.566  0.171   1.00 65.15 ? 28   SER A CA  1 
ATOM   3    C C   . SER A 1 6  ? 10.222  17.110  0.694   1.00 65.30 ? 28   SER A C   1 
ATOM   4    O O   . SER A 1 6  ? 10.125  16.543  1.788   1.00 65.63 ? 28   SER A O   1 
ATOM   5    C CB  . SER A 1 6  ? 11.984  16.682  -1.000  1.00 65.78 ? 28   SER A CB  1 
ATOM   6    O OG  . SER A 1 6  ? 13.291  16.178  -0.738  1.00 65.94 ? 28   SER A OG  1 
ATOM   7    N N   . THR A 1 7  ? 9.176   17.346  -0.078  1.00 64.54 ? 29   THR A N   1 
ATOM   8    C CA  . THR A 1 7  ? 7.856   16.986  0.353   1.00 62.92 ? 29   THR A CA  1 
ATOM   9    C C   . THR A 1 7  ? 7.695   15.542  -0.047  1.00 60.84 ? 29   THR A C   1 
ATOM   10   O O   . THR A 1 7  ? 6.977   14.741  0.595   1.00 61.29 ? 29   THR A O   1 
ATOM   11   C CB  . THR A 1 7  ? 6.916   17.922  -0.408  1.00 63.70 ? 29   THR A CB  1 
ATOM   12   O OG1 . THR A 1 7  ? 7.081   19.244  0.130   1.00 66.39 ? 29   THR A OG1 1 
ATOM   13   C CG2 . THR A 1 7  ? 5.433   17.604  -0.184  1.00 64.27 ? 29   THR A CG2 1 
ATOM   14   N N   . ALA A 1 8  ? 8.395   15.183  -1.110  1.00 57.36 ? 30   ALA A N   1 
ATOM   15   C CA  . ALA A 1 8  ? 8.291   13.849  -1.632  1.00 54.80 ? 30   ALA A CA  1 
ATOM   16   C C   . ALA A 1 8  ? 9.070   12.867  -0.790  1.00 53.09 ? 30   ALA A C   1 
ATOM   17   O O   . ALA A 1 8  ? 8.664   11.724  -0.648  1.00 53.44 ? 30   ALA A O   1 
ATOM   18   C CB  . ALA A 1 8  ? 8.774   13.822  -3.066  1.00 55.55 ? 30   ALA A CB  1 
ATOM   19   N N   . GLU A 1 9  ? 10.194  13.315  -0.237  1.00 50.82 ? 31   GLU A N   1 
ATOM   20   C CA  . GLU A 1 9  ? 11.052  12.454  0.557   1.00 48.37 ? 31   GLU A CA  1 
ATOM   21   C C   . GLU A 1 9  ? 10.417  12.049  1.874   1.00 44.98 ? 31   GLU A C   1 
ATOM   22   O O   . GLU A 1 9  ? 10.407  10.860  2.251   1.00 43.07 ? 31   GLU A O   1 
ATOM   23   C CB  . GLU A 1 9  ? 12.390  13.155  0.831   1.00 49.79 ? 31   GLU A CB  1 
ATOM   24   C CG  . GLU A 1 9  ? 13.577  12.528  0.089   1.00 57.94 ? 31   GLU A CG  1 
ATOM   25   C CD  . GLU A 1 9  ? 14.909  13.321  0.216   1.00 66.49 ? 31   GLU A CD  1 
ATOM   26   O OE1 . GLU A 1 9  ? 14.918  14.546  -0.130  1.00 66.59 ? 31   GLU A OE1 1 
ATOM   27   O OE2 . GLU A 1 9  ? 15.948  12.706  0.640   1.00 66.23 ? 31   GLU A OE2 1 
ATOM   28   N N   . ARG A 1 10 ? 9.918   13.052  2.591   1.00 41.47 ? 32   ARG A N   1 
ATOM   29   C CA  . ARG A 1 10 ? 9.264   12.847  3.849   1.00 38.68 ? 32   ARG A CA  1 
ATOM   30   C C   . ARG A 1 10 ? 8.126   11.830  3.596   1.00 36.63 ? 32   ARG A C   1 
ATOM   31   O O   . ARG A 1 10 ? 8.015   10.767  4.217   1.00 34.15 ? 32   ARG A O   1 
ATOM   32   C CB  . ARG A 1 10 ? 8.648   14.187  4.244   1.00 39.94 ? 32   ARG A CB  1 
ATOM   33   C CG  . ARG A 1 10 ? 8.763   14.566  5.732   1.00 41.74 ? 32   ARG A CG  1 
ATOM   34   N N   . SER A 1 11 ? 7.270   12.170  2.652   1.00 35.08 ? 33   SER A N   1 
ATOM   35   C CA  . SER A 1 11 ? 6.194   11.285  2.333   1.00 34.66 ? 33   SER A CA  1 
ATOM   36   C C   . SER A 1 11 ? 6.603   9.874   1.965   1.00 32.87 ? 33   SER A C   1 
ATOM   37   O O   . SER A 1 11 ? 5.883   8.946   2.270   1.00 32.78 ? 33   SER A O   1 
ATOM   38   C CB  . SER A 1 11 ? 5.269   11.867  1.277   1.00 36.47 ? 33   SER A CB  1 
ATOM   39   O OG  . SER A 1 11 ? 4.793   10.822  0.427   1.00 38.33 ? 33   SER A OG  1 
ATOM   40   N N   . ALA A 1 12 ? 7.771   9.681   1.369   1.00 30.28 ? 34   ALA A N   1 
ATOM   41   C CA  . ALA A 1 12 ? 8.099   8.320   0.953   1.00 28.99 ? 34   ALA A CA  1 
ATOM   42   C C   . ALA A 1 12 ? 8.612   7.609   2.154   1.00 26.92 ? 34   ALA A C   1 
ATOM   43   O O   . ALA A 1 12 ? 8.547   6.385   2.262   1.00 25.95 ? 34   ALA A O   1 
ATOM   44   C CB  . ALA A 1 12 ? 9.171   8.287   -0.257  1.00 28.57 ? 34   ALA A CB  1 
ATOM   45   N N   . ARG A 1 13 ? 9.187   8.390   3.052   1.00 25.54 ? 35   ARG A N   1 
ATOM   46   C CA  . ARG A 1 13 ? 9.708   7.859   4.298   1.00 26.69 ? 35   ARG A CA  1 
ATOM   47   C C   . ARG A 1 13 ? 8.498   7.474   5.222   1.00 24.99 ? 35   ARG A C   1 
ATOM   48   O O   . ARG A 1 13 ? 8.444   6.403   5.829   1.00 24.17 ? 35   ARG A O   1 
ATOM   49   C CB  . ARG A 1 13 ? 10.570  8.972   4.915   1.00 29.07 ? 35   ARG A CB  1 
ATOM   50   C CG  . ARG A 1 13 ? 11.127  8.610   6.323   1.00 32.78 ? 35   ARG A CG  1 
ATOM   51   C CD  . ARG A 1 13 ? 12.219  9.528   6.823   1.00 40.39 ? 35   ARG A CD  1 
ATOM   52   N NE  . ARG A 1 13 ? 11.646  10.670  7.535   1.00 44.36 ? 35   ARG A NE  1 
ATOM   53   C CZ  . ARG A 1 13 ? 11.759  11.905  7.073   1.00 50.77 ? 35   ARG A CZ  1 
ATOM   54   N NH1 . ARG A 1 13 ? 12.415  12.129  5.911   1.00 53.90 ? 35   ARG A NH1 1 
ATOM   55   N NH2 . ARG A 1 13 ? 11.237  12.920  7.754   1.00 50.59 ? 35   ARG A NH2 1 
ATOM   56   N N   . PHE A 1 14 ? 7.508   8.345   5.278   1.00 23.69 ? 36   PHE A N   1 
ATOM   57   C CA  . PHE A 1 14 ? 6.276   8.033   6.023   1.00 25.63 ? 36   PHE A CA  1 
ATOM   58   C C   . PHE A 1 14 ? 5.609   6.708   5.537   1.00 25.36 ? 36   PHE A C   1 
ATOM   59   O O   . PHE A 1 14 ? 5.172   5.839   6.376   1.00 24.57 ? 36   PHE A O   1 
ATOM   60   C CB  . PHE A 1 14 ? 5.340   9.242   5.919   1.00 25.33 ? 36   PHE A CB  1 
ATOM   61   C CG  . PHE A 1 14 ? 3.935   8.947   6.238   1.00 34.00 ? 36   PHE A CG  1 
ATOM   62   C CD1 . PHE A 1 14 ? 3.473   8.975   7.584   1.00 36.10 ? 36   PHE A CD1 1 
ATOM   63   C CD2 . PHE A 1 14 ? 3.008   8.731   5.211   1.00 38.25 ? 36   PHE A CD2 1 
ATOM   64   C CE1 . PHE A 1 14 ? 2.146   8.733   7.867   1.00 35.42 ? 36   PHE A CE1 1 
ATOM   65   C CE2 . PHE A 1 14 ? 1.682   8.483   5.520   1.00 39.69 ? 36   PHE A CE2 1 
ATOM   66   C CZ  . PHE A 1 14 ? 1.270   8.468   6.856   1.00 38.50 ? 36   PHE A CZ  1 
ATOM   67   N N   . GLU A 1 15 ? 5.627   6.492   4.214   1.00 23.15 ? 37   GLU A N   1 
ATOM   68   C CA  . GLU A 1 15 ? 4.967   5.337   3.652   1.00 22.68 ? 37   GLU A CA  1 
ATOM   69   C C   . GLU A 1 15 ? 5.637   4.097   4.140   1.00 23.39 ? 37   GLU A C   1 
ATOM   70   O O   . GLU A 1 15 ? 4.983   3.144   4.589   1.00 22.44 ? 37   GLU A O   1 
ATOM   71   C CB  . GLU A 1 15 ? 4.839   5.422   2.091   1.00 23.00 ? 37   GLU A CB  1 
ATOM   72   C CG  . GLU A 1 15 ? 3.787   6.406   1.605   1.00 24.12 ? 37   GLU A CG  1 
ATOM   73   C CD  . GLU A 1 15 ? 4.149   7.187   0.307   1.00 33.62 ? 37   GLU A CD  1 
ATOM   74   O OE1 . GLU A 1 15 ? 4.836   6.629   -0.624  1.00 28.23 ? 37   GLU A OE1 1 
ATOM   75   O OE2 . GLU A 1 15 ? 3.675   8.361   0.180   1.00 32.28 ? 37   GLU A OE2 1 
ATOM   76   N N   . ARG A 1 16 ? 6.963   4.092   4.069   1.00 22.97 ? 38   ARG A N   1 
ATOM   77   C CA  . ARG A 1 16 ? 7.720   2.900   4.444   1.00 22.85 ? 38   ARG A CA  1 
ATOM   78   C C   . ARG A 1 16 ? 7.619   2.712   5.918   1.00 20.83 ? 38   ARG A C   1 
ATOM   79   O O   . ARG A 1 16 ? 7.590   1.577   6.404   1.00 18.45 ? 38   ARG A O   1 
ATOM   80   C CB  . ARG A 1 16 ? 9.267   3.021   4.124   1.00 23.17 ? 38   ARG A CB  1 
ATOM   81   C CG  . ARG A 1 16 ? 9.631   3.600   2.803   1.00 24.85 ? 38   ARG A CG  1 
ATOM   82   C CD  . ARG A 1 16 ? 11.148  3.386   2.465   1.00 30.57 ? 38   ARG A CD  1 
ATOM   83   N NE  . ARG A 1 16 ? 11.994  4.361   3.148   1.00 26.55 ? 38   ARG A NE  1 
ATOM   84   C CZ  . ARG A 1 16 ? 12.197  5.569   2.653   1.00 26.86 ? 38   ARG A CZ  1 
ATOM   85   N NH1 . ARG A 1 16 ? 11.630  5.911   1.498   1.00 22.92 ? 38   ARG A NH1 1 
ATOM   86   N NH2 . ARG A 1 16 ? 12.910  6.463   3.323   1.00 27.50 ? 38   ARG A NH2 1 
ATOM   87   N N   . ASP A 1 17 ? 7.621   3.807   6.661   1.00 20.32 ? 39   ASP A N   1 
ATOM   88   C CA  . ASP A 1 17 ? 7.485   3.647   8.110   1.00 22.34 ? 39   ASP A CA  1 
ATOM   89   C C   . ASP A 1 17 ? 6.115   3.009   8.370   1.00 21.95 ? 39   ASP A C   1 
ATOM   90   O O   . ASP A 1 17 ? 6.013   2.018   9.077   1.00 23.08 ? 39   ASP A O   1 
ATOM   91   C CB  . ASP A 1 17 ? 7.690   4.969   8.882   1.00 22.88 ? 39   ASP A CB  1 
ATOM   92   C CG  . ASP A 1 17 ? 9.158   5.332   8.990   1.00 27.30 ? 39   ASP A CG  1 
ATOM   93   O OD1 . ASP A 1 17 ? 10.039  4.416   8.704   1.00 31.38 ? 39   ASP A OD1 1 
ATOM   94   O OD2 . ASP A 1 17 ? 9.534   6.493   9.283   1.00 34.35 ? 39   ASP A OD2 1 
ATOM   95   N N   . ALA A 1 18 ? 5.086   3.511   7.692   1.00 22.47 ? 40   ALA A N   1 
ATOM   96   C CA  . ALA A 1 18 ? 3.723   3.007   7.921   1.00 20.99 ? 40   ALA A CA  1 
ATOM   97   C C   . ALA A 1 18 ? 3.654   1.576   7.575   1.00 21.30 ? 40   ALA A C   1 
ATOM   98   O O   . ALA A 1 18 ? 3.047   0.773   8.310   1.00 23.14 ? 40   ALA A O   1 
ATOM   99   C CB  . ALA A 1 18 ? 2.798   3.772   7.115   1.00 20.94 ? 40   ALA A CB  1 
ATOM   100  N N   . LEU A 1 19 ? 4.327   1.186   6.490   1.00 20.43 ? 41   LEU A N   1 
ATOM   101  C CA  . LEU A 1 19 ? 4.196   -0.193  5.960   1.00 20.43 ? 41   LEU A CA  1 
ATOM   102  C C   . LEU A 1 19 ? 4.931   -1.197  6.796   1.00 19.35 ? 41   LEU A C   1 
ATOM   103  O O   . LEU A 1 19 ? 4.688   -2.420  6.823   1.00 19.31 ? 41   LEU A O   1 
ATOM   104  C CB  . LEU A 1 19 ? 4.716   -0.219  4.484   1.00 21.90 ? 41   LEU A CB  1 
ATOM   105  C CG  . LEU A 1 19 ? 3.660   0.376   3.539   1.00 25.55 ? 41   LEU A CG  1 
ATOM   106  C CD1 . LEU A 1 19 ? 4.291   0.664   2.167   1.00 29.31 ? 41   LEU A CD1 1 
ATOM   107  C CD2 . LEU A 1 19 ? 2.515   -0.647  3.376   1.00 26.99 ? 41   LEU A CD2 1 
ATOM   108  N N   . GLU A 1 20 ? 5.914   -0.689  7.492   1.00 19.00 ? 42   GLU A N   1 
ATOM   109  C CA  . GLU A 1 20 ? 6.620   -1.517  8.388   1.00 21.39 ? 42   GLU A CA  1 
ATOM   110  C C   . GLU A 1 20 ? 5.534   -2.082  9.344   1.00 22.34 ? 42   GLU A C   1 
ATOM   111  O O   . GLU A 1 20 ? 5.641   -3.235  9.753   1.00 22.30 ? 42   GLU A O   1 
ATOM   112  C CB  . GLU A 1 20 ? 7.585   -0.613  9.256   1.00 21.39 ? 42   GLU A CB  1 
ATOM   113  C CG  . GLU A 1 20 ? 8.370   -1.427  10.241  1.00 27.63 ? 42   GLU A CG  1 
ATOM   114  C CD  . GLU A 1 20 ? 9.217   -0.608  11.245  1.00 34.27 ? 42   GLU A CD  1 
ATOM   115  O OE1 . GLU A 1 20 ? 9.369   0.629   11.141  1.00 37.83 ? 42   GLU A OE1 1 
ATOM   116  O OE2 . GLU A 1 20 ? 9.724   -1.215  12.166  1.00 34.53 ? 42   GLU A OE2 1 
ATOM   117  N N   . PHE A 1 21 ? 4.541   -1.268  9.729   1.00 20.91 ? 43   PHE A N   1 
ATOM   118  C CA  . PHE A 1 21 ? 3.524   -1.777  10.652  1.00 24.14 ? 43   PHE A CA  1 
ATOM   119  C C   . PHE A 1 21 ? 2.368   -2.587  10.029  1.00 25.67 ? 43   PHE A C   1 
ATOM   120  O O   . PHE A 1 21 ? 1.563   -3.150  10.755  1.00 29.23 ? 43   PHE A O   1 
ATOM   121  C CB  . PHE A 1 21 ? 2.947   -0.721  11.612  1.00 22.08 ? 43   PHE A CB  1 
ATOM   122  C CG  . PHE A 1 21 ? 3.989   0.008   12.391  1.00 24.55 ? 43   PHE A CG  1 
ATOM   123  C CD1 . PHE A 1 21 ? 4.848   -0.683  13.227  1.00 30.28 ? 43   PHE A CD1 1 
ATOM   124  C CD2 . PHE A 1 21 ? 4.207   1.369   12.199  1.00 24.62 ? 43   PHE A CD2 1 
ATOM   125  C CE1 . PHE A 1 21 ? 5.907   0.026   13.943  1.00 31.65 ? 43   PHE A CE1 1 
ATOM   126  C CE2 . PHE A 1 21 ? 5.247   2.051   12.861  1.00 28.00 ? 43   PHE A CE2 1 
ATOM   127  C CZ  . PHE A 1 21 ? 6.093   1.369   13.770  1.00 25.52 ? 43   PHE A CZ  1 
ATOM   128  N N   . LEU A 1 22 ? 2.292   -2.651  8.708   1.00 25.73 ? 44   LEU A N   1 
ATOM   129  C CA  . LEU A 1 22 ? 1.174   -3.312  8.059   1.00 24.73 ? 44   LEU A CA  1 
ATOM   130  C C   . LEU A 1 22 ? 0.790   -4.639  8.716   1.00 21.88 ? 44   LEU A C   1 
ATOM   131  O O   . LEU A 1 22 ? -0.334  -4.962  8.883   1.00 21.44 ? 44   LEU A O   1 
ATOM   132  C CB  . LEU A 1 22 ? 1.423   -3.549  6.498   1.00 22.63 ? 44   LEU A CB  1 
ATOM   133  C CG  . LEU A 1 22 ? 0.088   -4.145  5.945   1.00 26.29 ? 44   LEU A CG  1 
ATOM   134  C CD1 . LEU A 1 22 ? -0.901  -3.119  5.284   1.00 27.61 ? 44   LEU A CD1 1 
ATOM   135  C CD2 . LEU A 1 22 ? 0.386   -5.154  5.083   1.00 30.14 ? 44   LEU A CD2 1 
ATOM   136  N N   . ASP A 1 23 ? 1.758   -5.431  9.066   1.00 19.78 ? 45   ASP A N   1 
ATOM   137  C CA  . ASP A 1 23 ? 1.398   -6.683  9.588   1.00 21.97 ? 45   ASP A CA  1 
ATOM   138  C C   . ASP A 1 23 ? 0.800   -6.624  11.055  1.00 24.00 ? 45   ASP A C   1 
ATOM   139  O O   . ASP A 1 23 ? -0.056  -7.421  11.425  1.00 25.96 ? 45   ASP A O   1 
ATOM   140  C CB  . ASP A 1 23 ? 2.689   -7.411  9.691   1.00 22.77 ? 45   ASP A CB  1 
ATOM   141  C CG  . ASP A 1 23 ? 2.477   -8.829  9.933   1.00 30.89 ? 45   ASP A CG  1 
ATOM   142  O OD1 . ASP A 1 23 ? 1.317   -9.278  9.722   1.00 41.24 ? 45   ASP A OD1 1 
ATOM   143  O OD2 . ASP A 1 23 ? 3.375   -9.590  10.339  1.00 35.59 ? 45   ASP A OD2 1 
ATOM   144  N N   . GLN A 1 24 ? 1.314   -5.714  11.871  1.00 20.27 ? 46   GLN A N   1 
ATOM   145  C CA  . GLN A 1 24 ? 0.855   -5.629  13.126  1.00 22.99 ? 46   GLN A CA  1 
ATOM   146  C C   . GLN A 1 24 ? -0.596  -5.074  12.926  1.00 24.94 ? 46   GLN A C   1 
ATOM   147  O O   . GLN A 1 24 ? -1.489  -5.373  13.733  1.00 24.81 ? 46   GLN A O   1 
ATOM   148  C CB  . GLN A 1 24 ? 1.730   -4.706  13.983  1.00 20.98 ? 46   GLN A CB  1 
ATOM   149  C CG  . GLN A 1 24 ? 0.865   -4.015  14.995  1.00 18.47 ? 46   GLN A CG  1 
ATOM   150  C CD  . GLN A 1 24 ? 0.671   -4.820  16.249  1.00 19.72 ? 46   GLN A CD  1 
ATOM   151  O OE1 . GLN A 1 24 ? 1.010   -6.010  16.315  1.00 18.78 ? 46   GLN A OE1 1 
ATOM   152  N NE2 . GLN A 1 24 ? 0.146   -4.161  17.280  1.00 21.34 ? 46   GLN A NE2 1 
ATOM   153  N N   . MET A 1 25 ? -0.810  -4.288  11.872  1.00 23.04 ? 47   MET A N   1 
ATOM   154  C CA  . MET A 1 25 ? -2.133  -3.719  11.639  1.00 24.23 ? 47   MET A CA  1 
ATOM   155  C C   . MET A 1 25 ? -3.183  -4.631  11.064  1.00 25.14 ? 47   MET A C   1 
ATOM   156  O O   . MET A 1 25 ? -4.374  -4.448  11.257  1.00 24.31 ? 47   MET A O   1 
ATOM   157  C CB  . MET A 1 25 ? -2.017  -2.400  10.868  1.00 23.24 ? 47   MET A CB  1 
ATOM   158  C CG  . MET A 1 25 ? -1.667  -1.566  12.035  1.00 30.74 ? 47   MET A CG  1 
ATOM   159  S SD  . MET A 1 25 ? -2.274  -0.116  12.282  1.00 32.38 ? 47   MET A SD  1 
ATOM   160  C CE  . MET A 1 25 ? -0.857  0.312   13.551  1.00 24.69 ? 47   MET A CE  1 
ATOM   161  N N   . TYR A 1 26 ? -2.721  -5.660  10.361  1.00 25.48 ? 48   TYR A N   1 
ATOM   162  C CA  . TYR A 1 26 ? -3.624  -6.580  9.732   1.00 24.20 ? 48   TYR A CA  1 
ATOM   163  C C   . TYR A 1 26 ? -3.942  -7.620  10.749  1.00 24.34 ? 48   TYR A C   1 
ATOM   164  O O   . TYR A 1 26 ? -4.952  -8.256  10.721  1.00 25.90 ? 48   TYR A O   1 
ATOM   165  C CB  . TYR A 1 26 ? -2.907  -7.221  8.501   1.00 19.71 ? 48   TYR A CB  1 
ATOM   166  C CG  . TYR A 1 26 ? -3.645  -8.404  7.976   1.00 15.53 ? 48   TYR A CG  1 
ATOM   167  C CD1 . TYR A 1 26 ? -4.804  -8.255  7.257   1.00 13.63 ? 48   TYR A CD1 1 
ATOM   168  C CD2 . TYR A 1 26 ? -3.238  -9.637  8.274   1.00 12.21 ? 48   TYR A CD2 1 
ATOM   169  C CE1 . TYR A 1 26 ? -5.501  -9.343  6.779   1.00 18.33 ? 48   TYR A CE1 1 
ATOM   170  C CE2 . TYR A 1 26 ? -3.868  -10.721 7.787   1.00 17.41 ? 48   TYR A CE2 1 
ATOM   171  C CZ  . TYR A 1 26 ? -5.056  -10.571 7.068   1.00 22.89 ? 48   TYR A CZ  1 
ATOM   172  O OH  . TYR A 1 26 ? -5.817  -11.695 6.633   1.00 22.33 ? 48   TYR A OH  1 
ATOM   173  N N   . SER A 1 27 ? -2.989  -7.860  11.619  1.00 26.18 ? 49   SER A N   1 
ATOM   174  C CA  . SER A 1 27 ? -3.169  -8.788  12.663  1.00 27.02 ? 49   SER A CA  1 
ATOM   175  C C   . SER A 1 27 ? -4.216  -8.282  13.675  1.00 28.20 ? 49   SER A C   1 
ATOM   176  O O   . SER A 1 27 ? -5.010  -9.053  14.216  1.00 28.73 ? 49   SER A O   1 
ATOM   177  C CB  . SER A 1 27 ? -1.874  -8.786  13.344  1.00 26.85 ? 49   SER A CB  1 
ATOM   178  O OG  . SER A 1 27 ? -1.266  -10.007 13.050  1.00 32.94 ? 49   SER A OG  1 
ATOM   179  N N   . ALA A 1 28 ? -4.190  -6.981  13.931  1.00 28.50 ? 50   ALA A N   1 
ATOM   180  C CA  . ALA A 1 28 ? -5.139  -6.369  14.836  1.00 28.86 ? 50   ALA A CA  1 
ATOM   181  C C   . ALA A 1 28 ? -6.464  -6.425  14.047  1.00 30.08 ? 50   ALA A C   1 
ATOM   182  O O   . ALA A 1 28 ? -7.545  -6.652  14.593  1.00 29.85 ? 50   ALA A O   1 
ATOM   183  C CB  . ALA A 1 28 ? -4.723  -4.930  15.148  1.00 26.23 ? 50   ALA A CB  1 
ATOM   184  N N   . ALA A 1 29 ? -6.386  -6.196  12.748  1.00 30.16 ? 51   ALA A N   1 
ATOM   185  C CA  . ALA A 1 29 ? -7.616  -6.224  11.974  1.00 30.20 ? 51   ALA A CA  1 
ATOM   186  C C   . ALA A 1 29 ? -8.251  -7.609  11.900  1.00 30.87 ? 51   ALA A C   1 
ATOM   187  O O   . ALA A 1 29 ? -9.465  -7.742  11.821  1.00 32.93 ? 51   ALA A O   1 
ATOM   188  C CB  . ALA A 1 29 ? -7.545  -5.465  10.642  1.00 30.70 ? 51   ALA A CB  1 
ATOM   189  N N   . LEU A 1 30 ? -7.467  -8.662  12.001  1.00 30.62 ? 52   LEU A N   1 
ATOM   190  C CA  . LEU A 1 30 ? -8.114  -9.940  12.049  1.00 31.96 ? 52   LEU A CA  1 
ATOM   191  C C   . LEU A 1 30 ? -8.958  -10.054 13.316  1.00 33.63 ? 52   LEU A C   1 
ATOM   192  O O   . LEU A 1 30 ? -9.940  -10.769 13.350  1.00 35.78 ? 52   LEU A O   1 
ATOM   193  C CB  . LEU A 1 30 ? -7.113  -11.067 12.128  1.00 30.20 ? 52   LEU A CB  1 
ATOM   194  C CG  . LEU A 1 30 ? -6.447  -11.406 10.793  1.00 37.44 ? 52   LEU A CG  1 
ATOM   195  C CD1 . LEU A 1 30 ? -5.214  -12.291 10.982  1.00 36.20 ? 52   LEU A CD1 1 
ATOM   196  C CD2 . LEU A 1 30 ? -7.442  -12.035 9.796   1.00 34.23 ? 52   LEU A CD2 1 
ATOM   197  N N   . ARG A 1 31 ? -8.531  -9.392  14.387  1.00 34.69 ? 53   ARG A N   1 
ATOM   198  C CA  . ARG A 1 31 ? -9.123  -9.626  15.663  1.00 34.38 ? 53   ARG A CA  1 
ATOM   199  C C   . ARG A 1 31 ? -10.346 -8.833  15.892  1.00 34.62 ? 53   ARG A C   1 
ATOM   200  O O   . ARG A 1 31 ? -11.129 -9.168  16.776  1.00 35.07 ? 53   ARG A O   1 
ATOM   201  C CB  . ARG A 1 31 ? -8.093  -9.393  16.779  1.00 35.37 ? 53   ARG A CB  1 
ATOM   202  C CG  . ARG A 1 31 ? -7.188  -10.582 16.893  1.00 36.17 ? 53   ARG A CG  1 
ATOM   203  C CD  . ARG A 1 31 ? -6.143  -10.399 17.877  1.00 38.32 ? 53   ARG A CD  1 
ATOM   204  N NE  . ARG A 1 31 ? -6.710  -10.911 19.123  1.00 46.54 ? 53   ARG A NE  1 
ATOM   205  C CZ  . ARG A 1 31 ? -6.054  -11.071 20.253  1.00 42.22 ? 53   ARG A CZ  1 
ATOM   206  N NH1 . ARG A 1 31 ? -4.766  -10.767 20.357  1.00 34.87 ? 53   ARG A NH1 1 
ATOM   207  N NH2 . ARG A 1 31 ? -6.722  -11.530 21.292  1.00 44.33 ? 53   ARG A NH2 1 
ATOM   208  N N   . MET A 1 32 ? -10.493 -7.751  15.137  1.00 34.03 ? 54   MET A N   1 
ATOM   209  C CA  . MET A 1 32 ? -11.677 -6.917  15.192  1.00 33.35 ? 54   MET A CA  1 
ATOM   210  C C   . MET A 1 32 ? -12.827 -7.257  14.197  1.00 35.20 ? 54   MET A C   1 
ATOM   211  O O   . MET A 1 32 ? -13.955 -6.812  14.435  1.00 34.30 ? 54   MET A O   1 
ATOM   212  C CB  . MET A 1 32 ? -11.266 -5.487  14.825  1.00 33.60 ? 54   MET A CB  1 
ATOM   213  C CG  . MET A 1 32 ? -10.154 -4.928  15.620  1.00 29.19 ? 54   MET A CG  1 
ATOM   214  S SD  . MET A 1 32 ? -9.232  -3.563  14.898  1.00 32.10 ? 54   MET A SD  1 
ATOM   215  C CE  . MET A 1 32 ? -10.326 -2.322  14.680  1.00 24.93 ? 54   MET A CE  1 
ATOM   216  N N   . THR A 1 33 ? -12.528 -7.973  13.099  1.00 36.10 ? 55   THR A N   1 
ATOM   217  C CA  . THR A 1 33 ? -13.518 -8.285  12.047  1.00 36.80 ? 55   THR A CA  1 
ATOM   218  C C   . THR A 1 33 ? -13.755 -9.764  11.991  1.00 39.29 ? 55   THR A C   1 
ATOM   219  O O   . THR A 1 33 ? -14.648 -10.244 11.303  1.00 40.52 ? 55   THR A O   1 
ATOM   220  C CB  . THR A 1 33 ? -13.005 -7.990  10.629  1.00 37.22 ? 55   THR A CB  1 
ATOM   221  O OG1 . THR A 1 33 ? -11.748 -8.663  10.416  1.00 34.19 ? 55   THR A OG1 1 
ATOM   222  C CG2 . THR A 1 33 ? -12.735 -6.550  10.402  1.00 37.31 ? 55   THR A CG2 1 
ATOM   223  N N   . ARG A 1 34 ? -12.936 -10.526 12.684  1.00 41.83 ? 56   ARG A N   1 
ATOM   224  C CA  . ARG A 1 34 ? -13.116 -11.954 12.638  1.00 44.95 ? 56   ARG A CA  1 
ATOM   225  C C   . ARG A 1 34 ? -13.498 -12.373 11.199  1.00 45.84 ? 56   ARG A C   1 
ATOM   226  O O   . ARG A 1 34 ? -14.561 -12.957 10.991  1.00 47.60 ? 56   ARG A O   1 
ATOM   227  C CB  . ARG A 1 34 ? -14.248 -12.358 13.582  1.00 46.99 ? 56   ARG A CB  1 
ATOM   228  C CG  . ARG A 1 34 ? -13.976 -12.231 15.122  1.00 51.16 ? 56   ARG A CG  1 
ATOM   229  C CD  . ARG A 1 34 ? -14.676 -11.028 15.826  1.00 57.33 ? 56   ARG A CD  1 
ATOM   230  N NE  . ARG A 1 34 ? -14.450 -11.088 17.287  1.00 63.57 ? 56   ARG A NE  1 
ATOM   231  C CZ  . ARG A 1 34 ? -14.438 -10.047 18.144  1.00 63.88 ? 56   ARG A CZ  1 
ATOM   232  N NH1 . ARG A 1 34 ? -14.640 -8.773  17.745  1.00 62.28 ? 56   ARG A NH1 1 
ATOM   233  N NH2 . ARG A 1 34 ? -14.229 -10.303 19.430  1.00 64.44 ? 56   ARG A NH2 1 
ATOM   234  N N   . ASN A 1 35 ? -12.634 -12.065 10.225  1.00 45.82 ? 57   ASN A N   1 
ATOM   235  C CA  . ASN A 1 35 ? -12.841 -12.445 8.807   1.00 43.86 ? 57   ASN A CA  1 
ATOM   236  C C   . ASN A 1 35 ? -11.723 -11.899 7.830   1.00 41.25 ? 57   ASN A C   1 
ATOM   237  O O   . ASN A 1 35 ? -11.674 -10.710 7.479   1.00 41.57 ? 57   ASN A O   1 
ATOM   238  C CB  . ASN A 1 35 ? -14.285 -12.145 8.355   1.00 43.84 ? 57   ASN A CB  1 
ATOM   239  C CG  . ASN A 1 35 ? -14.535 -12.490 6.864   1.00 47.63 ? 57   ASN A CG  1 
ATOM   240  O OD1 . ASN A 1 35 ? -13.655 -12.298 5.993   1.00 46.23 ? 57   ASN A OD1 1 
ATOM   241  N ND2 . ASN A 1 35 ? -15.765 -12.940 6.564   1.00 49.02 ? 57   ASN A ND2 1 
ATOM   242  N N   . PRO A 1 36 ? -10.822 -12.786 7.440   1.00 39.47 ? 58   PRO A N   1 
ATOM   243  C CA  . PRO A 1 36 ? -9.695  -12.435 6.531   1.00 38.44 ? 58   PRO A CA  1 
ATOM   244  C C   . PRO A 1 36 ? -10.088 -11.419 5.486   1.00 37.41 ? 58   PRO A C   1 
ATOM   245  O O   . PRO A 1 36 ? -9.570  -10.307 5.392   1.00 38.34 ? 58   PRO A O   1 
ATOM   246  C CB  . PRO A 1 36 ? -9.354  -13.755 5.859   1.00 39.01 ? 58   PRO A CB  1 
ATOM   247  C CG  . PRO A 1 36 ? -9.747  -14.836 6.959   1.00 41.87 ? 58   PRO A CG  1 
ATOM   248  C CD  . PRO A 1 36 ? -10.815 -14.190 7.881   1.00 38.75 ? 58   PRO A CD  1 
ATOM   249  N N   . ALA A 1 37 ? -11.063 -11.783 4.679   1.00 36.02 ? 59   ALA A N   1 
ATOM   250  C CA  . ALA A 1 37 ? -11.551 -10.863 3.692   1.00 33.26 ? 59   ALA A CA  1 
ATOM   251  C C   . ALA A 1 37 ? -11.869 -9.490  4.296   1.00 32.10 ? 59   ALA A C   1 
ATOM   252  O O   . ALA A 1 37 ? -11.440 -8.458  3.742   1.00 33.16 ? 59   ALA A O   1 
ATOM   253  C CB  . ALA A 1 37 ? -12.748 -11.470 2.918   1.00 32.77 ? 59   ALA A CB  1 
ATOM   254  N N   . ASP A 1 38 ? -12.617 -9.434  5.396   1.00 30.18 ? 60   ASP A N   1 
ATOM   255  C CA  . ASP A 1 38 ? -12.912 -8.101  5.976   1.00 29.44 ? 60   ASP A CA  1 
ATOM   256  C C   . ASP A 1 38 ? -11.635 -7.543  6.619   1.00 25.25 ? 60   ASP A C   1 
ATOM   257  O O   . ASP A 1 38 ? -11.343 -6.364  6.519   1.00 23.91 ? 60   ASP A O   1 
ATOM   258  C CB  . ASP A 1 38 ? -14.072 -8.118  7.013   1.00 33.03 ? 60   ASP A CB  1 
ATOM   259  C CG  . ASP A 1 38 ? -15.411 -8.646  6.406   1.00 41.10 ? 60   ASP A CG  1 
ATOM   260  O OD1 . ASP A 1 38 ? -15.955 -8.032  5.427   1.00 43.65 ? 60   ASP A OD1 1 
ATOM   261  O OD2 . ASP A 1 38 ? -15.963 -9.679  6.874   1.00 49.12 ? 60   ASP A OD2 1 
ATOM   262  N N   . ALA A 1 39 ? -10.848 -8.399  7.250   1.00 21.22 ? 61   ALA A N   1 
ATOM   263  C CA  . ALA A 1 39 ? -9.628  -7.857  7.836   1.00 22.73 ? 61   ALA A CA  1 
ATOM   264  C C   . ALA A 1 39 ? -8.807  -7.107  6.739   1.00 23.04 ? 61   ALA A C   1 
ATOM   265  O O   . ALA A 1 39 ? -8.377  -5.945  6.938   1.00 22.12 ? 61   ALA A O   1 
ATOM   266  C CB  . ALA A 1 39 ? -8.834  -8.976  8.635   1.00 21.12 ? 61   ALA A CB  1 
ATOM   267  N N   . GLU A 1 40 ? -8.711  -7.708  5.545   1.00 23.59 ? 62   GLU A N   1 
ATOM   268  C CA  . GLU A 1 40 ? -7.875  -7.110  4.476   1.00 24.62 ? 62   GLU A CA  1 
ATOM   269  C C   . GLU A 1 40 ? -8.481  -5.838  4.026   1.00 25.25 ? 62   GLU A C   1 
ATOM   270  O O   . GLU A 1 40 ? -7.791  -4.820  3.916   1.00 26.46 ? 62   GLU A O   1 
ATOM   271  C CB  . GLU A 1 40 ? -7.556  -8.110  3.315   1.00 24.31 ? 62   GLU A CB  1 
ATOM   272  C CG  . GLU A 1 40 ? -6.879  -7.440  2.144   1.00 29.92 ? 62   GLU A CG  1 
ATOM   273  C CD  . GLU A 1 40 ? -6.379  -8.413  1.065   1.00 36.53 ? 62   GLU A CD  1 
ATOM   274  O OE1 . GLU A 1 40 ? -6.336  -9.655  1.330   1.00 39.77 ? 62   GLU A OE1 1 
ATOM   275  O OE2 . GLU A 1 40 ? -6.047  -7.929  -0.064  1.00 38.18 ? 62   GLU A OE2 1 
ATOM   276  N N   . ASP A 1 41 ? -9.795  -5.829  3.830   1.00 26.09 ? 63   ASP A N   1 
ATOM   277  C CA  . ASP A 1 41 ? -10.405 -4.653  3.255   1.00 27.48 ? 63   ASP A CA  1 
ATOM   278  C C   . ASP A 1 41 ? -10.215 -3.514  4.229   1.00 27.42 ? 63   ASP A C   1 
ATOM   279  O O   . ASP A 1 41 ? -9.884  -2.378  3.827   1.00 28.41 ? 63   ASP A O   1 
ATOM   280  C CB  . ASP A 1 41 ? -11.913 -4.878  2.901   1.00 30.23 ? 63   ASP A CB  1 
ATOM   281  C CG  . ASP A 1 41 ? -12.166 -5.975  1.851   1.00 38.12 ? 63   ASP A CG  1 
ATOM   282  O OD1 . ASP A 1 41 ? -11.230 -6.467  1.091   1.00 46.45 ? 63   ASP A OD1 1 
ATOM   283  O OD2 . ASP A 1 41 ? -13.353 -6.388  1.690   1.00 46.27 ? 63   ASP A OD2 1 
ATOM   284  N N   . LEU A 1 42 ? -10.432 -3.812  5.514   1.00 26.11 ? 64   LEU A N   1 
ATOM   285  C CA  . LEU A 1 42 ? -10.220 -2.850  6.572   1.00 25.64 ? 64   LEU A CA  1 
ATOM   286  C C   . LEU A 1 42 ? -8.748  -2.329  6.620   1.00 24.21 ? 64   LEU A C   1 
ATOM   287  O O   . LEU A 1 42 ? -8.515  -1.110  6.630   1.00 22.60 ? 64   LEU A O   1 
ATOM   288  C CB  . LEU A 1 42 ? -10.617 -3.465  7.940   1.00 26.50 ? 64   LEU A CB  1 
ATOM   289  C CG  . LEU A 1 42 ? -10.206 -2.580  9.105   1.00 27.07 ? 64   LEU A CG  1 
ATOM   290  C CD1 . LEU A 1 42 ? -10.924 -1.254  9.013   1.00 24.63 ? 64   LEU A CD1 1 
ATOM   291  C CD2 . LEU A 1 42 ? -10.586 -3.289  10.311  1.00 29.66 ? 64   LEU A CD2 1 
ATOM   292  N N   . VAL A 1 43 ? -7.762  -3.211  6.661   1.00 24.02 ? 65   VAL A N   1 
ATOM   293  C CA  . VAL A 1 43 ? -6.419  -2.642  6.522   1.00 27.10 ? 65   VAL A CA  1 
ATOM   294  C C   . VAL A 1 43 ? -6.230  -1.720  5.289   1.00 27.26 ? 65   VAL A C   1 
ATOM   295  O O   . VAL A 1 43 ? -5.701  -0.556  5.440   1.00 26.34 ? 65   VAL A O   1 
ATOM   296  C CB  . VAL A 1 43 ? -5.141  -3.574  6.591   1.00 29.10 ? 65   VAL A CB  1 
ATOM   297  C CG1 . VAL A 1 43 ? -4.616  -3.624  8.022   1.00 27.67 ? 65   VAL A CG1 1 
ATOM   298  C CG2 . VAL A 1 43 ? -5.264  -4.992  5.948   1.00 31.63 ? 65   VAL A CG2 1 
ATOM   299  N N   . GLN A 1 44 ? -6.673  -2.193  4.113   1.00 26.73 ? 66   GLN A N   1 
ATOM   300  C CA  . GLN A 1 44 ? -6.361  -1.499  2.850   1.00 24.03 ? 66   GLN A CA  1 
ATOM   301  C C   . GLN A 1 44 ? -6.893  -0.168  2.905   1.00 24.45 ? 66   GLN A C   1 
ATOM   302  O O   . GLN A 1 44 ? -6.273  0.798   2.497   1.00 24.76 ? 66   GLN A O   1 
ATOM   303  C CB  . GLN A 1 44 ? -6.970  -2.211  1.639   1.00 23.87 ? 66   GLN A CB  1 
ATOM   304  C CG  . GLN A 1 44 ? -6.381  -3.582  1.339   1.00 20.07 ? 66   GLN A CG  1 
ATOM   305  C CD  . GLN A 1 44 ? -5.098  -3.487  0.340   1.00 22.91 ? 66   GLN A CD  1 
ATOM   306  O OE1 . GLN A 1 44 ? -4.404  -2.463  0.289   1.00 19.28 ? 66   GLN A OE1 1 
ATOM   307  N NE2 . GLN A 1 44 ? -4.761  -4.577  -0.277  1.00 15.34 ? 66   GLN A NE2 1 
ATOM   308  N N   . GLU A 1 45 ? -8.087  -0.057  3.456   1.00 25.57 ? 67   GLU A N   1 
ATOM   309  C CA  . GLU A 1 45 ? -8.764  1.243   3.428   1.00 24.82 ? 67   GLU A CA  1 
ATOM   310  C C   . GLU A 1 45 ? -8.093  2.171   4.428   1.00 24.49 ? 67   GLU A C   1 
ATOM   311  O O   . GLU A 1 45 ? -8.040  3.388   4.278   1.00 26.55 ? 67   GLU A O   1 
ATOM   312  C CB  . GLU A 1 45 ? -10.253 0.988   3.669   1.00 26.02 ? 67   GLU A CB  1 
ATOM   313  C CG  . GLU A 1 45 ? -11.028 2.281   3.763   1.00 31.81 ? 67   GLU A CG  1 
ATOM   314  C CD  . GLU A 1 45 ? -12.525 2.062   3.929   1.00 38.55 ? 67   GLU A CD  1 
ATOM   315  O OE1 . GLU A 1 45 ? -13.048 0.885   3.850   1.00 39.12 ? 67   GLU A OE1 1 
ATOM   316  O OE2 . GLU A 1 45 ? -13.174 3.109   4.131   1.00 41.45 ? 67   GLU A OE2 1 
ATOM   317  N N   . THR A 1 46 ? -7.545  1.585   5.478   1.00 24.86 ? 68   THR A N   1 
ATOM   318  C CA  . THR A 1 46 ? -6.863  2.384   6.514   1.00 23.89 ? 68   THR A CA  1 
ATOM   319  C C   . THR A 1 46 ? -5.591  3.040   5.933   1.00 23.30 ? 68   THR A C   1 
ATOM   320  O O   . THR A 1 46 ? -5.342  4.249   6.075   1.00 24.42 ? 68   THR A O   1 
ATOM   321  C CB  . THR A 1 46 ? -6.467  1.399   7.644   1.00 24.75 ? 68   THR A CB  1 
ATOM   322  O OG1 . THR A 1 46 ? -7.660  0.822   8.187   1.00 22.15 ? 68   THR A OG1 1 
ATOM   323  C CG2 . THR A 1 46 ? -5.586  2.048   8.836   1.00 18.47 ? 68   THR A CG2 1 
ATOM   324  N N   . TYR A 1 47 ? -4.778  2.224   5.295   1.00 22.23 ? 69   TYR A N   1 
ATOM   325  C CA  . TYR A 1 47 ? -3.505  2.713   4.607   1.00 21.56 ? 69   TYR A CA  1 
ATOM   326  C C   . TYR A 1 47 ? -3.772  3.782   3.543   1.00 22.10 ? 69   TYR A C   1 
ATOM   327  O O   . TYR A 1 47 ? -3.097  4.866   3.499   1.00 23.62 ? 69   TYR A O   1 
ATOM   328  C CB  . TYR A 1 47 ? -2.775  1.491   4.085   1.00 17.77 ? 69   TYR A CB  1 
ATOM   329  C CG  . TYR A 1 47 ? -1.882  0.963   5.177   1.00 18.73 ? 69   TYR A CG  1 
ATOM   330  C CD1 . TYR A 1 47 ? -2.384  0.226   6.249   1.00 21.86 ? 69   TYR A CD1 1 
ATOM   331  C CD2 . TYR A 1 47 ? -0.551  1.315   5.219   1.00 15.89 ? 69   TYR A CD2 1 
ATOM   332  C CE1 . TYR A 1 47 ? -1.549  -0.257  7.274   1.00 23.31 ? 69   TYR A CE1 1 
ATOM   333  C CE2 . TYR A 1 47 ? 0.296   0.915   6.283   1.00 16.51 ? 69   TYR A CE2 1 
ATOM   334  C CZ  . TYR A 1 47 ? -0.207  0.118   7.304   1.00 21.71 ? 69   TYR A CZ  1 
ATOM   335  O OH  . TYR A 1 47 ? 0.632   -0.407  8.271   1.00 19.13 ? 69   TYR A OH  1 
ATOM   336  N N   . ALA A 1 48 ? -4.795  3.524   2.723   1.00 22.01 ? 70   ALA A N   1 
ATOM   337  C CA  . ALA A 1 48 ? -5.205  4.480   1.698   1.00 22.30 ? 70   ALA A CA  1 
ATOM   338  C C   . ALA A 1 48 ? -5.553  5.729   2.417   1.00 23.08 ? 70   ALA A C   1 
ATOM   339  O O   . ALA A 1 48 ? -5.192  6.830   2.030   1.00 25.24 ? 70   ALA A O   1 
ATOM   340  C CB  . ALA A 1 48 ? -6.506  3.917   0.842   1.00 19.35 ? 70   ALA A CB  1 
ATOM   341  N N   . LYS A 1 49 ? -6.306  5.600   3.500   1.00 25.32 ? 71   LYS A N   1 
ATOM   342  C CA  . LYS A 1 49 ? -6.650  6.791   4.212   1.00 25.88 ? 71   LYS A CA  1 
ATOM   343  C C   . LYS A 1 49 ? -5.340  7.403   4.759   1.00 25.22 ? 71   LYS A C   1 
ATOM   344  O O   . LYS A 1 49 ? -5.146  8.611   4.738   1.00 24.87 ? 71   LYS A O   1 
ATOM   345  C CB  . LYS A 1 49 ? -7.663  6.466   5.319   1.00 28.75 ? 71   LYS A CB  1 
ATOM   346  C CG  . LYS A 1 49 ? -9.218  6.784   5.016   1.00 29.37 ? 71   LYS A CG  1 
ATOM   347  N N   . ALA A 1 50 ? -4.432  6.556   5.235   1.00 24.91 ? 72   ALA A N   1 
ATOM   348  C CA  . ALA A 1 50 ? -3.193  7.082   5.844   1.00 24.28 ? 72   ALA A CA  1 
ATOM   349  C C   . ALA A 1 50 ? -2.384  7.805   4.740   1.00 26.77 ? 72   ALA A C   1 
ATOM   350  O O   . ALA A 1 50 ? -1.952  8.951   4.966   1.00 28.76 ? 72   ALA A O   1 
ATOM   351  C CB  . ALA A 1 50 ? -2.427  5.989   6.471   1.00 20.35 ? 72   ALA A CB  1 
ATOM   352  N N   . TYR A 1 51 ? -2.203  7.189   3.560   1.00 25.47 ? 73   TYR A N   1 
ATOM   353  C CA  . TYR A 1 51 ? -1.406  7.894   2.500   1.00 26.12 ? 73   TYR A CA  1 
ATOM   354  C C   . TYR A 1 51 ? -2.029  9.231   2.164   1.00 29.30 ? 73   TYR A C   1 
ATOM   355  O O   . TYR A 1 51 ? -1.346  10.248  1.982   1.00 31.20 ? 73   TYR A O   1 
ATOM   356  C CB  . TYR A 1 51 ? -1.284  7.100   1.197   1.00 21.89 ? 73   TYR A CB  1 
ATOM   357  C CG  . TYR A 1 51 ? -0.804  5.705   1.427   1.00 13.87 ? 73   TYR A CG  1 
ATOM   358  C CD1 . TYR A 1 51 ? 0.190   5.430   2.279   1.00 10.46 ? 73   TYR A CD1 1 
ATOM   359  C CD2 . TYR A 1 51 ? -1.364  4.683   0.822   1.00 6.60  ? 73   TYR A CD2 1 
ATOM   360  C CE1 . TYR A 1 51 ? 0.606   4.102   2.480   1.00 7.65  ? 73   TYR A CE1 1 
ATOM   361  C CE2 . TYR A 1 51 ? -0.991  3.387   1.060   1.00 8.84  ? 73   TYR A CE2 1 
ATOM   362  C CZ  . TYR A 1 51 ? 0.049   3.137   1.842   1.00 11.49 ? 73   TYR A CZ  1 
ATOM   363  O OH  . TYR A 1 51 ? 0.374   1.782   2.036   1.00 20.63 ? 73   TYR A OH  1 
ATOM   364  N N   . ALA A 1 52 ? -3.347  9.249   2.105   1.00 32.02 ? 74   ALA A N   1 
ATOM   365  C CA  . ALA A 1 52 ? -4.049  10.471  1.732   1.00 35.37 ? 74   ALA A CA  1 
ATOM   366  C C   . ALA A 1 52 ? -3.971  11.635  2.750   1.00 37.03 ? 74   ALA A C   1 
ATOM   367  O O   . ALA A 1 52 ? -4.286  12.804  2.389   1.00 36.39 ? 74   ALA A O   1 
ATOM   368  C CB  . ALA A 1 52 ? -5.560  10.120  1.449   1.00 35.79 ? 74   ALA A CB  1 
ATOM   369  N N   . SER A 1 53 ? -3.597  11.338  4.001   1.00 38.46 ? 75   SER A N   1 
ATOM   370  C CA  . SER A 1 53 ? -3.533  12.402  5.015   1.00 40.78 ? 75   SER A CA  1 
ATOM   371  C C   . SER A 1 53 ? -2.152  12.743  5.539   1.00 43.43 ? 75   SER A C   1 
ATOM   372  O O   . SER A 1 53 ? -1.999  13.568  6.439   1.00 44.74 ? 75   SER A O   1 
ATOM   373  C CB  . SER A 1 53 ? -4.428  12.136  6.223   1.00 41.28 ? 75   SER A CB  1 
ATOM   374  O OG  . SER A 1 53 ? -5.181  10.983  6.090   1.00 39.32 ? 75   SER A OG  1 
ATOM   375  N N   . PHE A 1 54 ? -1.130  12.102  5.003   1.00 46.41 ? 76   PHE A N   1 
ATOM   376  C CA  . PHE A 1 54 ? 0.216   12.424  5.427   1.00 49.35 ? 76   PHE A CA  1 
ATOM   377  C C   . PHE A 1 54 ? 0.340   13.910  5.704   1.00 50.93 ? 76   PHE A C   1 
ATOM   378  O O   . PHE A 1 54 ? 1.021   14.313  6.616   1.00 51.16 ? 76   PHE A O   1 
ATOM   379  C CB  . PHE A 1 54 ? 1.173   12.095  4.306   1.00 49.08 ? 76   PHE A CB  1 
ATOM   380  C CG  . PHE A 1 54 ? 2.434   12.889  4.331   1.00 50.12 ? 76   PHE A CG  1 
ATOM   381  C CD1 . PHE A 1 54 ? 3.492   12.533  5.156   1.00 51.94 ? 76   PHE A CD1 1 
ATOM   382  C CD2 . PHE A 1 54 ? 2.590   13.969  3.492   1.00 53.98 ? 76   PHE A CD2 1 
ATOM   383  C CE1 . PHE A 1 54 ? 4.683   13.241  5.143   1.00 52.56 ? 76   PHE A CE1 1 
ATOM   384  C CE2 . PHE A 1 54 ? 3.777   14.697  3.481   1.00 54.05 ? 76   PHE A CE2 1 
ATOM   385  C CZ  . PHE A 1 54 ? 4.819   14.331  4.310   1.00 53.18 ? 76   PHE A CZ  1 
ATOM   386  N N   . HIS A 1 55 ? -0.326  14.727  4.902   1.00 54.07 ? 77   HIS A N   1 
ATOM   387  C CA  . HIS A 1 55 ? -0.178  16.168  5.058   1.00 57.16 ? 77   HIS A CA  1 
ATOM   388  C C   . HIS A 1 55 ? -0.441  16.603  6.469   1.00 57.63 ? 77   HIS A C   1 
ATOM   389  O O   . HIS A 1 55 ? 0.258   17.460  6.973   1.00 58.79 ? 77   HIS A O   1 
ATOM   390  C CB  . HIS A 1 55 ? -0.964  17.016  4.030   1.00 58.46 ? 77   HIS A CB  1 
ATOM   391  C CG  . HIS A 1 55 ? -2.464  16.921  4.138   1.00 61.89 ? 77   HIS A CG  1 
ATOM   392  N ND1 . HIS A 1 55 ? -3.127  15.738  4.381   1.00 63.69 ? 77   HIS A ND1 1 
ATOM   393  C CD2 . HIS A 1 55 ? -3.428  17.866  3.974   1.00 64.07 ? 77   HIS A CD2 1 
ATOM   394  C CE1 . HIS A 1 55 ? -4.433  15.964  4.396   1.00 66.17 ? 77   HIS A CE1 1 
ATOM   395  N NE2 . HIS A 1 55 ? -4.642  17.247  4.151   1.00 64.95 ? 77   HIS A NE2 1 
ATOM   396  N N   . GLN A 1 56 ? -1.420  15.984  7.121   1.00 57.72 ? 78   GLN A N   1 
ATOM   397  C CA  . GLN A 1 56 ? -1.766  16.349  8.482   1.00 57.56 ? 78   GLN A CA  1 
ATOM   398  C C   . GLN A 1 56 ? -0.968  15.694  9.589   1.00 57.26 ? 78   GLN A C   1 
ATOM   399  O O   . GLN A 1 56 ? -1.106  16.095  10.738  1.00 58.41 ? 78   GLN A O   1 
ATOM   400  C CB  . GLN A 1 56 ? -3.213  15.978  8.800   1.00 58.02 ? 78   GLN A CB  1 
ATOM   401  C CG  . GLN A 1 56 ? -4.207  15.982  7.670   1.00 60.86 ? 78   GLN A CG  1 
ATOM   402  C CD  . GLN A 1 56 ? -5.484  15.183  8.028   1.00 66.55 ? 78   GLN A CD  1 
ATOM   403  O OE1 . GLN A 1 56 ? -5.531  14.458  9.048   1.00 67.27 ? 78   GLN A OE1 1 
ATOM   404  N NE2 . GLN A 1 56 ? -6.520  15.320  7.195   1.00 66.61 ? 78   GLN A NE2 1 
ATOM   405  N N   . PHE A 1 57 ? -0.177  14.674  9.283   1.00 56.28 ? 79   PHE A N   1 
ATOM   406  C CA  . PHE A 1 57 ? 0.556   13.961  10.324  1.00 55.57 ? 79   PHE A CA  1 
ATOM   407  C C   . PHE A 1 57 ? 1.714   14.855  10.558  1.00 57.51 ? 79   PHE A C   1 
ATOM   408  O O   . PHE A 1 57 ? 2.474   15.097  9.645   1.00 59.05 ? 79   PHE A O   1 
ATOM   409  C CB  . PHE A 1 57 ? 1.028   12.613  9.812   1.00 54.54 ? 79   PHE A CB  1 
ATOM   410  C CG  . PHE A 1 57 ? 1.932   11.916  10.740  1.00 48.45 ? 79   PHE A CG  1 
ATOM   411  C CD1 . PHE A 1 57 ? 1.429   11.110  11.705  1.00 43.95 ? 79   PHE A CD1 1 
ATOM   412  C CD2 . PHE A 1 57 ? 3.302   12.095  10.657  1.00 44.87 ? 79   PHE A CD2 1 
ATOM   413  C CE1 . PHE A 1 57 ? 2.277   10.475  12.592  1.00 42.79 ? 79   PHE A CE1 1 
ATOM   414  C CE2 . PHE A 1 57 ? 4.159   11.459  11.519  1.00 41.78 ? 79   PHE A CE2 1 
ATOM   415  C CZ  . PHE A 1 57 ? 3.646   10.642  12.488  1.00 41.97 ? 79   PHE A CZ  1 
ATOM   416  N N   . ARG A 1 58 ? 1.898   15.348  11.772  1.00 59.28 ? 80   ARG A N   1 
ATOM   417  C CA  . ARG A 1 58 ? 2.921   16.381  11.939  1.00 60.48 ? 80   ARG A CA  1 
ATOM   418  C C   . ARG A 1 58 ? 4.407   16.016  11.996  1.00 61.90 ? 80   ARG A C   1 
ATOM   419  O O   . ARG A 1 58 ? 5.057   15.936  10.931  1.00 62.75 ? 80   ARG A O   1 
ATOM   420  C CB  . ARG A 1 58 ? 2.516   17.432  12.952  1.00 60.48 ? 80   ARG A CB  1 
ATOM   421  C CG  . ARG A 1 58 ? 1.549   18.487  12.345  1.00 59.13 ? 80   ARG A CG  1 
ATOM   422  C CD  . ARG A 1 58 ? 1.464   18.497  10.791  1.00 58.21 ? 80   ARG A CD  1 
ATOM   423  N NE  . ARG A 1 58 ? 0.585   19.589  10.303  1.00 58.72 ? 80   ARG A NE  1 
ATOM   424  C CZ  . ARG A 1 58 ? 0.631   20.139  9.065   1.00 54.09 ? 80   ARG A CZ  1 
ATOM   425  N NH1 . ARG A 1 58 ? 1.504   19.718  8.161   1.00 51.66 ? 80   ARG A NH1 1 
ATOM   426  N NH2 . ARG A 1 58 ? -0.208  21.129  8.743   1.00 56.78 ? 80   ARG A NH2 1 
ATOM   427  N N   . GLU A 1 59 ? 4.942   15.769  13.192  1.00 62.79 ? 81   GLU A N   1 
ATOM   428  C CA  . GLU A 1 59 ? 6.385   15.516  13.336  1.00 62.64 ? 81   GLU A CA  1 
ATOM   429  C C   . GLU A 1 59 ? 6.766   14.470  14.356  1.00 62.47 ? 81   GLU A C   1 
ATOM   430  O O   . GLU A 1 59 ? 7.485   13.517  14.032  1.00 63.64 ? 81   GLU A O   1 
ATOM   431  C CB  . GLU A 1 59 ? 7.087   16.812  13.710  1.00 63.15 ? 81   GLU A CB  1 
ATOM   432  N N   . GLY A 1 60 ? 6.309   14.654  15.591  1.00 61.45 ? 82   GLY A N   1 
ATOM   433  C CA  . GLY A 1 60 ? 6.593   13.714  16.680  1.00 60.85 ? 82   GLY A CA  1 
ATOM   434  C C   . GLY A 1 60 ? 5.522   12.640  16.891  1.00 59.80 ? 82   GLY A C   1 
ATOM   435  O O   . GLY A 1 60 ? 5.836   11.476  17.152  1.00 60.99 ? 82   GLY A O   1 
ATOM   436  N N   . THR A 1 61 ? 4.261   13.057  16.852  1.00 57.26 ? 83   THR A N   1 
ATOM   437  C CA  . THR A 1 61 ? 3.146   12.139  16.784  1.00 54.69 ? 83   THR A CA  1 
ATOM   438  C C   . THR A 1 61 ? 3.644   10.704  16.695  1.00 51.86 ? 83   THR A C   1 
ATOM   439  O O   . THR A 1 61 ? 4.408   10.405  15.808  1.00 53.83 ? 83   THR A O   1 
ATOM   440  C CB  . THR A 1 61 ? 2.516   12.467  15.413  1.00 54.51 ? 83   THR A CB  1 
ATOM   441  O OG1 . THR A 1 61 ? 3.024   13.735  14.966  1.00 55.96 ? 83   THR A OG1 1 
ATOM   442  C CG2 . THR A 1 61 ? 1.015   12.699  15.477  1.00 56.01 ? 83   THR A CG2 1 
ATOM   443  N N   . ASN A 1 62 ? 3.238   9.835   17.616  1.00 47.78 ? 84   ASN A N   1 
ATOM   444  C CA  . ASN A 1 62 ? 3.589   8.421   17.558  1.00 43.22 ? 84   ASN A CA  1 
ATOM   445  C C   . ASN A 1 62 ? 2.877   7.828   16.301  1.00 40.44 ? 84   ASN A C   1 
ATOM   446  O O   . ASN A 1 62 ? 1.674   7.895   16.202  1.00 38.93 ? 84   ASN A O   1 
ATOM   447  C CB  . ASN A 1 62 ? 3.044   7.760   18.812  1.00 43.20 ? 84   ASN A CB  1 
ATOM   448  C CG  . ASN A 1 62 ? 3.146   6.217   18.788  1.00 44.02 ? 84   ASN A CG  1 
ATOM   449  O OD1 . ASN A 1 62 ? 2.467   5.531   18.040  1.00 41.74 ? 84   ASN A OD1 1 
ATOM   450  N ND2 . ASN A 1 62 ? 3.960   5.685   19.659  1.00 44.92 ? 84   ASN A ND2 1 
ATOM   451  N N   . LEU A 1 63 ? 3.626   7.242   15.365  1.00 38.16 ? 85   LEU A N   1 
ATOM   452  C CA  . LEU A 1 63 ? 3.018   6.732   14.118  1.00 33.76 ? 85   LEU A CA  1 
ATOM   453  C C   . LEU A 1 63 ? 2.007   5.639   14.321  1.00 31.03 ? 85   LEU A C   1 
ATOM   454  O O   . LEU A 1 63 ? 0.950   5.731   13.829  1.00 30.13 ? 85   LEU A O   1 
ATOM   455  C CB  . LEU A 1 63 ? 4.061   6.382   13.033  1.00 33.90 ? 85   LEU A CB  1 
ATOM   456  C CG  . LEU A 1 63 ? 3.443   5.751   11.778  1.00 30.40 ? 85   LEU A CG  1 
ATOM   457  C CD1 . LEU A 1 63 ? 2.788   6.748   10.941  1.00 27.40 ? 85   LEU A CD1 1 
ATOM   458  C CD2 . LEU A 1 63 ? 4.575   5.148   11.033  1.00 39.70 ? 85   LEU A CD2 1 
ATOM   459  N N   . LYS A 1 64 ? 2.384   4.591   15.025  1.00 29.14 ? 86   LYS A N   1 
ATOM   460  C CA  . LYS A 1 64 ? 1.477   3.545   15.369  1.00 29.92 ? 86   LYS A CA  1 
ATOM   461  C C   . LYS A 1 64 ? 0.117   4.058   15.931  1.00 30.25 ? 86   LYS A C   1 
ATOM   462  O O   . LYS A 1 64 ? -0.933  3.587   15.486  1.00 30.93 ? 86   LYS A O   1 
ATOM   463  C CB  . LYS A 1 64 ? 2.140   2.594   16.356  1.00 29.37 ? 86   LYS A CB  1 
ATOM   464  C CG  . LYS A 1 64 ? 2.542   1.267   15.756  1.00 31.46 ? 86   LYS A CG  1 
ATOM   465  C CD  . LYS A 1 64 ? 2.764   0.288   16.854  1.00 36.83 ? 86   LYS A CD  1 
ATOM   466  C CE  . LYS A 1 64 ? 2.898   -1.109  16.339  1.00 42.29 ? 86   LYS A CE  1 
ATOM   467  N NZ  . LYS A 1 64 ? 3.158   -2.052  17.520  1.00 41.02 ? 86   LYS A NZ  1 
ATOM   468  N N   . ALA A 1 65 ? 0.121   5.045   16.830  1.00 27.75 ? 87   ALA A N   1 
ATOM   469  C CA  . ALA A 1 65 ? -1.154  5.496   17.436  1.00 26.59 ? 87   ALA A CA  1 
ATOM   470  C C   . ALA A 1 65 ? -1.940  6.262   16.435  1.00 25.57 ? 87   ALA A C   1 
ATOM   471  O O   . ALA A 1 65 ? -3.152  6.255   16.437  1.00 25.31 ? 87   ALA A O   1 
ATOM   472  C CB  . ALA A 1 65 ? -0.943  6.333   18.830  1.00 25.31 ? 87   ALA A CB  1 
ATOM   473  N N   . TRP A 1 66 ? -1.239  6.902   15.513  1.00 25.71 ? 88   TRP A N   1 
ATOM   474  C CA  . TRP A 1 66 ? -1.907  7.627   14.454  1.00 24.83 ? 88   TRP A CA  1 
ATOM   475  C C   . TRP A 1 66 ? -2.578  6.673   13.483  1.00 24.64 ? 88   TRP A C   1 
ATOM   476  O O   . TRP A 1 66 ? -3.678  6.928   13.036  1.00 27.20 ? 88   TRP A O   1 
ATOM   477  C CB  . TRP A 1 66 ? -0.934  8.526   13.774  1.00 25.86 ? 88   TRP A CB  1 
ATOM   478  C CG  . TRP A 1 66 ? -1.505  9.507   12.828  1.00 28.97 ? 88   TRP A CG  1 
ATOM   479  C CD1 . TRP A 1 66 ? -2.040  10.777  13.113  1.00 31.00 ? 88   TRP A CD1 1 
ATOM   480  C CD2 . TRP A 1 66 ? -1.490  9.394   11.390  1.00 29.49 ? 88   TRP A CD2 1 
ATOM   481  N NE1 . TRP A 1 66 ? -2.377  11.411  11.930  1.00 36.40 ? 88   TRP A NE1 1 
ATOM   482  C CE2 . TRP A 1 66 ? -2.049  10.587  10.865  1.00 30.23 ? 88   TRP A CE2 1 
ATOM   483  C CE3 . TRP A 1 66 ? -1.073  8.405   10.509  1.00 30.59 ? 88   TRP A CE3 1 
ATOM   484  C CZ2 . TRP A 1 66 ? -2.181  10.803  9.514   1.00 37.16 ? 88   TRP A CZ2 1 
ATOM   485  C CZ3 . TRP A 1 66 ? -1.206  8.623   9.109   1.00 36.19 ? 88   TRP A CZ3 1 
ATOM   486  C CH2 . TRP A 1 66 ? -1.745  9.813   8.632   1.00 37.03 ? 88   TRP A CH2 1 
ATOM   487  N N   . LEU A 1 67 ? -1.914  5.584   13.127  1.00 23.13 ? 89   LEU A N   1 
ATOM   488  C CA  . LEU A 1 67 ? -2.540  4.581   12.322  1.00 21.98 ? 89   LEU A CA  1 
ATOM   489  C C   . LEU A 1 67 ? -3.736  3.898   13.092  1.00 22.11 ? 89   LEU A C   1 
ATOM   490  O O   . LEU A 1 67 ? -4.805  3.695   12.501  1.00 21.77 ? 89   LEU A O   1 
ATOM   491  C CB  . LEU A 1 67 ? -1.481  3.547   11.856  1.00 22.14 ? 89   LEU A CB  1 
ATOM   492  C CG  . LEU A 1 67 ? -0.355  4.083   10.886  1.00 24.92 ? 89   LEU A CG  1 
ATOM   493  C CD1 . LEU A 1 67 ? 0.719   3.009   10.618  1.00 22.02 ? 89   LEU A CD1 1 
ATOM   494  C CD2 . LEU A 1 67 ? -0.866  4.552   9.534   1.00 24.50 ? 89   LEU A CD2 1 
ATOM   495  N N   . TYR A 1 68 ? -3.487  3.460   14.337  1.00 21.21 ? 90   TYR A N   1 
ATOM   496  C CA  . TYR A 1 68 ? -4.536  2.861   15.249  1.00 21.70 ? 90   TYR A CA  1 
ATOM   497  C C   . TYR A 1 68 ? -5.822  3.737   15.173  1.00 20.18 ? 90   TYR A C   1 
ATOM   498  O O   . TYR A 1 68 ? -6.869  3.268   14.905  1.00 18.58 ? 90   TYR A O   1 
ATOM   499  C CB  . TYR A 1 68 ? -3.947  2.752   16.678  1.00 20.74 ? 90   TYR A CB  1 
ATOM   500  C CG  . TYR A 1 68 ? -3.098  1.505   16.787  1.00 18.28 ? 90   TYR A CG  1 
ATOM   501  C CD1 . TYR A 1 68 ? -3.312  0.417   15.932  1.00 15.69 ? 90   TYR A CD1 1 
ATOM   502  C CD2 . TYR A 1 68 ? -2.075  1.422   17.683  1.00 17.66 ? 90   TYR A CD2 1 
ATOM   503  C CE1 . TYR A 1 68 ? -2.575  -0.753  16.097  1.00 16.60 ? 90   TYR A CE1 1 
ATOM   504  C CE2 . TYR A 1 68 ? -1.255  0.280   17.771  1.00 14.83 ? 90   TYR A CE2 1 
ATOM   505  C CZ  . TYR A 1 68 ? -1.484  -0.758  17.011  1.00 14.33 ? 90   TYR A CZ  1 
ATOM   506  O OH  . TYR A 1 68 ? -0.695  -1.892  17.348  1.00 20.05 ? 90   TYR A OH  1 
ATOM   507  N N   . ARG A 1 69 ? -5.653  5.033   15.297  1.00 20.52 ? 91   ARG A N   1 
ATOM   508  C CA  . ARG A 1 69 ? -6.753  5.952   15.187  1.00 23.67 ? 91   ARG A CA  1 
ATOM   509  C C   . ARG A 1 69 ? -7.489  5.930   13.821  1.00 24.90 ? 91   ARG A C   1 
ATOM   510  O O   . ARG A 1 69 ? -8.764  6.053   13.769  1.00 26.49 ? 91   ARG A O   1 
ATOM   511  C CB  . ARG A 1 69 ? -6.199  7.314   15.499  1.00 24.16 ? 91   ARG A CB  1 
ATOM   512  C CG  . ARG A 1 69 ? -6.987  8.449   15.098  1.00 31.18 ? 91   ARG A CG  1 
ATOM   513  C CD  . ARG A 1 69 ? -6.502  9.727   15.820  1.00 35.77 ? 91   ARG A CD  1 
ATOM   514  N NE  . ARG A 1 69 ? -7.716  10.457  16.157  1.00 45.99 ? 91   ARG A NE  1 
ATOM   515  C CZ  . ARG A 1 69 ? -8.141  10.721  17.395  1.00 44.10 ? 91   ARG A CZ  1 
ATOM   516  N NH1 . ARG A 1 69 ? -7.425  10.419  18.493  1.00 38.89 ? 91   ARG A NH1 1 
ATOM   517  N NH2 . ARG A 1 69 ? -9.293  11.337  17.506  1.00 46.71 ? 91   ARG A NH2 1 
ATOM   518  N N   . ILE A 1 70 ? -6.738  5.774   12.723  1.00 24.18 ? 92   ILE A N   1 
ATOM   519  C CA  . ILE A 1 70 ? -7.353  5.720   11.416  1.00 20.91 ? 92   ILE A CA  1 
ATOM   520  C C   . ILE A 1 70 ? -8.016  4.383   11.274  1.00 19.60 ? 92   ILE A C   1 
ATOM   521  O O   . ILE A 1 70 ? -9.082  4.280   10.685  1.00 18.48 ? 92   ILE A O   1 
ATOM   522  C CB  . ILE A 1 70 ? -6.346  5.929   10.226  1.00 22.44 ? 92   ILE A CB  1 
ATOM   523  C CG1 . ILE A 1 70 ? -5.878  7.383   10.126  1.00 22.59 ? 92   ILE A CG1 1 
ATOM   524  C CG2 . ILE A 1 70 ? -7.039  5.623   8.871   1.00 14.77 ? 92   ILE A CG2 1 
ATOM   525  C CD1 . ILE A 1 70 ? -4.506  7.506   9.172   1.00 21.05 ? 92   ILE A CD1 1 
ATOM   526  N N   . LEU A 1 71 ? -7.397  3.350   11.809  1.00 16.92 ? 93   LEU A N   1 
ATOM   527  C CA  . LEU A 1 71 ? -7.985  2.062   11.737  1.00 17.86 ? 93   LEU A CA  1 
ATOM   528  C C   . LEU A 1 71 ? -9.345  1.947   12.530  1.00 22.63 ? 93   LEU A C   1 
ATOM   529  O O   . LEU A 1 71 ? -10.280 1.215   12.071  1.00 25.04 ? 93   LEU A O   1 
ATOM   530  C CB  . LEU A 1 71 ? -7.024  1.120   12.353  1.00 16.78 ? 93   LEU A CB  1 
ATOM   531  C CG  . LEU A 1 71 ? -7.421  -0.378  12.327  1.00 20.32 ? 93   LEU A CG  1 
ATOM   532  C CD1 . LEU A 1 71 ? -7.382  -0.939  10.976  1.00 23.94 ? 93   LEU A CD1 1 
ATOM   533  C CD2 . LEU A 1 71 ? -6.490  -1.253  13.179  1.00 13.65 ? 93   LEU A CD2 1 
ATOM   534  N N   . THR A 1 72 ? -9.450  2.583   13.708  1.00 22.85 ? 94   THR A N   1 
ATOM   535  C CA  . THR A 1 72 ? -10.658 2.481   14.501  1.00 22.97 ? 94   THR A CA  1 
ATOM   536  C C   . THR A 1 72 ? -11.720 3.280   13.811  1.00 23.14 ? 94   THR A C   1 
ATOM   537  O O   . THR A 1 72 ? -12.834 2.844   13.742  1.00 21.39 ? 94   THR A O   1 
ATOM   538  C CB  . THR A 1 72 ? -10.483 2.913   16.078  1.00 23.73 ? 94   THR A CB  1 
ATOM   539  O OG1 . THR A 1 72 ? -10.431 4.352   16.246  1.00 27.53 ? 94   THR A OG1 1 
ATOM   540  C CG2 . THR A 1 72 ? -9.173  2.428   16.562  1.00 18.42 ? 94   THR A CG2 1 
ATOM   541  N N   . ASN A 1 73 ? -11.359 4.446   13.282  1.00 23.73 ? 95   ASN A N   1 
ATOM   542  C CA  . ASN A 1 73 ? -12.334 5.258   12.578  1.00 24.94 ? 95   ASN A CA  1 
ATOM   543  C C   . ASN A 1 73 ? -12.955 4.534   11.384  1.00 26.65 ? 95   ASN A C   1 
ATOM   544  O O   . ASN A 1 73 ? -14.138 4.666   11.103  1.00 29.31 ? 95   ASN A O   1 
ATOM   545  C CB  . ASN A 1 73 ? -11.736 6.516   12.061  1.00 23.26 ? 95   ASN A CB  1 
ATOM   546  C CG  . ASN A 1 73 ? -12.626 7.159   10.996  1.00 29.76 ? 95   ASN A CG  1 
ATOM   547  O OD1 . ASN A 1 73 ? -12.638 6.733   9.835   1.00 31.90 ? 95   ASN A OD1 1 
ATOM   548  N ND2 . ASN A 1 73 ? -13.389 8.173   11.392  1.00 29.95 ? 95   ASN A ND2 1 
ATOM   549  N N   . THR A 1 74 ? -12.149 3.759   10.685  1.00 25.73 ? 96   THR A N   1 
ATOM   550  C CA  . THR A 1 74 ? -12.627 2.996   9.609   1.00 24.35 ? 96   THR A CA  1 
ATOM   551  C C   . THR A 1 74 ? -13.378 1.774   10.024  1.00 24.45 ? 96   THR A C   1 
ATOM   552  O O   . THR A 1 74 ? -14.289 1.327   9.330   1.00 22.80 ? 96   THR A O   1 
ATOM   553  C CB  . THR A 1 74 ? -11.389 2.451   8.813   1.00 25.08 ? 96   THR A CB  1 
ATOM   554  O OG1 . THR A 1 74 ? -10.549 3.552   8.507   1.00 22.70 ? 96   THR A OG1 1 
ATOM   555  C CG2 . THR A 1 74 ? -11.884 1.883   7.491   1.00 19.87 ? 96   THR A CG2 1 
ATOM   556  N N   . PHE A 1 75 ? -12.942 1.144   11.093  1.00 25.02 ? 97   PHE A N   1 
ATOM   557  C CA  . PHE A 1 75 ? -13.674 -0.031  11.576  1.00 28.39 ? 97   PHE A CA  1 
ATOM   558  C C   . PHE A 1 75 ? -15.121 0.397   11.849  1.00 29.29 ? 97   PHE A C   1 
ATOM   559  O O   . PHE A 1 75 ? -16.094 -0.233  11.407  1.00 28.47 ? 97   PHE A O   1 
ATOM   560  C CB  . PHE A 1 75 ? -13.159 -0.461  12.948  1.00 26.63 ? 97   PHE A CB  1 
ATOM   561  C CG  . PHE A 1 75 ? -13.900 -1.621  13.511  1.00 31.00 ? 97   PHE A CG  1 
ATOM   562  C CD1 . PHE A 1 75 ? -13.681 -2.915  13.039  1.00 33.12 ? 97   PHE A CD1 1 
ATOM   563  C CD2 . PHE A 1 75 ? -14.865 -1.429  14.489  1.00 31.36 ? 97   PHE A CD2 1 
ATOM   564  C CE1 . PHE A 1 75 ? -14.380 -3.997  13.565  1.00 33.39 ? 97   PHE A CE1 1 
ATOM   565  C CE2 . PHE A 1 75 ? -15.560 -2.497  15.001  1.00 29.55 ? 97   PHE A CE2 1 
ATOM   566  C CZ  . PHE A 1 75 ? -15.321 -3.790  14.532  1.00 30.90 ? 97   PHE A CZ  1 
ATOM   567  N N   . ILE A 1 76 ? -15.221 1.532   12.524  1.00 30.17 ? 98   ILE A N   1 
ATOM   568  C CA  . ILE A 1 76 ? -16.475 2.022   13.011  1.00 32.45 ? 98   ILE A CA  1 
ATOM   569  C C   . ILE A 1 76 ? -17.368 2.415   11.883  1.00 35.46 ? 98   ILE A C   1 
ATOM   570  O O   . ILE A 1 76 ? -18.509 1.939   11.765  1.00 35.31 ? 98   ILE A O   1 
ATOM   571  C CB  . ILE A 1 76 ? -16.231 3.256   13.968  1.00 30.99 ? 98   ILE A CB  1 
ATOM   572  C CG1 . ILE A 1 76 ? -15.461 2.813   15.238  1.00 26.96 ? 98   ILE A CG1 1 
ATOM   573  C CG2 . ILE A 1 76 ? -17.580 4.079   14.163  1.00 29.11 ? 98   ILE A CG2 1 
ATOM   574  C CD1 . ILE A 1 76 ? -15.152 3.992   16.298  1.00 25.32 ? 98   ILE A CD1 1 
ATOM   575  N N   . ASN A 1 77 ? -16.857 3.310   11.051  1.00 38.63 ? 99   ASN A N   1 
ATOM   576  C CA  . ASN A 1 77 ? -17.626 3.849   9.957   1.00 42.04 ? 99   ASN A CA  1 
ATOM   577  C C   . ASN A 1 77 ? -17.802 3.048   8.699   1.00 43.53 ? 99   ASN A C   1 
ATOM   578  O O   . ASN A 1 77 ? -18.508 3.495   7.825   1.00 44.94 ? 99   ASN A O   1 
ATOM   579  C CB  . ASN A 1 77 ? -17.162 5.258   9.616   1.00 42.47 ? 99   ASN A CB  1 
ATOM   580  C CG  . ASN A 1 77 ? -17.193 6.179   10.851  1.00 45.84 ? 99   ASN A CG  1 
ATOM   581  O OD1 . ASN A 1 77 ? -18.193 6.847   11.108  1.00 51.07 ? 99   ASN A OD1 1 
ATOM   582  N ND2 . ASN A 1 77 ? -16.094 6.209   11.619  1.00 47.03 ? 99   ASN A ND2 1 
ATOM   583  N N   . SER A 1 78 ? -17.179 1.882   8.591   1.00 45.77 ? 100  SER A N   1 
ATOM   584  C CA  . SER A 1 78 ? -17.332 1.063   7.377   1.00 48.62 ? 100  SER A CA  1 
ATOM   585  C C   . SER A 1 78 ? -17.789 -0.291  7.778   1.00 49.94 ? 100  SER A C   1 
ATOM   586  O O   . SER A 1 78 ? -18.924 -0.638  7.580   1.00 52.01 ? 100  SER A O   1 
ATOM   587  C CB  . SER A 1 78 ? -16.059 0.959   6.531   1.00 48.56 ? 100  SER A CB  1 
ATOM   588  O OG  . SER A 1 78 ? -15.673 2.238   6.063   1.00 51.56 ? 100  SER A OG  1 
ATOM   589  N N   . TYR A 1 79 ? -16.898 -1.088  8.335   1.00 51.44 ? 101  TYR A N   1 
ATOM   590  C CA  . TYR A 1 79 ? -17.314 -2.343  8.843   1.00 53.40 ? 101  TYR A CA  1 
ATOM   591  C C   . TYR A 1 79 ? -18.290 -1.985  9.992   1.00 54.29 ? 101  TYR A C   1 
ATOM   592  O O   . TYR A 1 79 ? -18.723 -0.832  10.124  1.00 55.16 ? 101  TYR A O   1 
ATOM   593  C CB  . TYR A 1 79 ? -16.095 -3.112  9.292   1.00 53.36 ? 101  TYR A CB  1 
ATOM   594  C CG  . TYR A 1 79 ? -16.364 -4.493  9.820   1.00 55.79 ? 101  TYR A CG  1 
ATOM   595  C CD1 . TYR A 1 79 ? -16.972 -4.705  11.062  1.00 58.52 ? 101  TYR A CD1 1 
ATOM   596  C CD2 . TYR A 1 79 ? -15.986 -5.590  9.087   1.00 57.52 ? 101  TYR A CD2 1 
ATOM   597  C CE1 . TYR A 1 79 ? -17.182 -6.022  11.548  1.00 61.60 ? 101  TYR A CE1 1 
ATOM   598  C CE2 . TYR A 1 79 ? -16.197 -6.884  9.542   1.00 60.87 ? 101  TYR A CE2 1 
ATOM   599  C CZ  . TYR A 1 79 ? -16.785 -7.100  10.754  1.00 62.49 ? 101  TYR A CZ  1 
ATOM   600  O OH  . TYR A 1 79 ? -16.939 -8.417  11.122  1.00 66.25 ? 101  TYR A OH  1 
ATOM   601  N N   . ARG A 1 80 ? -18.626 -2.957  10.822  1.00 54.94 ? 102  ARG A N   1 
ATOM   602  C CA  . ARG A 1 80 ? -19.640 -2.726  11.867  1.00 55.18 ? 102  ARG A CA  1 
ATOM   603  C C   . ARG A 1 80 ? -21.030 -2.792  11.234  1.00 55.03 ? 102  ARG A C   1 
ATOM   604  O O   . ARG A 1 80 ? -21.461 -1.839  10.589  1.00 55.07 ? 102  ARG A O   1 
ATOM   605  C CB  . ARG A 1 80 ? -19.458 -1.375  12.553  1.00 55.62 ? 102  ARG A CB  1 
ATOM   606  C CG  . ARG A 1 80 ? -18.827 -1.494  13.933  1.00 55.33 ? 102  ARG A CG  1 
ATOM   607  C CD  . ARG A 1 80 ? -19.779 -1.874  15.023  1.00 54.60 ? 102  ARG A CD  1 
ATOM   608  N NE  . ARG A 1 80 ? -20.529 -0.714  15.451  1.00 53.52 ? 102  ARG A NE  1 
ATOM   609  C CZ  . ARG A 1 80 ? -21.359 -0.706  16.483  1.00 52.78 ? 102  ARG A CZ  1 
ATOM   610  N NH1 . ARG A 1 80 ? -21.544 -1.781  17.227  1.00 49.17 ? 102  ARG A NH1 1 
ATOM   611  N NH2 . ARG A 1 80 ? -22.002 0.401   16.775  1.00 54.07 ? 102  ARG A NH2 1 
ATOM   612  N N   . GLY B 1 3  ? -9.089  9.663   -24.771 1.00 57.47 ? 25   GLY B N   1 
ATOM   613  C CA  . GLY B 1 3  ? -7.671  9.309   -25.201 1.00 57.85 ? 25   GLY B CA  1 
ATOM   614  C C   . GLY B 1 3  ? -6.505  10.178  -25.722 1.00 58.31 ? 25   GLY B C   1 
ATOM   615  O O   . GLY B 1 3  ? -6.075  11.168  -25.088 1.00 58.80 ? 25   GLY B O   1 
ATOM   616  N N   . ALA B 1 4  ? -6.019  9.748   -26.895 1.00 58.74 ? 26   ALA B N   1 
ATOM   617  C CA  . ALA B 1 4  ? -4.796  10.190  -27.624 1.00 58.22 ? 26   ALA B CA  1 
ATOM   618  C C   . ALA B 1 4  ? -3.938  9.044   -27.098 1.00 57.47 ? 26   ALA B C   1 
ATOM   619  O O   . ALA B 1 4  ? -2.783  9.182   -26.649 1.00 57.90 ? 26   ALA B O   1 
ATOM   620  C CB  . ALA B 1 4  ? -4.322  11.541  -27.212 1.00 59.56 ? 26   ALA B CB  1 
ATOM   621  N N   . GLU B 1 5  ? -4.556  7.874   -27.172 1.00 55.85 ? 27   GLU B N   1 
ATOM   622  C CA  . GLU B 1 5  ? -4.076  6.707   -26.497 1.00 54.06 ? 27   GLU B CA  1 
ATOM   623  C C   . GLU B 1 5  ? -3.284  5.711   -27.180 1.00 52.66 ? 27   GLU B C   1 
ATOM   624  O O   . GLU B 1 5  ? -2.087  5.806   -27.235 1.00 56.16 ? 27   GLU B O   1 
ATOM   625  C CB  . GLU B 1 5  ? -5.259  5.935   -25.922 1.00 54.55 ? 27   GLU B CB  1 
ATOM   626  N N   . SER B 1 6  ? -3.970  4.735   -27.731 1.00 50.01 ? 28   SER B N   1 
ATOM   627  C CA  . SER B 1 6  ? -3.361  3.506   -28.178 1.00 47.54 ? 28   SER B CA  1 
ATOM   628  C C   . SER B 1 6  ? -3.109  2.897   -26.813 1.00 45.59 ? 28   SER B C   1 
ATOM   629  O O   . SER B 1 6  ? -2.190  3.300   -26.063 1.00 45.47 ? 28   SER B O   1 
ATOM   630  C CB  . SER B 1 6  ? -2.109  3.680   -28.980 1.00 47.41 ? 28   SER B CB  1 
ATOM   631  O OG  . SER B 1 6  ? -1.608  4.981   -28.794 1.00 50.23 ? 28   SER B OG  1 
ATOM   632  N N   . THR B 1 7  ? -3.969  1.954   -26.460 1.00 41.38 ? 29   THR B N   1 
ATOM   633  C CA  . THR B 1 7  ? -3.835  1.280   -25.223 1.00 39.35 ? 29   THR B CA  1 
ATOM   634  C C   . THR B 1 7  ? -2.363  0.886   -25.047 1.00 37.47 ? 29   THR B C   1 
ATOM   635  O O   . THR B 1 7  ? -1.848  0.880   -23.958 1.00 36.86 ? 29   THR B O   1 
ATOM   636  C CB  . THR B 1 7  ? -4.760  0.105   -25.233 1.00 38.25 ? 29   THR B CB  1 
ATOM   637  O OG1 . THR B 1 7  ? -6.063  0.637   -25.096 1.00 38.09 ? 29   THR B OG1 1 
ATOM   638  C CG2 . THR B 1 7  ? -4.636  -0.695  -23.963 1.00 38.65 ? 29   THR B CG2 1 
ATOM   639  N N   . ALA B 1 8  ? -1.704  0.602   -26.159 1.00 35.37 ? 30   ALA B N   1 
ATOM   640  C CA  . ALA B 1 8  ? -0.326  0.212   -26.145 1.00 35.26 ? 30   ALA B CA  1 
ATOM   641  C C   . ALA B 1 8  ? 0.598   1.299   -25.550 1.00 33.59 ? 30   ALA B C   1 
ATOM   642  O O   . ALA B 1 8  ? 1.390   0.997   -24.733 1.00 32.99 ? 30   ALA B O   1 
ATOM   643  C CB  . ALA B 1 8  ? 0.138   -0.169  -27.532 1.00 34.69 ? 30   ALA B CB  1 
ATOM   644  N N   . GLU B 1 9  ? 0.454   2.541   -25.995 1.00 32.62 ? 31   GLU B N   1 
ATOM   645  C CA  . GLU B 1 9  ? 1.245   3.624   -25.513 1.00 32.26 ? 31   GLU B CA  1 
ATOM   646  C C   . GLU B 1 9  ? 0.867   3.887   -24.031 1.00 31.73 ? 31   GLU B C   1 
ATOM   647  O O   . GLU B 1 9  ? 1.724   4.158   -23.195 1.00 30.83 ? 31   GLU B O   1 
ATOM   648  C CB  . GLU B 1 9  ? 0.896   4.901   -26.251 1.00 32.48 ? 31   GLU B CB  1 
ATOM   649  C CG  . GLU B 1 9  ? 1.635   5.262   -27.537 1.00 42.92 ? 31   GLU B CG  1 
ATOM   650  C CD  . GLU B 1 9  ? 0.839   6.313   -28.403 1.00 52.23 ? 31   GLU B CD  1 
ATOM   651  O OE1 . GLU B 1 9  ? -0.275  5.998   -28.874 1.00 50.92 ? 31   GLU B OE1 1 
ATOM   652  O OE2 . GLU B 1 9  ? 1.288   7.486   -28.611 1.00 55.49 ? 31   GLU B OE2 1 
ATOM   653  N N   . ARG B 1 10 ? -0.416  3.791   -23.713 1.00 30.09 ? 32   ARG B N   1 
ATOM   654  C CA  . ARG B 1 10 ? -0.850  4.112   -22.365 1.00 29.27 ? 32   ARG B CA  1 
ATOM   655  C C   . ARG B 1 10 ? -0.284  3.091   -21.482 1.00 28.45 ? 32   ARG B C   1 
ATOM   656  O O   . ARG B 1 10 ? 0.223   3.373   -20.453 1.00 26.59 ? 32   ARG B O   1 
ATOM   657  C CB  . ARG B 1 10 ? -2.357  4.000   -22.199 1.00 28.88 ? 32   ARG B CB  1 
ATOM   658  C CG  . ARG B 1 10 ? -2.889  4.772   -20.991 1.00 34.31 ? 32   ARG B CG  1 
ATOM   659  C CD  . ARG B 1 10 ? -4.400  4.789   -20.808 1.00 43.45 ? 32   ARG B CD  1 
ATOM   660  N NE  . ARG B 1 10 ? -4.778  3.930   -19.696 1.00 53.55 ? 32   ARG B NE  1 
ATOM   661  C CZ  . ARG B 1 10 ? -5.721  3.002   -19.737 1.00 55.86 ? 32   ARG B CZ  1 
ATOM   662  N NH1 . ARG B 1 10 ? -6.401  2.786   -20.876 1.00 58.16 ? 32   ARG B NH1 1 
ATOM   663  N NH2 . ARG B 1 10 ? -5.970  2.291   -18.629 1.00 55.79 ? 32   ARG B NH2 1 
ATOM   664  N N   . SER B 1 11 ? -0.379  1.850   -21.913 1.00 28.51 ? 33   SER B N   1 
ATOM   665  C CA  . SER B 1 11 ? 0.059   0.813   -21.114 1.00 29.58 ? 33   SER B CA  1 
ATOM   666  C C   . SER B 1 11 ? 1.556   0.857   -20.890 1.00 30.45 ? 33   SER B C   1 
ATOM   667  O O   . SER B 1 11 ? 2.041   0.377   -19.857 1.00 30.71 ? 33   SER B O   1 
ATOM   668  C CB  . SER B 1 11 ? -0.313  -0.429  -21.782 1.00 31.56 ? 33   SER B CB  1 
ATOM   669  O OG  . SER B 1 11 ? -0.024  -1.468  -20.875 1.00 42.29 ? 33   SER B OG  1 
ATOM   670  N N   . ALA B 1 12 ? 2.305   1.416   -21.838 1.00 28.57 ? 34   ALA B N   1 
ATOM   671  C CA  . ALA B 1 12 ? 3.757   1.483   -21.660 1.00 28.01 ? 34   ALA B CA  1 
ATOM   672  C C   . ALA B 1 12 ? 4.082   2.692   -20.780 1.00 26.38 ? 34   ALA B C   1 
ATOM   673  O O   . ALA B 1 12 ? 5.063   2.664   -20.042 1.00 25.84 ? 34   ALA B O   1 
ATOM   674  C CB  . ALA B 1 12 ? 4.538   1.566   -23.039 1.00 26.14 ? 34   ALA B CB  1 
ATOM   675  N N   . ARG B 1 13 ? 3.290   3.749   -20.895 1.00 25.34 ? 35   ARG B N   1 
ATOM   676  C CA  . ARG B 1 13 ? 3.505   4.914   -20.071 1.00 28.40 ? 35   ARG B CA  1 
ATOM   677  C C   . ARG B 1 13 ? 3.261   4.460   -18.563 1.00 27.50 ? 35   ARG B C   1 
ATOM   678  O O   . ARG B 1 13 ? 4.092   4.662   -17.677 1.00 26.75 ? 35   ARG B O   1 
ATOM   679  C CB  . ARG B 1 13 ? 2.726   6.115   -20.595 1.00 29.73 ? 35   ARG B CB  1 
ATOM   680  C CG  . ARG B 1 13 ? 2.866   7.393   -19.744 1.00 33.20 ? 35   ARG B CG  1 
ATOM   681  C CD  . ARG B 1 13 ? 2.229   8.539   -20.436 1.00 43.10 ? 35   ARG B CD  1 
ATOM   682  N NE  . ARG B 1 13 ? 0.766   8.487   -20.257 1.00 54.02 ? 35   ARG B NE  1 
ATOM   683  C CZ  . ARG B 1 13 ? -0.131  8.119   -21.213 1.00 62.10 ? 35   ARG B CZ  1 
ATOM   684  N NH1 . ARG B 1 13 ? 0.279   7.752   -22.467 1.00 57.87 ? 35   ARG B NH1 1 
ATOM   685  N NH2 . ARG B 1 13 ? -1.460  8.139   -20.914 1.00 62.73 ? 35   ARG B NH2 1 
ATOM   686  N N   . PHE B 1 14 ? 2.202   3.703   -18.357 1.00 26.68 ? 36   PHE B N   1 
ATOM   687  C CA  . PHE B 1 14 ? 1.912   3.120   -17.061 1.00 26.73 ? 36   PHE B CA  1 
ATOM   688  C C   . PHE B 1 14 ? 3.022   2.221   -16.538 1.00 27.33 ? 36   PHE B C   1 
ATOM   689  O O   . PHE B 1 14 ? 3.277   2.210   -15.338 1.00 28.47 ? 36   PHE B O   1 
ATOM   690  C CB  . PHE B 1 14 ? 0.633   2.336   -17.182 1.00 24.74 ? 36   PHE B CB  1 
ATOM   691  C CG  . PHE B 1 14 ? 0.412   1.388   -16.125 1.00 24.65 ? 36   PHE B CG  1 
ATOM   692  C CD1 . PHE B 1 14 ? -0.265  1.789   -14.960 1.00 26.59 ? 36   PHE B CD1 1 
ATOM   693  C CD2 . PHE B 1 14 ? 0.749   0.057   -16.302 1.00 23.28 ? 36   PHE B CD2 1 
ATOM   694  C CE1 . PHE B 1 14 ? -0.568  0.905   -13.967 1.00 24.05 ? 36   PHE B CE1 1 
ATOM   695  C CE2 . PHE B 1 14 ? 0.503   -0.835  -15.293 1.00 29.03 ? 36   PHE B CE2 1 
ATOM   696  C CZ  . PHE B 1 14 ? -0.176  -0.409  -14.120 1.00 30.13 ? 36   PHE B CZ  1 
ATOM   697  N N   . GLU B 1 15 ? 3.657   1.441   -17.407 1.00 26.54 ? 37   GLU B N   1 
ATOM   698  C CA  . GLU B 1 15 ? 4.790   0.610   -16.966 1.00 26.26 ? 37   GLU B CA  1 
ATOM   699  C C   . GLU B 1 15 ? 6.004   1.483   -16.498 1.00 25.93 ? 37   GLU B C   1 
ATOM   700  O O   . GLU B 1 15 ? 6.571   1.241   -15.444 1.00 24.89 ? 37   GLU B O   1 
ATOM   701  C CB  . GLU B 1 15 ? 5.176   -0.412  -18.033 1.00 26.94 ? 37   GLU B CB  1 
ATOM   702  C CG  . GLU B 1 15 ? 4.191   -1.565  -18.175 1.00 26.74 ? 37   GLU B CG  1 
ATOM   703  C CD  . GLU B 1 15 ? 4.105   -2.153  -19.595 1.00 31.97 ? 37   GLU B CD  1 
ATOM   704  O OE1 . GLU B 1 15 ? 5.125   -2.142  -20.362 1.00 27.39 ? 37   GLU B OE1 1 
ATOM   705  O OE2 . GLU B 1 15 ? 3.028   -2.699  -19.910 1.00 30.29 ? 37   GLU B OE2 1 
ATOM   706  N N   . ARG B 1 16 ? 6.334   2.516   -17.264 1.00 25.58 ? 38   ARG B N   1 
ATOM   707  C CA  . ARG B 1 16 ? 7.421   3.424   -16.905 1.00 27.03 ? 38   ARG B CA  1 
ATOM   708  C C   . ARG B 1 16 ? 7.115   4.111   -15.519 1.00 27.49 ? 38   ARG B C   1 
ATOM   709  O O   . ARG B 1 16 ? 7.915   4.016   -14.580 1.00 27.91 ? 38   ARG B O   1 
ATOM   710  C CB  . ARG B 1 16 ? 7.699   4.438   -18.008 1.00 23.63 ? 38   ARG B CB  1 
ATOM   711  C CG  . ARG B 1 16 ? 8.087   3.696   -19.287 1.00 28.42 ? 38   ARG B CG  1 
ATOM   712  C CD  . ARG B 1 16 ? 8.807   4.514   -20.262 1.00 20.99 ? 38   ARG B CD  1 
ATOM   713  N NE  . ARG B 1 16 ? 7.952   5.634   -20.616 1.00 23.58 ? 38   ARG B NE  1 
ATOM   714  C CZ  . ARG B 1 16 ? 7.071   5.593   -21.625 1.00 23.99 ? 38   ARG B CZ  1 
ATOM   715  N NH1 . ARG B 1 16 ? 6.919   4.470   -22.357 1.00 20.25 ? 38   ARG B NH1 1 
ATOM   716  N NH2 . ARG B 1 16 ? 6.345   6.663   -21.904 1.00 21.25 ? 38   ARG B NH2 1 
ATOM   717  N N   . ASP B 1 17 ? 5.981   4.794   -15.434 1.00 27.03 ? 39   ASP B N   1 
ATOM   718  C CA  . ASP B 1 17 ? 5.523   5.436   -14.180 1.00 27.28 ? 39   ASP B CA  1 
ATOM   719  C C   . ASP B 1 17 ? 5.659   4.500   -13.012 1.00 26.13 ? 39   ASP B C   1 
ATOM   720  O O   . ASP B 1 17 ? 6.220   4.833   -12.008 1.00 27.61 ? 39   ASP B O   1 
ATOM   721  C CB  . ASP B 1 17 ? 4.073   5.934   -14.361 1.00 28.02 ? 39   ASP B CB  1 
ATOM   722  C CG  . ASP B 1 17 ? 4.035   7.127   -15.238 1.00 29.48 ? 39   ASP B CG  1 
ATOM   723  O OD1 . ASP B 1 17 ? 5.160   7.609   -15.489 1.00 31.74 ? 39   ASP B OD1 1 
ATOM   724  O OD2 . ASP B 1 17 ? 3.017   7.690   -15.720 1.00 35.64 ? 39   ASP B OD2 1 
ATOM   725  N N   . ALA B 1 18 ? 5.225   3.267   -13.191 1.00 26.48 ? 40   ALA B N   1 
ATOM   726  C CA  . ALA B 1 18 ? 5.294   2.296   -12.107 1.00 25.92 ? 40   ALA B CA  1 
ATOM   727  C C   . ALA B 1 18 ? 6.708   1.965   -11.723 1.00 26.08 ? 40   ALA B C   1 
ATOM   728  O O   . ALA B 1 18 ? 7.083   1.893   -10.483 1.00 24.59 ? 40   ALA B O   1 
ATOM   729  C CB  . ALA B 1 18 ? 4.554   0.980   -12.542 1.00 23.72 ? 40   ALA B CB  1 
ATOM   730  N N   . LEU B 1 19 ? 7.517   1.732   -12.767 1.00 25.86 ? 41   LEU B N   1 
ATOM   731  C CA  . LEU B 1 19 ? 8.910   1.317   -12.577 1.00 23.82 ? 41   LEU B CA  1 
ATOM   732  C C   . LEU B 1 19 ? 9.706   2.396   -11.934 1.00 22.61 ? 41   LEU B C   1 
ATOM   733  O O   . LEU B 1 19 ? 10.692  2.098   -11.304 1.00 21.98 ? 41   LEU B O   1 
ATOM   734  C CB  . LEU B 1 19 ? 9.603   0.778   -13.853 1.00 24.68 ? 41   LEU B CB  1 
ATOM   735  C CG  . LEU B 1 19 ? 9.212   -0.708  -14.147 1.00 25.44 ? 41   LEU B CG  1 
ATOM   736  C CD1 . LEU B 1 19 ? 9.480   -1.008  -15.591 1.00 25.40 ? 41   LEU B CD1 1 
ATOM   737  C CD2 . LEU B 1 19 ? 9.910   -1.711  -13.260 1.00 24.31 ? 41   LEU B CD2 1 
ATOM   738  N N   . GLU B 1 20 ? 9.272   3.636   -12.065 1.00 21.40 ? 42   GLU B N   1 
ATOM   739  C CA  . GLU B 1 20 ? 9.937   4.723   -11.418 1.00 24.97 ? 42   GLU B CA  1 
ATOM   740  C C   . GLU B 1 20 ? 9.853   4.569   -9.816  1.00 27.94 ? 42   GLU B C   1 
ATOM   741  O O   . GLU B 1 20 ? 10.772  4.982   -9.098  1.00 29.53 ? 42   GLU B O   1 
ATOM   742  C CB  . GLU B 1 20 ? 9.248   6.016   -11.793 1.00 24.46 ? 42   GLU B CB  1 
ATOM   743  C CG  . GLU B 1 20 ? 9.908   7.233   -11.195 1.00 28.83 ? 42   GLU B CG  1 
ATOM   744  C CD  . GLU B 1 20 ? 9.105   8.507   -11.352 1.00 41.42 ? 42   GLU B CD  1 
ATOM   745  O OE1 . GLU B 1 20 ? 8.271   8.618   -12.279 1.00 47.10 ? 42   GLU B OE1 1 
ATOM   746  O OE2 . GLU B 1 20 ? 9.279   9.428   -10.522 1.00 47.71 ? 42   GLU B OE2 1 
ATOM   747  N N   . PHE B 1 21 ? 8.791   3.953   -9.306  1.00 28.59 ? 43   PHE B N   1 
ATOM   748  C CA  . PHE B 1 21 ? 8.628   3.797   -7.841  1.00 29.27 ? 43   PHE B CA  1 
ATOM   749  C C   . PHE B 1 21 ? 9.151   2.469   -7.378  1.00 29.55 ? 43   PHE B C   1 
ATOM   750  O O   . PHE B 1 21 ? 9.066   2.159   -6.186  1.00 30.17 ? 43   PHE B O   1 
ATOM   751  C CB  . PHE B 1 21 ? 7.159   3.873   -7.358  1.00 28.43 ? 43   PHE B CB  1 
ATOM   752  C CG  . PHE B 1 21 ? 6.430   5.116   -7.786  1.00 30.60 ? 43   PHE B CG  1 
ATOM   753  C CD1 . PHE B 1 21 ? 6.869   6.375   -7.422  1.00 34.65 ? 43   PHE B CD1 1 
ATOM   754  C CD2 . PHE B 1 21 ? 5.305   5.032   -8.564  1.00 31.82 ? 43   PHE B CD2 1 
ATOM   755  C CE1 . PHE B 1 21 ? 6.199   7.537   -7.854  1.00 36.91 ? 43   PHE B CE1 1 
ATOM   756  C CE2 . PHE B 1 21 ? 4.592   6.204   -8.968  1.00 34.42 ? 43   PHE B CE2 1 
ATOM   757  C CZ  . PHE B 1 21 ? 5.044   7.462   -8.612  1.00 30.93 ? 43   PHE B CZ  1 
ATOM   758  N N   . LEU B 1 22 ? 9.689   1.665   -8.282  1.00 28.41 ? 44   LEU B N   1 
ATOM   759  C CA  . LEU B 1 22 ? 10.189  0.336   -7.848  1.00 27.26 ? 44   LEU B CA  1 
ATOM   760  C C   . LEU B 1 22 ? 11.160  0.360   -6.652  1.00 25.45 ? 44   LEU B C   1 
ATOM   761  O O   . LEU B 1 22 ? 11.251  -0.586  -5.871  1.00 25.68 ? 44   LEU B O   1 
ATOM   762  C CB  . LEU B 1 22 ? 10.904  -0.429  -9.013  1.00 26.55 ? 44   LEU B CB  1 
ATOM   763  C CG  . LEU B 1 22 ? 11.369  -1.732  -8.366  1.00 27.47 ? 44   LEU B CG  1 
ATOM   764  C CD1 . LEU B 1 22 ? 10.573  -2.915  -8.734  1.00 33.85 ? 44   LEU B CD1 1 
ATOM   765  C CD2 . LEU B 1 22 ? 12.704  -1.925  -8.739  1.00 33.27 ? 44   LEU B CD2 1 
ATOM   766  N N   . ASP B 1 23 ? 11.922  1.423   -6.528  1.00 24.53 ? 45   ASP B N   1 
ATOM   767  C CA  . ASP B 1 23 ? 12.909  1.477   -5.460  1.00 25.07 ? 45   ASP B CA  1 
ATOM   768  C C   . ASP B 1 23 ? 12.176  1.700   -4.122  1.00 24.42 ? 45   ASP B C   1 
ATOM   769  O O   . ASP B 1 23 ? 12.463  1.035   -3.176  1.00 24.17 ? 45   ASP B O   1 
ATOM   770  C CB  . ASP B 1 23 ? 13.804  2.642   -5.727  1.00 25.34 ? 45   ASP B CB  1 
ATOM   771  C CG  . ASP B 1 23 ? 15.041  2.690   -4.812  1.00 31.45 ? 45   ASP B CG  1 
ATOM   772  O OD1 . ASP B 1 23 ? 15.507  1.674   -4.222  1.00 39.77 ? 45   ASP B OD1 1 
ATOM   773  O OD2 . ASP B 1 23 ? 15.586  3.786   -4.582  1.00 35.69 ? 45   ASP B OD2 1 
ATOM   774  N N   . GLN B 1 24 ? 11.235  2.641   -4.114  1.00 23.85 ? 46   GLN B N   1 
ATOM   775  C CA  . GLN B 1 24 ? 10.433  2.953   -2.984  1.00 26.81 ? 46   GLN B CA  1 
ATOM   776  C C   . GLN B 1 24 ? 9.717   1.677   -2.588  1.00 27.84 ? 46   GLN B C   1 
ATOM   777  O O   . GLN B 1 24 ? 9.757   1.325   -1.405  1.00 28.35 ? 46   GLN B O   1 
ATOM   778  C CB  . GLN B 1 24 ? 9.486   4.101   -3.348  1.00 27.33 ? 46   GLN B CB  1 
ATOM   779  C CG  . GLN B 1 24 ? 8.350   4.395   -2.318  1.00 30.82 ? 46   GLN B CG  1 
ATOM   780  C CD  . GLN B 1 24 ? 8.866   4.685   -0.930  1.00 33.63 ? 46   GLN B CD  1 
ATOM   781  O OE1 . GLN B 1 24 ? 10.095  4.884   -0.718  1.00 33.80 ? 46   GLN B OE1 1 
ATOM   782  N NE2 . GLN B 1 24 ? 7.966   4.617   0.037   1.00 32.59 ? 46   GLN B NE2 1 
ATOM   783  N N   . MET B 1 25 ? 9.180   0.943   -3.581  1.00 26.03 ? 47   MET B N   1 
ATOM   784  C CA  . MET B 1 25 ? 8.407   -0.262  -3.328  1.00 24.94 ? 47   MET B CA  1 
ATOM   785  C C   . MET B 1 25 ? 9.212   -1.388  -2.844  1.00 24.18 ? 47   MET B C   1 
ATOM   786  O O   . MET B 1 25 ? 8.765   -2.226  -2.095  1.00 26.21 ? 47   MET B O   1 
ATOM   787  C CB  . MET B 1 25 ? 7.676   -0.740  -4.577  1.00 24.14 ? 47   MET B CB  1 
ATOM   788  C CG  . MET B 1 25 ? 6.744   0.248   -5.079  1.00 24.09 ? 47   MET B CG  1 
ATOM   789  S SD  . MET B 1 25 ? 5.182   0.043   -4.193  1.00 28.75 ? 47   MET B SD  1 
ATOM   790  C CE  . MET B 1 25 ? 4.565   1.812   -4.429  1.00 18.53 ? 47   MET B CE  1 
ATOM   791  N N   . TYR B 1 26 ? 10.421  -1.475  -3.346  1.00 23.48 ? 48   TYR B N   1 
ATOM   792  C CA  . TYR B 1 26 ? 11.336  -2.510  -2.868  1.00 20.60 ? 48   TYR B CA  1 
ATOM   793  C C   . TYR B 1 26 ? 11.772  -2.169  -1.401  1.00 20.03 ? 48   TYR B C   1 
ATOM   794  O O   . TYR B 1 26 ? 12.003  -3.042  -0.620  1.00 18.67 ? 48   TYR B O   1 
ATOM   795  C CB  . TYR B 1 26 ? 12.651  -2.445  -3.674  1.00 17.77 ? 48   TYR B CB  1 
ATOM   796  C CG  . TYR B 1 26 ? 13.544  -3.489  -3.203  1.00 12.38 ? 48   TYR B CG  1 
ATOM   797  C CD1 . TYR B 1 26 ? 13.119  -4.812  -3.193  1.00 11.21 ? 48   TYR B CD1 1 
ATOM   798  C CD2 . TYR B 1 26 ? 14.787  -3.191  -2.689  1.00 11.64 ? 48   TYR B CD2 1 
ATOM   799  C CE1 . TYR B 1 26 ? 13.988  -5.857  -2.743  1.00 12.27 ? 48   TYR B CE1 1 
ATOM   800  C CE2 . TYR B 1 26 ? 15.702  -4.281  -2.267  1.00 11.03 ? 48   TYR B CE2 1 
ATOM   801  C CZ  . TYR B 1 26 ? 15.254  -5.548  -2.271  1.00 13.02 ? 48   TYR B CZ  1 
ATOM   802  O OH  . TYR B 1 26 ? 16.155  -6.532  -1.813  1.00 21.94 ? 48   TYR B OH  1 
ATOM   803  N N   . SER B 1 27 ? 11.998  -0.894  -1.137  1.00 20.21 ? 49   SER B N   1 
ATOM   804  C CA  . SER B 1 27 ? 12.452  -0.458  0.163   1.00 23.10 ? 49   SER B CA  1 
ATOM   805  C C   . SER B 1 27 ? 11.247  -0.860  1.151   1.00 23.32 ? 49   SER B C   1 
ATOM   806  O O   . SER B 1 27 ? 11.437  -1.610  2.097   1.00 22.22 ? 49   SER B O   1 
ATOM   807  C CB  . SER B 1 27 ? 12.699  1.051   0.138   1.00 22.08 ? 49   SER B CB  1 
ATOM   808  O OG  . SER B 1 27 ? 13.849  1.384   -0.629  1.00 28.83 ? 49   SER B OG  1 
ATOM   809  N N   . ALA B 1 28 ? 10.032  -0.431  0.821   1.00 23.48 ? 50   ALA B N   1 
ATOM   810  C CA  . ALA B 1 28 ? 8.863   -0.767  1.640   1.00 24.69 ? 50   ALA B CA  1 
ATOM   811  C C   . ALA B 1 28 ? 8.865   -2.264  1.855   1.00 25.38 ? 50   ALA B C   1 
ATOM   812  O O   . ALA B 1 28 ? 8.659   -2.741  2.998   1.00 24.34 ? 50   ALA B O   1 
ATOM   813  C CB  . ALA B 1 28 ? 7.532   -0.239  1.017   1.00 23.52 ? 50   ALA B CB  1 
ATOM   814  N N   . ALA B 1 29 ? 9.185   -3.037  0.819   1.00 23.87 ? 51   ALA B N   1 
ATOM   815  C CA  . ALA B 1 29 ? 9.126   -4.512  1.036   1.00 23.46 ? 51   ALA B CA  1 
ATOM   816  C C   . ALA B 1 29 ? 10.241  -5.042  1.910   1.00 23.89 ? 51   ALA B C   1 
ATOM   817  O O   . ALA B 1 29 ? 10.173  -6.178  2.509   1.00 22.66 ? 51   ALA B O   1 
ATOM   818  C CB  . ALA B 1 29 ? 9.043   -5.256  -0.287  1.00 23.53 ? 51   ALA B CB  1 
ATOM   819  N N   . LEU B 1 30 ? 11.327  -4.289  1.993   1.00 23.30 ? 52   LEU B N   1 
ATOM   820  C CA  . LEU B 1 30 ? 12.365  -4.774  2.880   1.00 26.30 ? 52   LEU B CA  1 
ATOM   821  C C   . LEU B 1 30 ? 11.829  -4.614  4.348   1.00 27.29 ? 52   LEU B C   1 
ATOM   822  O O   . LEU B 1 30 ? 12.024  -5.463  5.202   1.00 28.24 ? 52   LEU B O   1 
ATOM   823  C CB  . LEU B 1 30 ? 13.631  -3.977  2.704   1.00 26.18 ? 52   LEU B CB  1 
ATOM   824  C CG  . LEU B 1 30 ? 14.494  -4.504  1.599   1.00 28.97 ? 52   LEU B CG  1 
ATOM   825  C CD1 . LEU B 1 30 ? 15.446  -3.360  1.282   1.00 34.62 ? 52   LEU B CD1 1 
ATOM   826  C CD2 . LEU B 1 30 ? 15.183  -5.830  1.959   1.00 28.62 ? 52   LEU B CD2 1 
ATOM   827  N N   . ARG B 1 31 ? 11.135  -3.521  4.595   1.00 27.64 ? 53   ARG B N   1 
ATOM   828  C CA  . ARG B 1 31 ? 10.560  -3.321  5.893   1.00 31.02 ? 53   ARG B CA  1 
ATOM   829  C C   . ARG B 1 31 ? 9.471   -4.300  6.343   1.00 32.16 ? 53   ARG B C   1 
ATOM   830  O O   . ARG B 1 31 ? 9.367   -4.590  7.502   1.00 33.06 ? 53   ARG B O   1 
ATOM   831  C CB  . ARG B 1 31 ? 10.282  -1.834  6.062   1.00 30.49 ? 53   ARG B CB  1 
ATOM   832  C CG  . ARG B 1 31 ? 11.713  -1.297  6.366   1.00 31.48 ? 53   ARG B CG  1 
ATOM   833  C CD  . ARG B 1 31 ? 11.940  0.103   6.745   1.00 27.77 ? 53   ARG B CD  1 
ATOM   834  N NE  . ARG B 1 31 ? 11.276  0.391   7.991   1.00 29.12 ? 53   ARG B NE  1 
ATOM   835  C CZ  . ARG B 1 31 ? 11.001  1.638   8.241   1.00 27.93 ? 53   ARG B CZ  1 
ATOM   836  N NH1 . ARG B 1 31 ? 11.385  2.561   7.374   1.00 24.10 ? 53   ARG B NH1 1 
ATOM   837  N NH2 . ARG B 1 31 ? 10.407  1.975   9.311   1.00 31.06 ? 53   ARG B NH2 1 
ATOM   838  N N   . MET B 1 32 ? 8.692   -4.825  5.396   1.00 33.56 ? 54   MET B N   1 
ATOM   839  C CA  . MET B 1 32 ? 7.603   -5.752  5.696   1.00 32.36 ? 54   MET B CA  1 
ATOM   840  C C   . MET B 1 32 ? 8.017   -7.232  5.837   1.00 32.34 ? 54   MET B C   1 
ATOM   841  O O   . MET B 1 32 ? 7.351   -7.982  6.528   1.00 31.72 ? 54   MET B O   1 
ATOM   842  C CB  . MET B 1 32 ? 6.555   -5.663  4.566   1.00 31.86 ? 54   MET B CB  1 
ATOM   843  C CG  . MET B 1 32 ? 6.350   -4.244  4.121   1.00 32.78 ? 54   MET B CG  1 
ATOM   844  S SD  . MET B 1 32 ? 5.167   -4.090  2.812   1.00 30.82 ? 54   MET B SD  1 
ATOM   845  C CE  . MET B 1 32 ? 4.201   -5.344  3.115   1.00 32.08 ? 54   MET B CE  1 
ATOM   846  N N   . THR B 1 33 ? 9.100   -7.643  5.189   1.00 31.35 ? 55   THR B N   1 
ATOM   847  C CA  . THR B 1 33 ? 9.445   -9.059  5.161   1.00 31.95 ? 55   THR B CA  1 
ATOM   848  C C   . THR B 1 33 ? 10.667  -9.250  5.897   1.00 33.95 ? 55   THR B C   1 
ATOM   849  O O   . THR B 1 33 ? 11.045  -10.374 6.176   1.00 34.01 ? 55   THR B O   1 
ATOM   850  C CB  . THR B 1 33 ? 9.816   -9.588  3.724   1.00 32.45 ? 55   THR B CB  1 
ATOM   851  O OG1 . THR B 1 33 ? 10.869  -8.777  3.138   1.00 26.93 ? 55   THR B OG1 1 
ATOM   852  C CG2 . THR B 1 33 ? 8.614   -9.566  2.761   1.00 32.52 ? 55   THR B CG2 1 
ATOM   853  N N   . ARG B 1 34 ? 11.369  -8.159  6.160   1.00 37.46 ? 56   ARG B N   1 
ATOM   854  C CA  . ARG B 1 34 ? 12.599  -8.265  6.854   1.00 41.48 ? 56   ARG B CA  1 
ATOM   855  C C   . ARG B 1 34 ? 13.264  -9.532  6.287   1.00 43.62 ? 56   ARG B C   1 
ATOM   856  O O   . ARG B 1 34 ? 13.347  -10.564 7.024   1.00 46.02 ? 56   ARG B O   1 
ATOM   857  C CB  . ARG B 1 34 ? 12.332  -8.443  8.358   1.00 44.37 ? 56   ARG B CB  1 
ATOM   858  C CG  . ARG B 1 34 ? 11.736  -7.182  9.122   1.00 48.00 ? 56   ARG B CG  1 
ATOM   859  C CD  . ARG B 1 34 ? 10.356  -7.370  9.716   1.00 57.30 ? 56   ARG B CD  1 
ATOM   860  N NE  . ARG B 1 34 ? 10.042  -6.300  10.679  1.00 64.67 ? 56   ARG B NE  1 
ATOM   861  C CZ  . ARG B 1 34 ? 8.813   -5.797  10.911  1.00 66.82 ? 56   ARG B CZ  1 
ATOM   862  N NH1 . ARG B 1 34 ? 7.740   -6.236  10.258  1.00 65.04 ? 56   ARG B NH1 1 
ATOM   863  N NH2 . ARG B 1 34 ? 8.661   -4.831  11.804  1.00 68.84 ? 56   ARG B NH2 1 
ATOM   864  N N   . ASN B 1 35 ? 13.687  -9.470  5.014   1.00 42.41 ? 57   ASN B N   1 
ATOM   865  C CA  . ASN B 1 35 ? 14.390  -10.575 4.305   1.00 42.36 ? 57   ASN B CA  1 
ATOM   866  C C   . ASN B 1 35 ? 14.533  -10.328 2.776   1.00 40.05 ? 57   ASN B C   1 
ATOM   867  O O   . ASN B 1 35 ? 13.608  -10.583 2.011   1.00 40.18 ? 57   ASN B O   1 
ATOM   868  C CB  . ASN B 1 35 ? 13.801  -11.958 4.564   1.00 42.75 ? 57   ASN B CB  1 
ATOM   869  C CG  . ASN B 1 35 ? 14.491  -13.019 3.701   1.00 47.96 ? 57   ASN B CG  1 
ATOM   870  O OD1 . ASN B 1 35 ? 14.343  -13.027 2.473   1.00 53.26 ? 57   ASN B OD1 1 
ATOM   871  N ND2 . ASN B 1 35 ? 15.283  -13.886 4.330   1.00 50.53 ? 57   ASN B ND2 1 
ATOM   872  N N   . PRO B 1 36 ? 15.699  -9.855  2.358   1.00 38.33 ? 58   PRO B N   1 
ATOM   873  C CA  . PRO B 1 36 ? 15.955  -9.468  0.939   1.00 37.18 ? 58   PRO B CA  1 
ATOM   874  C C   . PRO B 1 36 ? 15.344  -10.428 -0.080  1.00 35.34 ? 58   PRO B C   1 
ATOM   875  O O   . PRO B 1 36 ? 14.640  -9.999  -0.992  1.00 34.64 ? 58   PRO B O   1 
ATOM   876  C CB  . PRO B 1 36 ? 17.497  -9.476  0.807   1.00 36.61 ? 58   PRO B CB  1 
ATOM   877  C CG  . PRO B 1 36 ? 18.002  -9.278  2.233   1.00 38.31 ? 58   PRO B CG  1 
ATOM   878  C CD  . PRO B 1 36 ? 16.889  -9.717  3.209   1.00 38.49 ? 58   PRO B CD  1 
ATOM   879  N N   . ALA B 1 37 ? 15.580  -11.717 0.112   1.00 33.71 ? 59   ALA B N   1 
ATOM   880  C CA  . ALA B 1 37 ? 15.052  -12.705 -0.772  1.00 33.40 ? 59   ALA B CA  1 
ATOM   881  C C   . ALA B 1 37 ? 13.558  -12.623 -0.867  1.00 33.94 ? 59   ALA B C   1 
ATOM   882  O O   . ALA B 1 37 ? 13.011  -12.536 -1.991  1.00 35.24 ? 59   ALA B O   1 
ATOM   883  C CB  . ALA B 1 37 ? 15.514  -14.112 -0.344  1.00 33.86 ? 59   ALA B CB  1 
ATOM   884  N N   . ASP B 1 38 ? 12.884  -12.621 0.287   1.00 32.99 ? 60   ASP B N   1 
ATOM   885  C CA  . ASP B 1 38 ? 11.436  -12.554 0.320   1.00 32.22 ? 60   ASP B CA  1 
ATOM   886  C C   . ASP B 1 38 ? 11.001  -11.211 -0.184  1.00 29.47 ? 60   ASP B C   1 
ATOM   887  O O   . ASP B 1 38 ? 9.996   -11.104 -0.825  1.00 30.26 ? 60   ASP B O   1 
ATOM   888  C CB  . ASP B 1 38 ? 10.862  -12.779 1.738   1.00 34.63 ? 60   ASP B CB  1 
ATOM   889  C CG  . ASP B 1 38 ? 11.100  -14.175 2.249   1.00 39.12 ? 60   ASP B CG  1 
ATOM   890  O OD1 . ASP B 1 38 ? 11.238  -15.101 1.420   1.00 43.27 ? 60   ASP B OD1 1 
ATOM   891  O OD2 . ASP B 1 38 ? 11.161  -14.436 3.490   1.00 46.95 ? 60   ASP B OD2 1 
ATOM   892  N N   . ALA B 1 39 ? 11.768  -10.173 0.085   1.00 27.84 ? 61   ALA B N   1 
ATOM   893  C CA  . ALA B 1 39 ? 11.345  -8.877  -0.388  1.00 28.68 ? 61   ALA B CA  1 
ATOM   894  C C   . ALA B 1 39 ? 11.378  -8.813  -1.964  1.00 29.93 ? 61   ALA B C   1 
ATOM   895  O O   . ALA B 1 39 ? 10.477  -8.247  -2.580  1.00 31.11 ? 61   ALA B O   1 
ATOM   896  C CB  . ALA B 1 39 ? 12.105  -7.764  0.237   1.00 25.62 ? 61   ALA B CB  1 
ATOM   897  N N   . GLU B 1 40 ? 12.391  -9.405  -2.584  1.00 29.77 ? 62   GLU B N   1 
ATOM   898  C CA  . GLU B 1 40 ? 12.475  -9.359  -4.038  1.00 30.44 ? 62   GLU B CA  1 
ATOM   899  C C   . GLU B 1 40 ? 11.260  -10.096 -4.596  1.00 29.10 ? 62   GLU B C   1 
ATOM   900  O O   . GLU B 1 40 ? 10.538  -9.582  -5.401  1.00 27.32 ? 62   GLU B O   1 
ATOM   901  C CB  . GLU B 1 40 ? 13.820  -9.959  -4.588  1.00 30.59 ? 62   GLU B CB  1 
ATOM   902  C CG  . GLU B 1 40 ? 13.931  -9.757  -6.085  1.00 32.79 ? 62   GLU B CG  1 
ATOM   903  C CD  . GLU B 1 40 ? 15.303  -10.106 -6.716  1.00 40.15 ? 62   GLU B CD  1 
ATOM   904  O OE1 . GLU B 1 40 ? 16.354  -9.980  -6.014  1.00 38.05 ? 62   GLU B OE1 1 
ATOM   905  O OE2 . GLU B 1 40 ? 15.304  -10.470 -7.965  1.00 39.72 ? 62   GLU B OE2 1 
ATOM   906  N N   . ASP B 1 41 ? 11.073  -11.325 -4.141  1.00 31.05 ? 63   ASP B N   1 
ATOM   907  C CA  . ASP B 1 41 ? 9.936   -12.150 -4.554  1.00 33.62 ? 63   ASP B CA  1 
ATOM   908  C C   . ASP B 1 41 ? 8.633   -11.316 -4.420  1.00 33.14 ? 63   ASP B C   1 
ATOM   909  O O   . ASP B 1 41 ? 7.866   -11.221 -5.362  1.00 34.05 ? 63   ASP B O   1 
ATOM   910  C CB  . ASP B 1 41 ? 9.887   -13.423 -3.686  1.00 34.92 ? 63   ASP B CB  1 
ATOM   911  C CG  . ASP B 1 41 ? 10.960  -14.496 -4.084  1.00 41.19 ? 63   ASP B CG  1 
ATOM   912  O OD1 . ASP B 1 41 ? 11.932  -14.190 -4.832  1.00 46.33 ? 63   ASP B OD1 1 
ATOM   913  O OD2 . ASP B 1 41 ? 10.934  -15.700 -3.657  1.00 48.29 ? 63   ASP B OD2 1 
ATOM   914  N N   . LEU B 1 42 ? 8.431   -10.677 -3.269  1.00 31.40 ? 64   LEU B N   1 
ATOM   915  C CA  . LEU B 1 42 ? 7.252   -9.840  -3.061  1.00 30.14 ? 64   LEU B CA  1 
ATOM   916  C C   . LEU B 1 42 ? 7.087   -8.670  -4.010  1.00 28.72 ? 64   LEU B C   1 
ATOM   917  O O   . LEU B 1 42 ? 5.968   -8.454  -4.513  1.00 27.14 ? 64   LEU B O   1 
ATOM   918  C CB  . LEU B 1 42 ? 7.124   -9.389  -1.545  1.00 30.64 ? 64   LEU B CB  1 
ATOM   919  C CG  . LEU B 1 42 ? 6.044   -8.335  -1.306  1.00 30.30 ? 64   LEU B CG  1 
ATOM   920  C CD1 . LEU B 1 42 ? 4.725   -9.129  -1.330  1.00 21.69 ? 64   LEU B CD1 1 
ATOM   921  C CD2 . LEU B 1 42 ? 6.272   -7.710  0.100   1.00 31.32 ? 64   LEU B CD2 1 
ATOM   922  N N   . VAL B 1 43 ? 8.131   -7.870  -4.239  1.00 28.37 ? 65   VAL B N   1 
ATOM   923  C CA  . VAL B 1 43 ? 7.965   -6.784  -5.253  1.00 28.11 ? 65   VAL B CA  1 
ATOM   924  C C   . VAL B 1 43 ? 7.775   -7.312  -6.680  1.00 27.10 ? 65   VAL B C   1 
ATOM   925  O O   . VAL B 1 43 ? 7.060   -6.716  -7.444  1.00 27.52 ? 65   VAL B O   1 
ATOM   926  C CB  . VAL B 1 43 ? 9.114   -5.819  -5.501  1.00 29.50 ? 65   VAL B CB  1 
ATOM   927  C CG1 . VAL B 1 43 ? 8.977   -4.650  -4.626  1.00 28.53 ? 65   VAL B CG1 1 
ATOM   928  C CG2 . VAL B 1 43 ? 10.450  -6.526  -5.542  1.00 28.76 ? 65   VAL B CG2 1 
ATOM   929  N N   . GLN B 1 44 ? 8.408   -8.418  -7.027  1.00 26.64 ? 66   GLN B N   1 
ATOM   930  C CA  . GLN B 1 44 ? 8.262   -8.963  -8.391  1.00 25.98 ? 66   GLN B CA  1 
ATOM   931  C C   . GLN B 1 44 ? 6.873   -9.456  -8.620  1.00 27.62 ? 66   GLN B C   1 
ATOM   932  O O   . GLN B 1 44 ? 6.273   -9.285  -9.733  1.00 26.63 ? 66   GLN B O   1 
ATOM   933  C CB  . GLN B 1 44 ? 9.126   -10.170 -8.557  1.00 24.56 ? 66   GLN B CB  1 
ATOM   934  C CG  . GLN B 1 44 ? 10.583  -9.864  -8.657  1.00 26.43 ? 66   GLN B CG  1 
ATOM   935  C CD  . GLN B 1 44 ? 11.129  -9.455  -10.119 1.00 25.64 ? 66   GLN B CD  1 
ATOM   936  O OE1 . GLN B 1 44 ? 10.437  -8.960  -10.997 1.00 21.52 ? 66   GLN B OE1 1 
ATOM   937  N NE2 . GLN B 1 44 ? 12.385  -9.625  -10.266 1.00 23.51 ? 66   GLN B NE2 1 
ATOM   938  N N   . GLU B 1 45 ? 6.295   -10.063 -7.575  1.00 29.05 ? 67   GLU B N   1 
ATOM   939  C CA  . GLU B 1 45 ? 4.973   -10.636 -7.751  1.00 27.97 ? 67   GLU B CA  1 
ATOM   940  C C   . GLU B 1 45 ? 4.039   -9.503  -7.841  1.00 26.29 ? 67   GLU B C   1 
ATOM   941  O O   . GLU B 1 45 ? 3.034   -9.608  -8.489  1.00 27.14 ? 67   GLU B O   1 
ATOM   942  C CB  . GLU B 1 45 ? 4.627   -11.674 -6.716  1.00 29.87 ? 67   GLU B CB  1 
ATOM   943  C CG  . GLU B 1 45 ? 3.206   -12.202 -6.900  1.00 38.75 ? 67   GLU B CG  1 
ATOM   944  C CD  . GLU B 1 45 ? 2.795   -13.274 -5.879  1.00 48.49 ? 67   GLU B CD  1 
ATOM   945  O OE1 . GLU B 1 45 ? 3.696   -13.971 -5.334  1.00 51.70 ? 67   GLU B OE1 1 
ATOM   946  O OE2 . GLU B 1 45 ? 1.556   -13.457 -5.637  1.00 55.05 ? 67   GLU B OE2 1 
ATOM   947  N N   . THR B 1 46 ? 4.443   -8.354  -7.300  1.00 25.36 ? 68   THR B N   1 
ATOM   948  C CA  . THR B 1 46 ? 3.560   -7.219  -7.201  1.00 23.72 ? 68   THR B CA  1 
ATOM   949  C C   . THR B 1 46 ? 3.511   -6.563  -8.488  1.00 24.94 ? 68   THR B C   1 
ATOM   950  O O   . THR B 1 46 ? 2.436   -6.302  -9.008  1.00 27.61 ? 68   THR B O   1 
ATOM   951  C CB  . THR B 1 46 ? 4.103   -6.211  -6.181  1.00 23.72 ? 68   THR B CB  1 
ATOM   952  O OG1 . THR B 1 46 ? 4.123   -6.830  -4.936  1.00 21.62 ? 68   THR B OG1 1 
ATOM   953  C CG2 . THR B 1 46 ? 3.261   -5.048  -5.982  1.00 15.10 ? 68   THR B CG2 1 
ATOM   954  N N   . TYR B 1 47 ? 4.682   -6.215  -8.995  1.00 24.49 ? 69   TYR B N   1 
ATOM   955  C CA  . TYR B 1 47 ? 4.829   -5.617  -10.364 1.00 23.72 ? 69   TYR B CA  1 
ATOM   956  C C   . TYR B 1 47 ? 4.134   -6.481  -11.461 1.00 23.47 ? 69   TYR B C   1 
ATOM   957  O O   . TYR B 1 47 ? 3.410   -6.018  -12.325 1.00 24.10 ? 69   TYR B O   1 
ATOM   958  C CB  . TYR B 1 47 ? 6.306   -5.315  -10.648 1.00 18.85 ? 69   TYR B CB  1 
ATOM   959  C CG  . TYR B 1 47 ? 6.582   -3.952  -10.129 1.00 21.49 ? 69   TYR B CG  1 
ATOM   960  C CD1 . TYR B 1 47 ? 6.742   -3.688  -8.717  1.00 23.23 ? 69   TYR B CD1 1 
ATOM   961  C CD2 . TYR B 1 47 ? 6.570   -2.883  -10.968 1.00 16.76 ? 69   TYR B CD2 1 
ATOM   962  C CE1 . TYR B 1 47 ? 6.942   -2.387  -8.267  1.00 16.67 ? 69   TYR B CE1 1 
ATOM   963  C CE2 . TYR B 1 47 ? 6.820   -1.652  -10.535 1.00 15.26 ? 69   TYR B CE2 1 
ATOM   964  C CZ  . TYR B 1 47 ? 7.016   -1.393  -9.177  1.00 19.23 ? 69   TYR B CZ  1 
ATOM   965  O OH  . TYR B 1 47 ? 7.189   -0.055  -8.847  1.00 16.23 ? 69   TYR B OH  1 
ATOM   966  N N   . ALA B 1 48 ? 4.346   -7.775  -11.371 1.00 25.44 ? 70   ALA B N   1 
ATOM   967  C CA  . ALA B 1 48 ? 3.757   -8.666  -12.341 1.00 25.44 ? 70   ALA B CA  1 
ATOM   968  C C   . ALA B 1 48 ? 2.219   -8.491  -12.255 1.00 27.63 ? 70   ALA B C   1 
ATOM   969  O O   . ALA B 1 48 ? 1.557   -8.385  -13.296 1.00 28.77 ? 70   ALA B O   1 
ATOM   970  C CB  . ALA B 1 48 ? 4.219   -10.084 -12.072 1.00 23.23 ? 70   ALA B CB  1 
ATOM   971  N N   . LYS B 1 49 ? 1.651   -8.432  -11.029 1.00 29.24 ? 71   LYS B N   1 
ATOM   972  C CA  . LYS B 1 49 ? 0.214   -8.227  -10.881 1.00 26.15 ? 71   LYS B CA  1 
ATOM   973  C C   . LYS B 1 49 ? -0.097  -6.861  -11.358 1.00 23.49 ? 71   LYS B C   1 
ATOM   974  O O   . LYS B 1 49 ? -1.096  -6.636  -12.024 1.00 25.14 ? 71   LYS B O   1 
ATOM   975  C CB  . LYS B 1 49 ? -0.244  -8.313  -9.425  1.00 30.52 ? 71   LYS B CB  1 
ATOM   976  C CG  . LYS B 1 49 ? -0.203  -9.704  -8.838  1.00 37.12 ? 71   LYS B CG  1 
ATOM   977  C CD  . LYS B 1 49 ? -0.978  -9.676  -7.517  1.00 44.84 ? 71   LYS B CD  1 
ATOM   978  C CE  . LYS B 1 49 ? -0.783  -10.942 -6.633  1.00 48.20 ? 71   LYS B CE  1 
ATOM   979  N NZ  . LYS B 1 49 ? -1.559  -10.876 -5.311  1.00 45.84 ? 71   LYS B NZ  1 
ATOM   980  N N   . ALA B 1 50 ? 0.718   -5.882  -11.024 1.00 22.21 ? 72   ALA B N   1 
ATOM   981  C CA  . ALA B 1 50 ? 0.389   -4.558  -11.529 1.00 22.17 ? 72   ALA B CA  1 
ATOM   982  C C   . ALA B 1 50 ? 0.297   -4.637  -13.092 1.00 26.43 ? 72   ALA B C   1 
ATOM   983  O O   . ALA B 1 50 ? -0.699  -4.144  -13.629 1.00 29.43 ? 72   ALA B O   1 
ATOM   984  C CB  . ALA B 1 50 ? 1.356   -3.551  -11.105 1.00 19.85 ? 72   ALA B CB  1 
ATOM   985  N N   . TYR B 1 51 ? 1.277   -5.245  -13.788 1.00 26.43 ? 73   TYR B N   1 
ATOM   986  C CA  . TYR B 1 51 ? 1.234   -5.262  -15.295 1.00 29.71 ? 73   TYR B CA  1 
ATOM   987  C C   . TYR B 1 51 ? -0.054  -5.932  -15.757 1.00 31.57 ? 73   TYR B C   1 
ATOM   988  O O   . TYR B 1 51 ? -0.820  -5.346  -16.511 1.00 33.35 ? 73   TYR B O   1 
ATOM   989  C CB  . TYR B 1 51 ? 2.431   -5.956  -16.022 1.00 25.79 ? 73   TYR B CB  1 
ATOM   990  C CG  . TYR B 1 51 ? 3.762   -5.493  -15.509 1.00 21.96 ? 73   TYR B CG  1 
ATOM   991  C CD1 . TYR B 1 51 ? 4.067   -4.170  -15.490 1.00 14.34 ? 73   TYR B CD1 1 
ATOM   992  C CD2 . TYR B 1 51 ? 4.707   -6.391  -15.032 1.00 18.31 ? 73   TYR B CD2 1 
ATOM   993  C CE1 . TYR B 1 51 ? 5.257   -3.726  -15.042 1.00 14.57 ? 73   TYR B CE1 1 
ATOM   994  C CE2 . TYR B 1 51 ? 5.937   -5.924  -14.540 1.00 18.94 ? 73   TYR B CE2 1 
ATOM   995  C CZ  . TYR B 1 51 ? 6.180   -4.572  -14.574 1.00 19.53 ? 73   TYR B CZ  1 
ATOM   996  O OH  . TYR B 1 51 ? 7.364   -4.046  -14.033 1.00 26.50 ? 73   TYR B OH  1 
ATOM   997  N N   . ALA B 1 52 ? -0.278  -7.154  -15.305 1.00 32.50 ? 74   ALA B N   1 
ATOM   998  C CA  . ALA B 1 52 ? -1.476  -7.852  -15.671 1.00 34.91 ? 74   ALA B CA  1 
ATOM   999  C C   . ALA B 1 52 ? -2.836  -7.196  -15.320 1.00 36.30 ? 74   ALA B C   1 
ATOM   1000 O O   . ALA B 1 52 ? -3.825  -7.644  -15.822 1.00 36.94 ? 74   ALA B O   1 
ATOM   1001 C CB  . ALA B 1 52 ? -1.439  -9.236  -15.125 1.00 34.40 ? 74   ALA B CB  1 
ATOM   1002 N N   . SER B 1 53 ? -2.863  -6.155  -14.487 1.00 37.77 ? 75   SER B N   1 
ATOM   1003 C CA  . SER B 1 53 ? -4.145  -5.533  -14.091 1.00 37.41 ? 75   SER B CA  1 
ATOM   1004 C C   . SER B 1 53 ? -4.220  -4.194  -14.650 1.00 37.61 ? 75   SER B C   1 
ATOM   1005 O O   . SER B 1 53 ? -5.069  -3.366  -14.240 1.00 37.84 ? 75   SER B O   1 
ATOM   1006 C CB  . SER B 1 53 ? -4.230  -5.317  -12.598 1.00 37.74 ? 75   SER B CB  1 
ATOM   1007 O OG  . SER B 1 53 ? -3.949  -6.489  -11.906 1.00 38.86 ? 75   SER B OG  1 
ATOM   1008 N N   . PHE B 1 54 ? -3.309  -3.903  -15.562 1.00 37.25 ? 76   PHE B N   1 
ATOM   1009 C CA  . PHE B 1 54 ? -3.374  -2.609  -16.192 1.00 38.97 ? 76   PHE B CA  1 
ATOM   1010 C C   . PHE B 1 54 ? -4.831  -2.265  -16.563 1.00 39.54 ? 76   PHE B C   1 
ATOM   1011 O O   . PHE B 1 54 ? -5.253  -1.117  -16.477 1.00 40.02 ? 76   PHE B O   1 
ATOM   1012 C CB  . PHE B 1 54 ? -2.577  -2.579  -17.471 1.00 37.15 ? 76   PHE B CB  1 
ATOM   1013 C CG  . PHE B 1 54 ? -2.828  -1.337  -18.232 1.00 37.40 ? 76   PHE B CG  1 
ATOM   1014 C CD1 . PHE B 1 54 ? -2.718  -0.129  -17.582 1.00 32.00 ? 76   PHE B CD1 1 
ATOM   1015 C CD2 . PHE B 1 54 ? -3.297  -1.354  -19.518 1.00 36.77 ? 76   PHE B CD2 1 
ATOM   1016 C CE1 . PHE B 1 54 ? -2.950  1.007   -18.190 1.00 29.50 ? 76   PHE B CE1 1 
ATOM   1017 C CE2 . PHE B 1 54 ? -3.554  -0.138  -20.153 1.00 36.15 ? 76   PHE B CE2 1 
ATOM   1018 C CZ  . PHE B 1 54 ? -3.347  1.029   -19.491 1.00 32.48 ? 76   PHE B CZ  1 
ATOM   1019 N N   . HIS B 1 55 ? -5.568  -3.276  -17.013 1.00 41.83 ? 77   HIS B N   1 
ATOM   1020 C CA  . HIS B 1 55 ? -6.966  -3.092  -17.445 1.00 44.96 ? 77   HIS B CA  1 
ATOM   1021 C C   . HIS B 1 55 ? -7.919  -2.457  -16.482 1.00 44.45 ? 77   HIS B C   1 
ATOM   1022 O O   . HIS B 1 55 ? -8.794  -1.744  -16.904 1.00 44.14 ? 77   HIS B O   1 
ATOM   1023 C CB  . HIS B 1 55 ? -7.570  -4.348  -18.135 1.00 46.06 ? 77   HIS B CB  1 
ATOM   1024 C CG  . HIS B 1 55 ? -7.826  -5.498  -17.215 1.00 47.50 ? 77   HIS B CG  1 
ATOM   1025 N ND1 . HIS B 1 55 ? -6.814  -6.248  -16.662 1.00 49.96 ? 77   HIS B ND1 1 
ATOM   1026 C CD2 . HIS B 1 55 ? -8.983  -6.048  -16.777 1.00 49.10 ? 77   HIS B CD2 1 
ATOM   1027 C CE1 . HIS B 1 55 ? -7.337  -7.221  -15.932 1.00 49.99 ? 77   HIS B CE1 1 
ATOM   1028 N NE2 . HIS B 1 55 ? -8.655  -7.113  -15.976 1.00 47.28 ? 77   HIS B NE2 1 
ATOM   1029 N N   . GLN B 1 56 ? -7.726  -2.690  -15.192 1.00 45.64 ? 78   GLN B N   1 
ATOM   1030 C CA  . GLN B 1 56 ? -8.570  -2.065  -14.174 1.00 47.27 ? 78   GLN B CA  1 
ATOM   1031 C C   . GLN B 1 56 ? -8.126  -0.721  -13.679 1.00 47.87 ? 78   GLN B C   1 
ATOM   1032 O O   . GLN B 1 56 ? -8.809  -0.136  -12.850 1.00 47.97 ? 78   GLN B O   1 
ATOM   1033 C CB  . GLN B 1 56 ? -8.576  -2.913  -12.911 1.00 46.33 ? 78   GLN B CB  1 
ATOM   1034 C CG  . GLN B 1 56 ? -8.666  -4.370  -13.217 1.00 51.26 ? 78   GLN B CG  1 
ATOM   1035 C CD  . GLN B 1 56 ? -8.337  -5.235  -12.014 1.00 58.58 ? 78   GLN B CD  1 
ATOM   1036 O OE1 . GLN B 1 56 ? -7.892  -4.719  -10.960 1.00 61.24 ? 78   GLN B OE1 1 
ATOM   1037 N NE2 . GLN B 1 56 ? -8.546  -6.553  -12.152 1.00 58.22 ? 78   GLN B NE2 1 
ATOM   1038 N N   . PHE B 1 57 ? -6.956  -0.257  -14.099 1.00 48.53 ? 79   PHE B N   1 
ATOM   1039 C CA  . PHE B 1 57 ? -6.450  1.019   -13.585 1.00 49.19 ? 79   PHE B CA  1 
ATOM   1040 C C   . PHE B 1 57 ? -7.209  2.110   -14.290 1.00 51.32 ? 79   PHE B C   1 
ATOM   1041 O O   . PHE B 1 57 ? -7.502  1.920   -15.422 1.00 52.85 ? 79   PHE B O   1 
ATOM   1042 C CB  . PHE B 1 57 ? -4.938  1.092   -13.781 1.00 48.18 ? 79   PHE B CB  1 
ATOM   1043 C CG  . PHE B 1 57 ? -4.341  2.309   -13.206 1.00 43.81 ? 79   PHE B CG  1 
ATOM   1044 C CD1 . PHE B 1 57 ? -4.117  2.402   -11.841 1.00 38.45 ? 79   PHE B CD1 1 
ATOM   1045 C CD2 . PHE B 1 57 ? -4.068  3.395   -14.017 1.00 32.84 ? 79   PHE B CD2 1 
ATOM   1046 C CE1 . PHE B 1 57 ? -3.599  3.562   -11.312 1.00 36.14 ? 79   PHE B CE1 1 
ATOM   1047 C CE2 . PHE B 1 57 ? -3.528  4.543   -13.488 1.00 36.10 ? 79   PHE B CE2 1 
ATOM   1048 C CZ  . PHE B 1 57 ? -3.300  4.648   -12.142 1.00 35.38 ? 79   PHE B CZ  1 
ATOM   1049 N N   . ARG B 1 58 ? -7.489  3.246   -13.652 1.00 54.11 ? 80   ARG B N   1 
ATOM   1050 C CA  . ARG B 1 58 ? -8.384  4.277   -14.261 1.00 56.72 ? 80   ARG B CA  1 
ATOM   1051 C C   . ARG B 1 58 ? -7.849  5.586   -14.846 1.00 57.82 ? 80   ARG B C   1 
ATOM   1052 O O   . ARG B 1 58 ? -7.079  5.585   -15.825 1.00 58.86 ? 80   ARG B O   1 
ATOM   1053 C CB  . ARG B 1 58 ? -9.515  4.615   -13.287 1.00 57.41 ? 80   ARG B CB  1 
ATOM   1054 C CG  . ARG B 1 58 ? -10.467 3.434   -13.003 1.00 61.20 ? 80   ARG B CG  1 
ATOM   1055 C CD  . ARG B 1 58 ? -11.139 2.795   -14.263 1.00 63.89 ? 80   ARG B CD  1 
ATOM   1056 N NE  . ARG B 1 58 ? -10.614 3.307   -15.531 1.00 68.26 ? 80   ARG B NE  1 
ATOM   1057 C CZ  . ARG B 1 58 ? -9.798  2.627   -16.348 1.00 70.77 ? 80   ARG B CZ  1 
ATOM   1058 N NH1 . ARG B 1 58 ? -9.396  1.395   -16.014 1.00 72.96 ? 80   ARG B NH1 1 
ATOM   1059 N NH2 . ARG B 1 58 ? -9.375  3.178   -17.489 1.00 68.19 ? 80   ARG B NH2 1 
ATOM   1060 N N   . GLU B 1 59 ? -8.265  6.707   -14.265 1.00 57.82 ? 81   GLU B N   1 
ATOM   1061 C CA  . GLU B 1 59 ? -7.839  7.980   -14.778 1.00 58.06 ? 81   GLU B CA  1 
ATOM   1062 C C   . GLU B 1 59 ? -6.752  8.586   -13.953 1.00 58.25 ? 81   GLU B C   1 
ATOM   1063 O O   . GLU B 1 59 ? -5.596  8.609   -14.354 1.00 59.29 ? 81   GLU B O   1 
ATOM   1064 C CB  . GLU B 1 59 ? -9.009  8.950   -14.830 1.00 59.81 ? 81   GLU B CB  1 
ATOM   1065 N N   . GLY B 1 60 ? -7.122  9.091   -12.784 1.00 57.90 ? 82   GLY B N   1 
ATOM   1066 C CA  . GLY B 1 60 ? -6.176  9.752   -11.898 1.00 55.94 ? 82   GLY B CA  1 
ATOM   1067 C C   . GLY B 1 60 ? -5.793  8.870   -10.736 1.00 54.45 ? 82   GLY B C   1 
ATOM   1068 O O   . GLY B 1 60 ? -4.899  9.221   -9.928  1.00 55.97 ? 82   GLY B O   1 
ATOM   1069 N N   . THR B 1 61 ? -6.469  7.734   -10.623 1.00 51.74 ? 83   THR B N   1 
ATOM   1070 C CA  . THR B 1 61 ? -6.110  6.728   -9.649  1.00 49.37 ? 83   THR B CA  1 
ATOM   1071 C C   . THR B 1 61 ? -4.659  7.013   -9.276  1.00 47.09 ? 83   THR B C   1 
ATOM   1072 O O   . THR B 1 61 ? -3.810  6.895   -10.156 1.00 47.65 ? 83   THR B O   1 
ATOM   1073 C CB  . THR B 1 61 ? -6.008  5.445   -10.445 1.00 49.54 ? 83   THR B CB  1 
ATOM   1074 O OG1 . THR B 1 61 ? -6.835  5.516   -11.633 1.00 51.91 ? 83   THR B OG1 1 
ATOM   1075 C CG2 . THR B 1 61 ? -6.455  4.245   -9.684  1.00 50.44 ? 83   THR B CG2 1 
ATOM   1076 N N   . ASN B 1 62 ? -4.361  7.383   -8.026  1.00 43.55 ? 84   ASN B N   1 
ATOM   1077 C CA  . ASN B 1 62 ? -2.973  7.630   -7.623  1.00 40.36 ? 84   ASN B CA  1 
ATOM   1078 C C   . ASN B 1 62 ? -2.248  6.337   -7.849  1.00 37.38 ? 84   ASN B C   1 
ATOM   1079 O O   . ASN B 1 62 ? -2.672  5.279   -7.385  1.00 37.79 ? 84   ASN B O   1 
ATOM   1080 C CB  . ASN B 1 62 ? -2.834  8.161   -6.165  1.00 41.72 ? 84   ASN B CB  1 
ATOM   1081 C CG  . ASN B 1 62 ? -1.399  8.145   -5.656  1.00 42.76 ? 84   ASN B CG  1 
ATOM   1082 O OD1 . ASN B 1 62 ? -0.869  7.087   -5.242  1.00 44.61 ? 84   ASN B OD1 1 
ATOM   1083 N ND2 . ASN B 1 62 ? -0.763  9.302   -5.659  1.00 42.37 ? 84   ASN B ND2 1 
ATOM   1084 N N   . LEU B 1 63 ? -1.135  6.407   -8.565  1.00 33.48 ? 85   LEU B N   1 
ATOM   1085 C CA  . LEU B 1 63 ? -0.423  5.203   -8.950  1.00 29.17 ? 85   LEU B CA  1 
ATOM   1086 C C   . LEU B 1 63 ? 0.186   4.562   -7.744  1.00 25.82 ? 85   LEU B C   1 
ATOM   1087 O O   . LEU B 1 63 ? 0.099   3.339   -7.535  1.00 22.70 ? 85   LEU B O   1 
ATOM   1088 C CB  . LEU B 1 63 ? 0.625   5.574   -10.002 1.00 29.35 ? 85   LEU B CB  1 
ATOM   1089 C CG  . LEU B 1 63 ? 1.403   4.412   -10.565 1.00 33.00 ? 85   LEU B CG  1 
ATOM   1090 C CD1 . LEU B 1 63 ? 0.539   3.193   -10.905 1.00 30.95 ? 85   LEU B CD1 1 
ATOM   1091 C CD2 . LEU B 1 63 ? 2.202   4.907   -11.765 1.00 37.06 ? 85   LEU B CD2 1 
ATOM   1092 N N   . LYS B 1 64 ? 0.790   5.402   -6.920  1.00 23.97 ? 86   LYS B N   1 
ATOM   1093 C CA  . LYS B 1 64 ? 1.436   4.938   -5.727  1.00 26.25 ? 86   LYS B CA  1 
ATOM   1094 C C   . LYS B 1 64 ? 0.463   4.157   -4.834  1.00 24.81 ? 86   LYS B C   1 
ATOM   1095 O O   . LYS B 1 64 ? 0.765   3.007   -4.369  1.00 24.49 ? 86   LYS B O   1 
ATOM   1096 C CB  . LYS B 1 64 ? 2.050   6.146   -4.971  1.00 27.41 ? 86   LYS B CB  1 
ATOM   1097 C CG  . LYS B 1 64 ? 3.509   6.411   -5.338  1.00 35.94 ? 86   LYS B CG  1 
ATOM   1098 C CD  . LYS B 1 64 ? 4.218   7.409   -4.364  1.00 41.47 ? 86   LYS B CD  1 
ATOM   1099 C CE  . LYS B 1 64 ? 5.512   6.897   -3.771  1.00 42.83 ? 86   LYS B CE  1 
ATOM   1100 N NZ  . LYS B 1 64 ? 5.928   7.931   -2.668  1.00 45.99 ? 86   LYS B NZ  1 
ATOM   1101 N N   . ALA B 1 65 ? -0.731  4.732   -4.629  1.00 24.06 ? 87   ALA B N   1 
ATOM   1102 C CA  . ALA B 1 65 ? -1.713  4.120   -3.679  1.00 21.68 ? 87   ALA B CA  1 
ATOM   1103 C C   . ALA B 1 65 ? -2.071  2.805   -4.272  1.00 21.00 ? 87   ALA B C   1 
ATOM   1104 O O   . ALA B 1 65 ? -2.066  1.756   -3.632  1.00 22.28 ? 87   ALA B O   1 
ATOM   1105 C CB  . ALA B 1 65 ? -2.904  5.058   -3.500  1.00 21.61 ? 87   ALA B CB  1 
ATOM   1106 N N   . TRP B 1 66 ? -2.287  2.816   -5.577  1.00 22.88 ? 88   TRP B N   1 
ATOM   1107 C CA  . TRP B 1 66 ? -2.627  1.588   -6.269  1.00 22.24 ? 88   TRP B CA  1 
ATOM   1108 C C   . TRP B 1 66 ? -1.519  0.540   -6.173  1.00 23.16 ? 88   TRP B C   1 
ATOM   1109 O O   . TRP B 1 66 ? -1.794  -0.682  -5.940  1.00 23.41 ? 88   TRP B O   1 
ATOM   1110 C CB  . TRP B 1 66 ? -3.015  1.976   -7.678  1.00 25.45 ? 88   TRP B CB  1 
ATOM   1111 C CG  . TRP B 1 66 ? -3.799  0.950   -8.455  1.00 31.61 ? 88   TRP B CG  1 
ATOM   1112 C CD1 . TRP B 1 66 ? -5.144  0.737   -8.425  1.00 35.05 ? 88   TRP B CD1 1 
ATOM   1113 C CD2 . TRP B 1 66 ? -3.274  0.047   -9.407  1.00 34.48 ? 88   TRP B CD2 1 
ATOM   1114 N NE1 . TRP B 1 66 ? -5.477  -0.277  -9.285  1.00 37.54 ? 88   TRP B NE1 1 
ATOM   1115 C CE2 . TRP B 1 66 ? -4.349  -0.713  -9.909  1.00 34.76 ? 88   TRP B CE2 1 
ATOM   1116 C CE3 . TRP B 1 66 ? -2.008  -0.185  -9.899  1.00 34.21 ? 88   TRP B CE3 1 
ATOM   1117 C CZ2 . TRP B 1 66 ? -4.199  -1.674  -10.904 1.00 38.01 ? 88   TRP B CZ2 1 
ATOM   1118 C CZ3 . TRP B 1 66 ? -1.846  -1.170  -10.898 1.00 38.09 ? 88   TRP B CZ3 1 
ATOM   1119 C CH2 . TRP B 1 66 ? -2.940  -1.900  -11.379 1.00 38.16 ? 88   TRP B CH2 1 
ATOM   1120 N N   . LEU B 1 67 ? -0.251  0.946   -6.312  1.00 21.35 ? 89   LEU B N   1 
ATOM   1121 C CA  . LEU B 1 67 ? 0.805   -0.077  -6.161  1.00 19.58 ? 89   LEU B CA  1 
ATOM   1122 C C   . LEU B 1 67 ? 0.869   -0.493  -4.659  1.00 17.95 ? 89   LEU B C   1 
ATOM   1123 O O   . LEU B 1 67 ? 1.027   -1.680  -4.302  1.00 17.75 ? 89   LEU B O   1 
ATOM   1124 C CB  . LEU B 1 67 ? 2.183   0.425   -6.743  1.00 21.96 ? 89   LEU B CB  1 
ATOM   1125 C CG  . LEU B 1 67 ? 2.169   0.714   -8.273  1.00 23.84 ? 89   LEU B CG  1 
ATOM   1126 C CD1 . LEU B 1 67 ? 3.377   1.583   -8.668  1.00 25.26 ? 89   LEU B CD1 1 
ATOM   1127 C CD2 . LEU B 1 67 ? 2.122   -0.569  -9.120  1.00 23.99 ? 89   LEU B CD2 1 
ATOM   1128 N N   . TYR B 1 68 ? 0.742   0.476   -3.750  1.00 17.90 ? 90   TYR B N   1 
ATOM   1129 C CA  . TYR B 1 68 ? 0.708   0.088   -2.239  1.00 17.89 ? 90   TYR B CA  1 
ATOM   1130 C C   . TYR B 1 68 ? -0.330  -1.021  -1.936  1.00 16.99 ? 90   TYR B C   1 
ATOM   1131 O O   . TYR B 1 68 ? -0.007  -2.146  -1.430  1.00 15.06 ? 90   TYR B O   1 
ATOM   1132 C CB  . TYR B 1 68 ? 0.627   1.310   -1.391  1.00 18.33 ? 90   TYR B CB  1 
ATOM   1133 C CG  . TYR B 1 68 ? 1.954   2.078   -1.296  1.00 15.07 ? 90   TYR B CG  1 
ATOM   1134 C CD1 . TYR B 1 68 ? 3.172   1.446   -1.225  1.00 16.55 ? 90   TYR B CD1 1 
ATOM   1135 C CD2 . TYR B 1 68 ? 1.964   3.428   -1.387  1.00 20.44 ? 90   TYR B CD2 1 
ATOM   1136 C CE1 . TYR B 1 68 ? 4.344   2.207   -1.079  1.00 14.50 ? 90   TYR B CE1 1 
ATOM   1137 C CE2 . TYR B 1 68 ? 3.114   4.152   -1.316  1.00 13.62 ? 90   TYR B CE2 1 
ATOM   1138 C CZ  . TYR B 1 68 ? 4.241   3.544   -1.115  1.00 12.67 ? 90   TYR B CZ  1 
ATOM   1139 O OH  . TYR B 1 68 ? 5.257   4.413   -0.983  1.00 19.96 ? 90   TYR B OH  1 
ATOM   1140 N N   . ARG B 1 69 ? -1.553  -0.777  -2.382  1.00 18.45 ? 91   ARG B N   1 
ATOM   1141 C CA  . ARG B 1 69 ? -2.631  -1.846  -2.338  1.00 18.80 ? 91   ARG B CA  1 
ATOM   1142 C C   . ARG B 1 69 ? -2.337  -3.245  -2.890  1.00 20.73 ? 91   ARG B C   1 
ATOM   1143 O O   . ARG B 1 69 ? -2.601  -4.311  -2.196  1.00 22.73 ? 91   ARG B O   1 
ATOM   1144 C CB  . ARG B 1 69 ? -3.818  -1.235  -3.003  1.00 19.72 ? 91   ARG B CB  1 
ATOM   1145 C CG  . ARG B 1 69 ? -4.987  -2.047  -3.169  1.00 24.79 ? 91   ARG B CG  1 
ATOM   1146 C CD  . ARG B 1 69 ? -6.179  -1.224  -3.714  1.00 28.55 ? 91   ARG B CD  1 
ATOM   1147 N NE  . ARG B 1 69 ? -7.209  -2.003  -3.145  1.00 37.90 ? 91   ARG B NE  1 
ATOM   1148 C CZ  . ARG B 1 69 ? -7.956  -1.661  -2.127  1.00 31.38 ? 91   ARG B CZ  1 
ATOM   1149 N NH1 . ARG B 1 69 ? -7.977  -0.413  -1.654  1.00 32.02 ? 91   ARG B NH1 1 
ATOM   1150 N NH2 . ARG B 1 69 ? -8.731  -2.597  -1.691  1.00 28.25 ? 91   ARG B NH2 1 
ATOM   1151 N N   . ILE B 1 70 ? -1.742  -3.319  -4.090  1.00 20.62 ? 92   ILE B N   1 
ATOM   1152 C CA  . ILE B 1 70 ? -1.375  -4.603  -4.650  1.00 18.47 ? 92   ILE B CA  1 
ATOM   1153 C C   . ILE B 1 70 ? -0.261  -5.142  -3.851  1.00 18.73 ? 92   ILE B C   1 
ATOM   1154 O O   . ILE B 1 70 ? -0.162  -6.391  -3.542  1.00 20.97 ? 92   ILE B O   1 
ATOM   1155 C CB  . ILE B 1 70 ? -0.828  -4.484  -6.140  1.00 20.94 ? 92   ILE B CB  1 
ATOM   1156 C CG1 . ILE B 1 70 ? -1.944  -4.039  -7.086  1.00 23.45 ? 92   ILE B CG1 1 
ATOM   1157 C CG2 . ILE B 1 70 ? -0.164  -5.886  -6.564  1.00 15.75 ? 92   ILE B CG2 1 
ATOM   1158 C CD1 . ILE B 1 70 ? -1.525  -3.811  -8.535  1.00 24.82 ? 92   ILE B CD1 1 
ATOM   1159 N N   . LEU B 1 71 ? 0.684   -4.264  -3.549  1.00 18.47 ? 93   LEU B N   1 
ATOM   1160 C CA  . LEU B 1 71 ? 1.777   -4.687  -2.653  1.00 18.36 ? 93   LEU B CA  1 
ATOM   1161 C C   . LEU B 1 71 ? 1.130   -5.202  -1.332  1.00 17.71 ? 93   LEU B C   1 
ATOM   1162 O O   . LEU B 1 71 ? 1.482   -6.308  -0.805  1.00 16.42 ? 93   LEU B O   1 
ATOM   1163 C CB  . LEU B 1 71 ? 2.766   -3.506  -2.410  1.00 17.86 ? 93   LEU B CB  1 
ATOM   1164 C CG  . LEU B 1 71 ? 3.809   -3.774  -1.327  1.00 19.47 ? 93   LEU B CG  1 
ATOM   1165 C CD1 . LEU B 1 71 ? 4.726   -4.887  -1.756  1.00 23.44 ? 93   LEU B CD1 1 
ATOM   1166 C CD2 . LEU B 1 71 ? 4.722   -2.623  -0.958  1.00 15.36 ? 93   LEU B CD2 1 
ATOM   1167 N N   . THR B 1 72 ? 0.150   -4.480  -0.790  1.00 20.23 ? 94   THR B N   1 
ATOM   1168 C CA  . THR B 1 72 ? -0.381  -4.989  0.544   1.00 22.64 ? 94   THR B CA  1 
ATOM   1169 C C   . THR B 1 72 ? -1.068  -6.357  0.366   1.00 24.51 ? 94   THR B C   1 
ATOM   1170 O O   . THR B 1 72 ? -0.851  -7.346  1.160   1.00 24.72 ? 94   THR B O   1 
ATOM   1171 C CB  . THR B 1 72 ? -1.198  -4.022  1.372   1.00 22.07 ? 94   THR B CB  1 
ATOM   1172 O OG1 . THR B 1 72 ? -2.576  -3.946  0.896   1.00 29.65 ? 94   THR B OG1 1 
ATOM   1173 C CG2 . THR B 1 72 ? -0.718  -2.606  1.261   1.00 17.41 ? 94   THR B CG2 1 
ATOM   1174 N N   . ASN B 1 73 ? -1.843  -6.476  -0.713  1.00 26.20 ? 95   ASN B N   1 
ATOM   1175 C CA  . ASN B 1 73 ? -2.604  -7.746  -0.923  1.00 26.13 ? 95   ASN B CA  1 
ATOM   1176 C C   . ASN B 1 73 ? -1.675  -8.883  -1.104  1.00 26.85 ? 95   ASN B C   1 
ATOM   1177 O O   . ASN B 1 73 ? -1.894  -10.005 -0.647  1.00 27.52 ? 95   ASN B O   1 
ATOM   1178 C CB  . ASN B 1 73 ? -3.521  -7.602  -2.150  1.00 28.06 ? 95   ASN B CB  1 
ATOM   1179 C CG  . ASN B 1 73 ? -4.109  -8.922  -2.599  1.00 30.61 ? 95   ASN B CG  1 
ATOM   1180 O OD1 . ASN B 1 73 ? -3.512  -9.655  -3.385  1.00 32.00 ? 95   ASN B OD1 1 
ATOM   1181 N ND2 . ASN B 1 73 ? -5.265  -9.257  -2.051  1.00 33.03 ? 95   ASN B ND2 1 
ATOM   1182 N N   . THR B 1 74 ? -0.559  -8.617  -1.767  1.00 27.70 ? 96   THR B N   1 
ATOM   1183 C CA  . THR B 1 74 ? 0.288   -9.715  -2.096  1.00 26.46 ? 96   THR B CA  1 
ATOM   1184 C C   . THR B 1 74 ? 0.953   -10.102 -0.887  1.00 25.62 ? 96   THR B C   1 
ATOM   1185 O O   . THR B 1 74 ? 1.116   -11.274 -0.635  1.00 25.26 ? 96   THR B O   1 
ATOM   1186 C CB  . THR B 1 74 ? 1.375   -9.323  -3.063  1.00 27.60 ? 96   THR B CB  1 
ATOM   1187 O OG1 . THR B 1 74 ? 0.770   -8.730  -4.205  1.00 27.45 ? 96   THR B OG1 1 
ATOM   1188 C CG2 . THR B 1 74 ? 2.029   -10.573 -3.484  1.00 24.19 ? 96   THR B CG2 1 
ATOM   1189 N N   . PHE B 1 75 ? 1.452   -9.133  -0.139  1.00 26.88 ? 97   PHE B N   1 
ATOM   1190 C CA  . PHE B 1 75 ? 2.044   -9.507  1.196   1.00 30.62 ? 97   PHE B CA  1 
ATOM   1191 C C   . PHE B 1 75 ? 1.114   -10.351 2.060   1.00 30.86 ? 97   PHE B C   1 
ATOM   1192 O O   . PHE B 1 75 ? 1.522   -11.383 2.632   1.00 30.90 ? 97   PHE B O   1 
ATOM   1193 C CB  . PHE B 1 75 ? 2.307   -8.285  2.062   1.00 31.57 ? 97   PHE B CB  1 
ATOM   1194 C CG  . PHE B 1 75 ? 2.926   -8.585  3.405   1.00 34.48 ? 97   PHE B CG  1 
ATOM   1195 C CD1 . PHE B 1 75 ? 4.272   -8.938  3.478   1.00 37.75 ? 97   PHE B CD1 1 
ATOM   1196 C CD2 . PHE B 1 75 ? 2.220   -8.420  4.586   1.00 33.89 ? 97   PHE B CD2 1 
ATOM   1197 C CE1 . PHE B 1 75 ? 4.899   -9.152  4.693   1.00 40.03 ? 97   PHE B CE1 1 
ATOM   1198 C CE2 . PHE B 1 75 ? 2.845   -8.626  5.818   1.00 37.78 ? 97   PHE B CE2 1 
ATOM   1199 C CZ  . PHE B 1 75 ? 4.191   -9.014  5.876   1.00 36.52 ? 97   PHE B CZ  1 
ATOM   1200 N N   . ILE B 1 76 ? -0.138  -9.924  2.173   1.00 32.33 ? 98   ILE B N   1 
ATOM   1201 C CA  . ILE B 1 76 ? -1.070  -10.683 3.037   1.00 36.20 ? 98   ILE B CA  1 
ATOM   1202 C C   . ILE B 1 76 ? -1.288  -12.088 2.466   1.00 39.43 ? 98   ILE B C   1 
ATOM   1203 O O   . ILE B 1 76 ? -1.112  -13.100 3.141   1.00 39.19 ? 98   ILE B O   1 
ATOM   1204 C CB  . ILE B 1 76 ? -2.424  -9.939  3.234   1.00 34.35 ? 98   ILE B CB  1 
ATOM   1205 C CG1 . ILE B 1 76 ? -2.202  -8.626  3.960   1.00 33.40 ? 98   ILE B CG1 1 
ATOM   1206 C CG2 . ILE B 1 76 ? -3.524  -10.874 3.834   1.00 32.47 ? 98   ILE B CG2 1 
ATOM   1207 C CD1 . ILE B 1 76 ? -3.505  -7.736  4.026   1.00 27.03 ? 98   ILE B CD1 1 
ATOM   1208 N N   . ASN B 1 77 ? -1.663  -12.160 1.203   1.00 43.99 ? 99   ASN B N   1 
ATOM   1209 C CA  . ASN B 1 77 ? -1.999  -13.462 0.672   1.00 49.52 ? 99   ASN B CA  1 
ATOM   1210 C C   . ASN B 1 77 ? -0.896  -14.465 0.422   1.00 52.81 ? 99   ASN B C   1 
ATOM   1211 O O   . ASN B 1 77 ? -1.061  -15.640 0.711   1.00 52.73 ? 99   ASN B O   1 
ATOM   1212 C CB  . ASN B 1 77 ? -3.003  -13.328 -0.483  1.00 49.58 ? 99   ASN B CB  1 
ATOM   1213 C CG  . ASN B 1 77 ? -4.303  -12.712 0.008   1.00 50.07 ? 99   ASN B CG  1 
ATOM   1214 O OD1 . ASN B 1 77 ? -5.062  -13.390 0.689   1.00 50.08 ? 99   ASN B OD1 1 
ATOM   1215 N ND2 . ASN B 1 77 ? -4.531  -11.414 -0.261  1.00 49.26 ? 99   ASN B ND2 1 
ATOM   1216 N N   . SER B 1 78 ? 0.247   -14.011 -0.076  1.00 57.52 ? 100  SER B N   1 
ATOM   1217 C CA  . SER B 1 78 ? 1.275   -14.977 -0.491  1.00 61.81 ? 100  SER B CA  1 
ATOM   1218 C C   . SER B 1 78 ? 2.272   -15.236 0.619   1.00 63.96 ? 100  SER B C   1 
ATOM   1219 O O   . SER B 1 78 ? 2.829   -16.328 0.757   1.00 64.16 ? 100  SER B O   1 
ATOM   1220 C CB  . SER B 1 78 ? 1.934   -14.575 -1.811  1.00 61.60 ? 100  SER B CB  1 
ATOM   1221 O OG  . SER B 1 78 ? 0.940   -14.060 -2.699  1.00 64.12 ? 100  SER B OG  1 
ATOM   1222 N N   . TYR B 1 79 ? 2.499   -14.212 1.421   1.00 66.33 ? 101  TYR B N   1 
ATOM   1223 C CA  . TYR B 1 79 ? 3.394   -14.349 2.516   1.00 69.12 ? 101  TYR B CA  1 
ATOM   1224 C C   . TYR B 1 79 ? 2.530   -14.484 3.768   1.00 70.06 ? 101  TYR B C   1 
ATOM   1225 O O   . TYR B 1 79 ? 1.426   -15.090 3.781   1.00 70.57 ? 101  TYR B O   1 
ATOM   1226 C CB  . TYR B 1 79 ? 4.275   -13.090 2.611   1.00 69.75 ? 101  TYR B CB  1 
ATOM   1227 C CG  . TYR B 1 79 ? 5.101   -12.928 3.888   1.00 73.26 ? 101  TYR B CG  1 
ATOM   1228 C CD1 . TYR B 1 79 ? 4.507   -12.818 5.130   1.00 74.99 ? 101  TYR B CD1 1 
ATOM   1229 C CD2 . TYR B 1 79 ? 6.492   -12.829 3.834   1.00 78.51 ? 101  TYR B CD2 1 
ATOM   1230 C CE1 . TYR B 1 79 ? 5.271   -12.669 6.302   1.00 78.60 ? 101  TYR B CE1 1 
ATOM   1231 C CE2 . TYR B 1 79 ? 7.274   -12.668 5.008   1.00 78.51 ? 101  TYR B CE2 1 
ATOM   1232 C CZ  . TYR B 1 79 ? 6.648   -12.592 6.244   1.00 78.32 ? 101  TYR B CZ  1 
ATOM   1233 O OH  . TYR B 1 79 ? 7.367   -12.435 7.426   1.00 76.53 ? 101  TYR B OH  1 
ATOM   1234 N N   . ARG B 1 80 ? 3.070   -13.898 4.827   1.00 70.27 ? 102  ARG B N   1 
ATOM   1235 C CA  . ARG B 1 80 ? 2.481   -13.834 6.145   1.00 69.30 ? 102  ARG B CA  1 
ATOM   1236 C C   . ARG B 1 80 ? 2.917   -14.878 7.133   1.00 70.04 ? 102  ARG B C   1 
ATOM   1237 O O   . ARG B 1 80 ? 3.916   -14.630 7.822   1.00 69.70 ? 102  ARG B O   1 
ATOM   1238 C CB  . ARG B 1 80 ? 1.034   -13.425 6.201   1.00 69.51 ? 102  ARG B CB  1 
ATOM   1239 C CG  . ARG B 1 80 ? 1.003   -11.978 6.663   1.00 67.92 ? 102  ARG B CG  1 
ATOM   1240 C CD  . ARG B 1 80 ? -0.157  -11.637 7.562   1.00 67.90 ? 102  ARG B CD  1 
ATOM   1241 N NE  . ARG B 1 80 ? 0.081   -11.724 9.004   1.00 65.39 ? 102  ARG B NE  1 
ATOM   1242 C CZ  . ARG B 1 80 ? -0.824  -12.195 9.847   1.00 62.31 ? 102  ARG B CZ  1 
ATOM   1243 N NH1 . ARG B 1 80 ? -1.969  -12.635 9.376   1.00 62.23 ? 102  ARG B NH1 1 
ATOM   1244 N NH2 . ARG B 1 80 ? -0.597  -12.236 11.139  1.00 60.22 ? 102  ARG B NH2 1 
HETATM 1245 O O   . HOH C 2 .  ? 4.714   -5.250  7.889   1.00 25.13 ? 2001 HOH A O   1 
HETATM 1246 O O   . HOH C 2 .  ? -5.828  13.868  1.085   1.00 73.11 ? 2002 HOH A O   1 
HETATM 1247 O O   . HOH C 2 .  ? 5.511   16.099  8.464   1.00 70.72 ? 2003 HOH A O   1 
HETATM 1248 O O   . HOH C 2 .  ? 6.337   6.989   16.078  1.00 43.95 ? 2004 HOH A O   1 
HETATM 1249 O O   . HOH D 2 .  ? 12.923  3.097   -8.964  1.00 42.74 ? 2001 HOH B O   1 
HETATM 1250 O O   . HOH D 2 .  ? -0.569  8.303   -10.190 1.00 51.14 ? 2002 HOH B O   1 
HETATM 1251 O O   . HOH D 2 .  ? 1.229   7.851   -7.598  1.00 53.71 ? 2003 HOH B O   1 
# 
